data_8WF5
# 
_entry.id   8WF5 
# 
_audit_conform.dict_name       mmcif_pdbx.dic 
_audit_conform.dict_version    5.395 
_audit_conform.dict_location   http://mmcif.pdb.org/dictionaries/ascii/mmcif_pdbx.dic 
# 
loop_
_database_2.database_id 
_database_2.database_code 
_database_2.pdbx_database_accession 
_database_2.pdbx_DOI 
PDB   8WF5         pdb_00008wf5 10.2210/pdb8wf5/pdb 
WWPDB D_1300041176 ?            ?                   
# 
loop_
_pdbx_audit_revision_history.ordinal 
_pdbx_audit_revision_history.data_content_type 
_pdbx_audit_revision_history.major_revision 
_pdbx_audit_revision_history.minor_revision 
_pdbx_audit_revision_history.revision_date 
1 'Structure model' 1 0 2024-06-12 
2 'Structure model' 1 1 2024-09-11 
# 
_pdbx_audit_revision_details.ordinal             1 
_pdbx_audit_revision_details.revision_ordinal    1 
_pdbx_audit_revision_details.data_content_type   'Structure model' 
_pdbx_audit_revision_details.provider            repository 
_pdbx_audit_revision_details.type                'Initial release' 
_pdbx_audit_revision_details.description         ? 
_pdbx_audit_revision_details.details             ? 
# 
_pdbx_audit_revision_group.ordinal             1 
_pdbx_audit_revision_group.revision_ordinal    2 
_pdbx_audit_revision_group.data_content_type   'Structure model' 
_pdbx_audit_revision_group.group               'Database references' 
# 
loop_
_pdbx_audit_revision_category.ordinal 
_pdbx_audit_revision_category.revision_ordinal 
_pdbx_audit_revision_category.data_content_type 
_pdbx_audit_revision_category.category 
1 2 'Structure model' citation        
2 2 'Structure model' citation_author 
# 
loop_
_pdbx_audit_revision_item.ordinal 
_pdbx_audit_revision_item.revision_ordinal 
_pdbx_audit_revision_item.data_content_type 
_pdbx_audit_revision_item.item 
1 2 'Structure model' '_citation.journal_volume'          
2 2 'Structure model' '_citation_author.identifier_ORCID' 
# 
_pdbx_database_status.status_code                     REL 
_pdbx_database_status.status_code_sf                  REL 
_pdbx_database_status.status_code_mr                  ? 
_pdbx_database_status.entry_id                        8WF5 
_pdbx_database_status.recvd_initial_deposition_date   2023-09-19 
_pdbx_database_status.SG_entry                        N 
_pdbx_database_status.deposit_site                    PDBJ 
_pdbx_database_status.process_site                    PDBJ 
_pdbx_database_status.status_code_cs                  ? 
_pdbx_database_status.status_code_nmr_data            ? 
_pdbx_database_status.methods_development_category    ? 
_pdbx_database_status.pdb_format_compatible           Y 
# 
loop_
_pdbx_contact_author.id 
_pdbx_contact_author.email 
_pdbx_contact_author.name_first 
_pdbx_contact_author.name_last 
_pdbx_contact_author.name_mi 
_pdbx_contact_author.role 
_pdbx_contact_author.identifier_ORCID 
2 oohora@chem.eng.osaka-u.ac.jp   Koji    Oohora  ? 'principal investigator/group leader' 0000-0003-1155-6824 
3 thayashi@chem.eng.osaka-u.ac.jp Takashi Hayashi ? 'principal investigator/group leader' 0000-0002-2215-935X 
# 
loop_
_audit_author.name 
_audit_author.pdbx_ordinal 
_audit_author.identifier_ORCID 
'Kagawa, Y.'   1 ? 
'Oohora, K.'   2 ? 
'Himiyama, T.' 3 ? 
'Suzuki, A.'   4 ? 
'Hayashi, T.'  5 ? 
# 
_citation.abstract                  ? 
_citation.abstract_id_CAS           ? 
_citation.book_id_ISBN              ? 
_citation.book_publisher            ? 
_citation.book_publisher_city       ? 
_citation.book_title                ? 
_citation.coordinate_linkage        ? 
_citation.country                   GE 
_citation.database_id_Medline       ? 
_citation.details                   ? 
_citation.id                        primary 
_citation.journal_abbrev            Angew.Chem.Int.Ed.Engl. 
_citation.journal_id_ASTM           ACIEAY 
_citation.journal_id_CSD            0179 
_citation.journal_id_ISSN           1521-3773 
_citation.journal_full              ? 
_citation.journal_issue             ? 
_citation.journal_volume            63 
_citation.language                  ? 
_citation.page_first                e202403485 
_citation.page_last                 e202403485 
_citation.title                     
'Redox Engineering of Myoglobin by Cofactor Substitution to Enhance Cyclopropanation Reactivity.' 
_citation.year                      2024 
_citation.database_id_CSD           ? 
_citation.pdbx_database_id_DOI      10.1002/anie.202403485 
_citation.pdbx_database_id_PubMed   38780472 
_citation.pdbx_database_id_patent   ? 
_citation.unpublished_flag          ? 
# 
loop_
_citation_author.citation_id 
_citation_author.name 
_citation_author.ordinal 
_citation_author.identifier_ORCID 
primary 'Kagawa, Y.'   1 ?                   
primary 'Oohora, K.'   2 0000-0003-1155-6824 
primary 'Himiyama, T.' 3 0000-0001-5252-1834 
primary 'Suzuki, A.'   4 ?                   
primary 'Hayashi, T.'  5 0000-0002-2215-935X 
# 
loop_
_entity.id 
_entity.type 
_entity.src_method 
_entity.pdbx_description 
_entity.formula_weight 
_entity.pdbx_number_of_molecules 
_entity.pdbx_ec 
_entity.pdbx_mutation 
_entity.pdbx_fragment 
_entity.details 
1 polymer     nat Myoglobin                            16983.514 1   ? ? ? ? 
2 non-polymer syn 'PROTOPORPHYRIN(CF3)2 CONTAINING FE' 700.409   1   ? ? ? ? 
3 non-polymer syn 'SULFATE ION'                        96.063    3   ? ? ? ? 
4 non-polymer syn GLYCEROL                             92.094    1   ? ? ? ? 
5 water       nat water                                18.015    144 ? ? ? ? 
# 
_entity_poly.entity_id                      1 
_entity_poly.type                           'polypeptide(L)' 
_entity_poly.nstd_linkage                   no 
_entity_poly.nstd_monomer                   no 
_entity_poly.pdbx_seq_one_letter_code       
;GLSDGEWQQVLNVWGKVEADIAGHGQEVLIRLFTGHPETLEKFDKFKHLKTEAEMKASEDLKKHGTVVLTALGGILKKKG
HHEAELKPLAQSHATKHKIPIKYLEFISDAIIHVLHSKHPGDFGADAQGAMTKALELFRNDIAAKYKELGFQG
;
_entity_poly.pdbx_seq_one_letter_code_can   
;GLSDGEWQQVLNVWGKVEADIAGHGQEVLIRLFTGHPETLEKFDKFKHLKTEAEMKASEDLKKHGTVVLTALGGILKKKG
HHEAELKPLAQSHATKHKIPIKYLEFISDAIIHVLHSKHPGDFGADAQGAMTKALELFRNDIAAKYKELGFQG
;
_entity_poly.pdbx_strand_id                 A 
_entity_poly.pdbx_target_identifier         ? 
# 
loop_
_pdbx_entity_nonpoly.entity_id 
_pdbx_entity_nonpoly.name 
_pdbx_entity_nonpoly.comp_id 
2 'PROTOPORPHYRIN(CF3)2 CONTAINING FE' WC5 
3 'SULFATE ION'                        SO4 
4 GLYCEROL                             GOL 
5 water                                HOH 
# 
loop_
_entity_poly_seq.entity_id 
_entity_poly_seq.num 
_entity_poly_seq.mon_id 
_entity_poly_seq.hetero 
1 1   GLY n 
1 2   LEU n 
1 3   SER n 
1 4   ASP n 
1 5   GLY n 
1 6   GLU n 
1 7   TRP n 
1 8   GLN n 
1 9   GLN n 
1 10  VAL n 
1 11  LEU n 
1 12  ASN n 
1 13  VAL n 
1 14  TRP n 
1 15  GLY n 
1 16  LYS n 
1 17  VAL n 
1 18  GLU n 
1 19  ALA n 
1 20  ASP n 
1 21  ILE n 
1 22  ALA n 
1 23  GLY n 
1 24  HIS n 
1 25  GLY n 
1 26  GLN n 
1 27  GLU n 
1 28  VAL n 
1 29  LEU n 
1 30  ILE n 
1 31  ARG n 
1 32  LEU n 
1 33  PHE n 
1 34  THR n 
1 35  GLY n 
1 36  HIS n 
1 37  PRO n 
1 38  GLU n 
1 39  THR n 
1 40  LEU n 
1 41  GLU n 
1 42  LYS n 
1 43  PHE n 
1 44  ASP n 
1 45  LYS n 
1 46  PHE n 
1 47  LYS n 
1 48  HIS n 
1 49  LEU n 
1 50  LYS n 
1 51  THR n 
1 52  GLU n 
1 53  ALA n 
1 54  GLU n 
1 55  MET n 
1 56  LYS n 
1 57  ALA n 
1 58  SER n 
1 59  GLU n 
1 60  ASP n 
1 61  LEU n 
1 62  LYS n 
1 63  LYS n 
1 64  HIS n 
1 65  GLY n 
1 66  THR n 
1 67  VAL n 
1 68  VAL n 
1 69  LEU n 
1 70  THR n 
1 71  ALA n 
1 72  LEU n 
1 73  GLY n 
1 74  GLY n 
1 75  ILE n 
1 76  LEU n 
1 77  LYS n 
1 78  LYS n 
1 79  LYS n 
1 80  GLY n 
1 81  HIS n 
1 82  HIS n 
1 83  GLU n 
1 84  ALA n 
1 85  GLU n 
1 86  LEU n 
1 87  LYS n 
1 88  PRO n 
1 89  LEU n 
1 90  ALA n 
1 91  GLN n 
1 92  SER n 
1 93  HIS n 
1 94  ALA n 
1 95  THR n 
1 96  LYS n 
1 97  HIS n 
1 98  LYS n 
1 99  ILE n 
1 100 PRO n 
1 101 ILE n 
1 102 LYS n 
1 103 TYR n 
1 104 LEU n 
1 105 GLU n 
1 106 PHE n 
1 107 ILE n 
1 108 SER n 
1 109 ASP n 
1 110 ALA n 
1 111 ILE n 
1 112 ILE n 
1 113 HIS n 
1 114 VAL n 
1 115 LEU n 
1 116 HIS n 
1 117 SER n 
1 118 LYS n 
1 119 HIS n 
1 120 PRO n 
1 121 GLY n 
1 122 ASP n 
1 123 PHE n 
1 124 GLY n 
1 125 ALA n 
1 126 ASP n 
1 127 ALA n 
1 128 GLN n 
1 129 GLY n 
1 130 ALA n 
1 131 MET n 
1 132 THR n 
1 133 LYS n 
1 134 ALA n 
1 135 LEU n 
1 136 GLU n 
1 137 LEU n 
1 138 PHE n 
1 139 ARG n 
1 140 ASN n 
1 141 ASP n 
1 142 ILE n 
1 143 ALA n 
1 144 ALA n 
1 145 LYS n 
1 146 TYR n 
1 147 LYS n 
1 148 GLU n 
1 149 LEU n 
1 150 GLY n 
1 151 PHE n 
1 152 GLN n 
1 153 GLY n 
# 
_entity_src_nat.entity_id                  1 
_entity_src_nat.pdbx_src_id                1 
_entity_src_nat.pdbx_alt_source_flag       sample 
_entity_src_nat.pdbx_beg_seq_num           1 
_entity_src_nat.pdbx_end_seq_num           153 
_entity_src_nat.common_name                horse 
_entity_src_nat.pdbx_organism_scientific   'Equus caballus' 
_entity_src_nat.pdbx_ncbi_taxonomy_id      9796 
_entity_src_nat.genus                      ? 
_entity_src_nat.species                    ? 
_entity_src_nat.strain                     ? 
_entity_src_nat.tissue                     ? 
_entity_src_nat.tissue_fraction            ? 
_entity_src_nat.pdbx_secretion             ? 
_entity_src_nat.pdbx_fragment              ? 
_entity_src_nat.pdbx_variant               ? 
_entity_src_nat.pdbx_cell_line             ? 
_entity_src_nat.pdbx_atcc                  ? 
_entity_src_nat.pdbx_cellular_location     ? 
_entity_src_nat.pdbx_organ                 ? 
_entity_src_nat.pdbx_organelle             ? 
_entity_src_nat.pdbx_cell                  ? 
_entity_src_nat.pdbx_plasmid_name          ? 
_entity_src_nat.pdbx_plasmid_details       ? 
_entity_src_nat.details                    ? 
# 
loop_
_chem_comp.id 
_chem_comp.type 
_chem_comp.mon_nstd_flag 
_chem_comp.name 
_chem_comp.pdbx_synonyms 
_chem_comp.formula 
_chem_comp.formula_weight 
ALA 'L-peptide linking' y ALANINE                              ?                               'C3 H7 N O2'          89.093  
ARG 'L-peptide linking' y ARGININE                             ?                               'C6 H15 N4 O2 1'      175.209 
ASN 'L-peptide linking' y ASPARAGINE                           ?                               'C4 H8 N2 O3'         132.118 
ASP 'L-peptide linking' y 'ASPARTIC ACID'                      ?                               'C4 H7 N O4'          133.103 
GLN 'L-peptide linking' y GLUTAMINE                            ?                               'C5 H10 N2 O3'        146.144 
GLU 'L-peptide linking' y 'GLUTAMIC ACID'                      ?                               'C5 H9 N O4'          147.129 
GLY 'peptide linking'   y GLYCINE                              ?                               'C2 H5 N O2'          75.067  
GOL non-polymer         . GLYCEROL                             'GLYCERIN; PROPANE-1,2,3-TRIOL' 'C3 H8 O3'            92.094  
HIS 'L-peptide linking' y HISTIDINE                            ?                               'C6 H10 N3 O2 1'      156.162 
HOH non-polymer         . WATER                                ?                               'H2 O'                18.015  
ILE 'L-peptide linking' y ISOLEUCINE                           ?                               'C6 H13 N O2'         131.173 
LEU 'L-peptide linking' y LEUCINE                              ?                               'C6 H13 N O2'         131.173 
LYS 'L-peptide linking' y LYSINE                               ?                               'C6 H15 N2 O2 1'      147.195 
MET 'L-peptide linking' y METHIONINE                           ?                               'C5 H11 N O2 S'       149.211 
PHE 'L-peptide linking' y PHENYLALANINE                        ?                               'C9 H11 N O2'         165.189 
PRO 'L-peptide linking' y PROLINE                              ?                               'C5 H9 N O2'          115.130 
SER 'L-peptide linking' y SERINE                               ?                               'C3 H7 N O3'          105.093 
SO4 non-polymer         . 'SULFATE ION'                        ?                               'O4 S -2'             96.063  
THR 'L-peptide linking' y THREONINE                            ?                               'C4 H9 N O3'          119.119 
TRP 'L-peptide linking' y TRYPTOPHAN                           ?                               'C11 H12 N2 O2'       204.225 
TYR 'L-peptide linking' y TYROSINE                             ?                               'C9 H11 N O3'         181.189 
VAL 'L-peptide linking' y VALINE                               ?                               'C5 H11 N O2'         117.146 
WC5 non-polymer         . 'PROTOPORPHYRIN(CF3)2 CONTAINING FE' ?                               'C32 H26 F6 Fe N4 O4' 700.409 
# 
loop_
_pdbx_poly_seq_scheme.asym_id 
_pdbx_poly_seq_scheme.entity_id 
_pdbx_poly_seq_scheme.seq_id 
_pdbx_poly_seq_scheme.mon_id 
_pdbx_poly_seq_scheme.ndb_seq_num 
_pdbx_poly_seq_scheme.pdb_seq_num 
_pdbx_poly_seq_scheme.auth_seq_num 
_pdbx_poly_seq_scheme.pdb_mon_id 
_pdbx_poly_seq_scheme.auth_mon_id 
_pdbx_poly_seq_scheme.pdb_strand_id 
_pdbx_poly_seq_scheme.pdb_ins_code 
_pdbx_poly_seq_scheme.hetero 
A 1 1   GLY 1   1   1   GLY GLY A . n 
A 1 2   LEU 2   2   2   LEU LEU A . n 
A 1 3   SER 3   3   3   SER SER A . n 
A 1 4   ASP 4   4   4   ASP ASP A . n 
A 1 5   GLY 5   5   5   GLY GLY A . n 
A 1 6   GLU 6   6   6   GLU GLU A . n 
A 1 7   TRP 7   7   7   TRP TRP A . n 
A 1 8   GLN 8   8   8   GLN GLN A . n 
A 1 9   GLN 9   9   9   GLN GLN A . n 
A 1 10  VAL 10  10  10  VAL VAL A . n 
A 1 11  LEU 11  11  11  LEU LEU A . n 
A 1 12  ASN 12  12  12  ASN ASN A . n 
A 1 13  VAL 13  13  13  VAL VAL A . n 
A 1 14  TRP 14  14  14  TRP TRP A . n 
A 1 15  GLY 15  15  15  GLY GLY A . n 
A 1 16  LYS 16  16  16  LYS LYS A . n 
A 1 17  VAL 17  17  17  VAL VAL A . n 
A 1 18  GLU 18  18  18  GLU GLU A . n 
A 1 19  ALA 19  19  19  ALA ALA A . n 
A 1 20  ASP 20  20  20  ASP ASP A . n 
A 1 21  ILE 21  21  21  ILE ILE A . n 
A 1 22  ALA 22  22  22  ALA ALA A . n 
A 1 23  GLY 23  23  23  GLY GLY A . n 
A 1 24  HIS 24  24  24  HIS HIS A . n 
A 1 25  GLY 25  25  25  GLY GLY A . n 
A 1 26  GLN 26  26  26  GLN GLN A . n 
A 1 27  GLU 27  27  27  GLU GLU A . n 
A 1 28  VAL 28  28  28  VAL VAL A . n 
A 1 29  LEU 29  29  29  LEU LEU A . n 
A 1 30  ILE 30  30  30  ILE ILE A . n 
A 1 31  ARG 31  31  31  ARG ARG A . n 
A 1 32  LEU 32  32  32  LEU LEU A . n 
A 1 33  PHE 33  33  33  PHE PHE A . n 
A 1 34  THR 34  34  34  THR THR A . n 
A 1 35  GLY 35  35  35  GLY GLY A . n 
A 1 36  HIS 36  36  36  HIS HIS A . n 
A 1 37  PRO 37  37  37  PRO PRO A . n 
A 1 38  GLU 38  38  38  GLU GLU A . n 
A 1 39  THR 39  39  39  THR THR A . n 
A 1 40  LEU 40  40  40  LEU LEU A . n 
A 1 41  GLU 41  41  41  GLU GLU A . n 
A 1 42  LYS 42  42  42  LYS LYS A . n 
A 1 43  PHE 43  43  43  PHE PHE A . n 
A 1 44  ASP 44  44  44  ASP ASP A . n 
A 1 45  LYS 45  45  45  LYS LYS A . n 
A 1 46  PHE 46  46  46  PHE PHE A . n 
A 1 47  LYS 47  47  47  LYS LYS A . n 
A 1 48  HIS 48  48  48  HIS HIS A . n 
A 1 49  LEU 49  49  49  LEU LEU A . n 
A 1 50  LYS 50  50  50  LYS LYS A . n 
A 1 51  THR 51  51  51  THR THR A . n 
A 1 52  GLU 52  52  52  GLU GLU A . n 
A 1 53  ALA 53  53  53  ALA ALA A . n 
A 1 54  GLU 54  54  54  GLU GLU A . n 
A 1 55  MET 55  55  55  MET MET A . n 
A 1 56  LYS 56  56  56  LYS LYS A . n 
A 1 57  ALA 57  57  57  ALA ALA A . n 
A 1 58  SER 58  58  58  SER SER A . n 
A 1 59  GLU 59  59  59  GLU GLU A . n 
A 1 60  ASP 60  60  60  ASP ASP A . n 
A 1 61  LEU 61  61  61  LEU LEU A . n 
A 1 62  LYS 62  62  62  LYS LYS A . n 
A 1 63  LYS 63  63  63  LYS LYS A . n 
A 1 64  HIS 64  64  64  HIS HIS A . n 
A 1 65  GLY 65  65  65  GLY GLY A . n 
A 1 66  THR 66  66  66  THR THR A . n 
A 1 67  VAL 67  67  67  VAL VAL A . n 
A 1 68  VAL 68  68  68  VAL VAL A . n 
A 1 69  LEU 69  69  69  LEU LEU A . n 
A 1 70  THR 70  70  70  THR THR A . n 
A 1 71  ALA 71  71  71  ALA ALA A . n 
A 1 72  LEU 72  72  72  LEU LEU A . n 
A 1 73  GLY 73  73  73  GLY GLY A . n 
A 1 74  GLY 74  74  74  GLY GLY A . n 
A 1 75  ILE 75  75  75  ILE ILE A . n 
A 1 76  LEU 76  76  76  LEU LEU A . n 
A 1 77  LYS 77  77  77  LYS LYS A . n 
A 1 78  LYS 78  78  78  LYS LYS A . n 
A 1 79  LYS 79  79  79  LYS LYS A . n 
A 1 80  GLY 80  80  80  GLY GLY A . n 
A 1 81  HIS 81  81  81  HIS HIS A . n 
A 1 82  HIS 82  82  82  HIS HIS A . n 
A 1 83  GLU 83  83  83  GLU GLU A . n 
A 1 84  ALA 84  84  84  ALA ALA A . n 
A 1 85  GLU 85  85  85  GLU GLU A . n 
A 1 86  LEU 86  86  86  LEU LEU A . n 
A 1 87  LYS 87  87  87  LYS LYS A . n 
A 1 88  PRO 88  88  88  PRO PRO A . n 
A 1 89  LEU 89  89  89  LEU LEU A . n 
A 1 90  ALA 90  90  90  ALA ALA A . n 
A 1 91  GLN 91  91  91  GLN GLN A . n 
A 1 92  SER 92  92  92  SER SER A . n 
A 1 93  HIS 93  93  93  HIS HIS A . n 
A 1 94  ALA 94  94  94  ALA ALA A . n 
A 1 95  THR 95  95  95  THR THR A . n 
A 1 96  LYS 96  96  96  LYS LYS A . n 
A 1 97  HIS 97  97  97  HIS HIS A . n 
A 1 98  LYS 98  98  98  LYS LYS A . n 
A 1 99  ILE 99  99  99  ILE ILE A . n 
A 1 100 PRO 100 100 100 PRO PRO A . n 
A 1 101 ILE 101 101 101 ILE ILE A . n 
A 1 102 LYS 102 102 102 LYS LYS A . n 
A 1 103 TYR 103 103 103 TYR TYR A . n 
A 1 104 LEU 104 104 104 LEU LEU A . n 
A 1 105 GLU 105 105 105 GLU GLU A . n 
A 1 106 PHE 106 106 106 PHE PHE A . n 
A 1 107 ILE 107 107 107 ILE ILE A . n 
A 1 108 SER 108 108 108 SER SER A . n 
A 1 109 ASP 109 109 109 ASP ASP A . n 
A 1 110 ALA 110 110 110 ALA ALA A . n 
A 1 111 ILE 111 111 111 ILE ILE A . n 
A 1 112 ILE 112 112 112 ILE ILE A . n 
A 1 113 HIS 113 113 113 HIS HIS A . n 
A 1 114 VAL 114 114 114 VAL VAL A . n 
A 1 115 LEU 115 115 115 LEU LEU A . n 
A 1 116 HIS 116 116 116 HIS HIS A . n 
A 1 117 SER 117 117 117 SER SER A . n 
A 1 118 LYS 118 118 118 LYS LYS A . n 
A 1 119 HIS 119 119 119 HIS HIS A . n 
A 1 120 PRO 120 120 120 PRO PRO A . n 
A 1 121 GLY 121 121 121 GLY GLY A . n 
A 1 122 ASP 122 122 122 ASP ASP A . n 
A 1 123 PHE 123 123 123 PHE PHE A . n 
A 1 124 GLY 124 124 124 GLY GLY A . n 
A 1 125 ALA 125 125 125 ALA ALA A . n 
A 1 126 ASP 126 126 126 ASP ASP A . n 
A 1 127 ALA 127 127 127 ALA ALA A . n 
A 1 128 GLN 128 128 128 GLN GLN A . n 
A 1 129 GLY 129 129 129 GLY GLY A . n 
A 1 130 ALA 130 130 130 ALA ALA A . n 
A 1 131 MET 131 131 131 MET MET A . n 
A 1 132 THR 132 132 132 THR THR A . n 
A 1 133 LYS 133 133 133 LYS LYS A . n 
A 1 134 ALA 134 134 134 ALA ALA A . n 
A 1 135 LEU 135 135 135 LEU LEU A . n 
A 1 136 GLU 136 136 136 GLU GLU A . n 
A 1 137 LEU 137 137 137 LEU LEU A . n 
A 1 138 PHE 138 138 138 PHE PHE A . n 
A 1 139 ARG 139 139 139 ARG ARG A . n 
A 1 140 ASN 140 140 140 ASN ASN A . n 
A 1 141 ASP 141 141 141 ASP ASP A . n 
A 1 142 ILE 142 142 142 ILE ILE A . n 
A 1 143 ALA 143 143 143 ALA ALA A . n 
A 1 144 ALA 144 144 144 ALA ALA A . n 
A 1 145 LYS 145 145 145 LYS LYS A . n 
A 1 146 TYR 146 146 146 TYR TYR A . n 
A 1 147 LYS 147 147 147 LYS LYS A . n 
A 1 148 GLU 148 148 148 GLU GLU A . n 
A 1 149 LEU 149 149 149 LEU LEU A . n 
A 1 150 GLY 150 150 150 GLY GLY A . n 
A 1 151 PHE 151 151 151 PHE PHE A . n 
A 1 152 GLN 152 152 152 GLN GLN A . n 
A 1 153 GLY 153 153 ?   ?   ?   A . n 
# 
_pdbx_entity_instance_feature.ordinal        1 
_pdbx_entity_instance_feature.comp_id        WC5 
_pdbx_entity_instance_feature.asym_id        ? 
_pdbx_entity_instance_feature.seq_num        ? 
_pdbx_entity_instance_feature.auth_comp_id   WC5 
_pdbx_entity_instance_feature.auth_asym_id   ? 
_pdbx_entity_instance_feature.auth_seq_num   ? 
_pdbx_entity_instance_feature.feature_type   'SUBJECT OF INVESTIGATION' 
_pdbx_entity_instance_feature.details        ? 
# 
loop_
_pdbx_nonpoly_scheme.asym_id 
_pdbx_nonpoly_scheme.entity_id 
_pdbx_nonpoly_scheme.mon_id 
_pdbx_nonpoly_scheme.ndb_seq_num 
_pdbx_nonpoly_scheme.pdb_seq_num 
_pdbx_nonpoly_scheme.auth_seq_num 
_pdbx_nonpoly_scheme.pdb_mon_id 
_pdbx_nonpoly_scheme.auth_mon_id 
_pdbx_nonpoly_scheme.pdb_strand_id 
_pdbx_nonpoly_scheme.pdb_ins_code 
B 2 WC5 1   401 401 WC5 CF3 A . 
C 3 SO4 1   402 1   SO4 SO4 A . 
D 3 SO4 1   403 2   SO4 SO4 A . 
E 3 SO4 1   404 3   SO4 SO4 A . 
F 4 GOL 1   405 4   GOL GOL A . 
G 5 HOH 1   501 89  HOH HOH A . 
G 5 HOH 2   502 2   HOH HOH A . 
G 5 HOH 3   503 121 HOH HOH A . 
G 5 HOH 4   504 128 HOH HOH A . 
G 5 HOH 5   505 67  HOH HOH A . 
G 5 HOH 6   506 95  HOH HOH A . 
G 5 HOH 7   507 96  HOH HOH A . 
G 5 HOH 8   508 98  HOH HOH A . 
G 5 HOH 9   509 136 HOH HOH A . 
G 5 HOH 10  510 74  HOH HOH A . 
G 5 HOH 11  511 100 HOH HOH A . 
G 5 HOH 12  512 49  HOH HOH A . 
G 5 HOH 13  513 84  HOH HOH A . 
G 5 HOH 14  514 85  HOH HOH A . 
G 5 HOH 15  515 38  HOH HOH A . 
G 5 HOH 16  516 5   HOH HOH A . 
G 5 HOH 17  517 54  HOH HOH A . 
G 5 HOH 18  518 63  HOH HOH A . 
G 5 HOH 19  519 80  HOH HOH A . 
G 5 HOH 20  520 109 HOH HOH A . 
G 5 HOH 21  521 35  HOH HOH A . 
G 5 HOH 22  522 142 HOH HOH A . 
G 5 HOH 23  523 66  HOH HOH A . 
G 5 HOH 24  524 94  HOH HOH A . 
G 5 HOH 25  525 101 HOH HOH A . 
G 5 HOH 26  526 57  HOH HOH A . 
G 5 HOH 27  527 72  HOH HOH A . 
G 5 HOH 28  528 104 HOH HOH A . 
G 5 HOH 29  529 82  HOH HOH A . 
G 5 HOH 30  530 122 HOH HOH A . 
G 5 HOH 31  531 27  HOH HOH A . 
G 5 HOH 32  532 19  HOH HOH A . 
G 5 HOH 33  533 10  HOH HOH A . 
G 5 HOH 34  534 134 HOH HOH A . 
G 5 HOH 35  535 127 HOH HOH A . 
G 5 HOH 36  536 60  HOH HOH A . 
G 5 HOH 37  537 50  HOH HOH A . 
G 5 HOH 38  538 26  HOH HOH A . 
G 5 HOH 39  539 41  HOH HOH A . 
G 5 HOH 40  540 28  HOH HOH A . 
G 5 HOH 41  541 99  HOH HOH A . 
G 5 HOH 42  542 36  HOH HOH A . 
G 5 HOH 43  543 42  HOH HOH A . 
G 5 HOH 44  544 34  HOH HOH A . 
G 5 HOH 45  545 132 HOH HOH A . 
G 5 HOH 46  546 21  HOH HOH A . 
G 5 HOH 47  547 113 HOH HOH A . 
G 5 HOH 48  548 138 HOH HOH A . 
G 5 HOH 49  549 75  HOH HOH A . 
G 5 HOH 50  550 112 HOH HOH A . 
G 5 HOH 51  551 58  HOH HOH A . 
G 5 HOH 52  552 24  HOH HOH A . 
G 5 HOH 53  553 25  HOH HOH A . 
G 5 HOH 54  554 29  HOH HOH A . 
G 5 HOH 55  555 17  HOH HOH A . 
G 5 HOH 56  556 33  HOH HOH A . 
G 5 HOH 57  557 65  HOH HOH A . 
G 5 HOH 58  558 23  HOH HOH A . 
G 5 HOH 59  559 30  HOH HOH A . 
G 5 HOH 60  560 71  HOH HOH A . 
G 5 HOH 61  561 53  HOH HOH A . 
G 5 HOH 62  562 47  HOH HOH A . 
G 5 HOH 63  563 12  HOH HOH A . 
G 5 HOH 64  564 88  HOH HOH A . 
G 5 HOH 65  565 61  HOH HOH A . 
G 5 HOH 66  566 46  HOH HOH A . 
G 5 HOH 67  567 15  HOH HOH A . 
G 5 HOH 68  568 31  HOH HOH A . 
G 5 HOH 69  569 1   HOH HOH A . 
G 5 HOH 70  570 51  HOH HOH A . 
G 5 HOH 71  571 55  HOH HOH A . 
G 5 HOH 72  572 70  HOH HOH A . 
G 5 HOH 73  573 40  HOH HOH A . 
G 5 HOH 74  574 106 HOH HOH A . 
G 5 HOH 75  575 44  HOH HOH A . 
G 5 HOH 76  576 22  HOH HOH A . 
G 5 HOH 77  577 141 HOH HOH A . 
G 5 HOH 78  578 110 HOH HOH A . 
G 5 HOH 79  579 140 HOH HOH A . 
G 5 HOH 80  580 137 HOH HOH A . 
G 5 HOH 81  581 118 HOH HOH A . 
G 5 HOH 82  582 52  HOH HOH A . 
G 5 HOH 83  583 13  HOH HOH A . 
G 5 HOH 84  584 32  HOH HOH A . 
G 5 HOH 85  585 77  HOH HOH A . 
G 5 HOH 86  586 37  HOH HOH A . 
G 5 HOH 87  587 131 HOH HOH A . 
G 5 HOH 88  588 62  HOH HOH A . 
G 5 HOH 89  589 105 HOH HOH A . 
G 5 HOH 90  590 102 HOH HOH A . 
G 5 HOH 91  591 18  HOH HOH A . 
G 5 HOH 92  592 91  HOH HOH A . 
G 5 HOH 93  593 86  HOH HOH A . 
G 5 HOH 94  594 39  HOH HOH A . 
G 5 HOH 95  595 3   HOH HOH A . 
G 5 HOH 96  596 56  HOH HOH A . 
G 5 HOH 97  597 43  HOH HOH A . 
G 5 HOH 98  598 83  HOH HOH A . 
G 5 HOH 99  599 64  HOH HOH A . 
G 5 HOH 100 600 45  HOH HOH A . 
G 5 HOH 101 601 73  HOH HOH A . 
G 5 HOH 102 602 103 HOH HOH A . 
G 5 HOH 103 603 16  HOH HOH A . 
G 5 HOH 104 604 9   HOH HOH A . 
G 5 HOH 105 605 139 HOH HOH A . 
G 5 HOH 106 606 129 HOH HOH A . 
G 5 HOH 107 607 48  HOH HOH A . 
G 5 HOH 108 608 20  HOH HOH A . 
G 5 HOH 109 609 119 HOH HOH A . 
G 5 HOH 110 610 135 HOH HOH A . 
G 5 HOH 111 611 130 HOH HOH A . 
G 5 HOH 112 612 78  HOH HOH A . 
G 5 HOH 113 613 111 HOH HOH A . 
G 5 HOH 114 614 97  HOH HOH A . 
G 5 HOH 115 615 125 HOH HOH A . 
G 5 HOH 116 616 93  HOH HOH A . 
G 5 HOH 117 617 108 HOH HOH A . 
G 5 HOH 118 618 133 HOH HOH A . 
G 5 HOH 119 619 68  HOH HOH A . 
G 5 HOH 120 620 144 HOH HOH A . 
G 5 HOH 121 621 59  HOH HOH A . 
G 5 HOH 122 622 120 HOH HOH A . 
G 5 HOH 123 623 126 HOH HOH A . 
G 5 HOH 124 624 123 HOH HOH A . 
G 5 HOH 125 625 11  HOH HOH A . 
G 5 HOH 126 626 117 HOH HOH A . 
G 5 HOH 127 627 143 HOH HOH A . 
G 5 HOH 128 628 8   HOH HOH A . 
G 5 HOH 129 629 7   HOH HOH A . 
G 5 HOH 130 630 14  HOH HOH A . 
G 5 HOH 131 631 107 HOH HOH A . 
G 5 HOH 132 632 115 HOH HOH A . 
G 5 HOH 133 633 69  HOH HOH A . 
G 5 HOH 134 634 6   HOH HOH A . 
G 5 HOH 135 635 92  HOH HOH A . 
G 5 HOH 136 636 90  HOH HOH A . 
G 5 HOH 137 637 76  HOH HOH A . 
G 5 HOH 138 638 114 HOH HOH A . 
G 5 HOH 139 639 4   HOH HOH A . 
G 5 HOH 140 640 116 HOH HOH A . 
G 5 HOH 141 641 124 HOH HOH A . 
G 5 HOH 142 642 87  HOH HOH A . 
G 5 HOH 143 643 79  HOH HOH A . 
G 5 HOH 144 644 81  HOH HOH A . 
# 
loop_
_software.citation_id 
_software.classification 
_software.compiler_name 
_software.compiler_version 
_software.contact_author 
_software.contact_author_email 
_software.date 
_software.description 
_software.dependencies 
_software.hardware 
_software.language 
_software.location 
_software.mods 
_software.name 
_software.os 
_software.os_version 
_software.type 
_software.version 
_software.pdbx_ordinal 
? refinement       ? ? ? ? ? ? ? ? ? ? ? REFMAC  ? ? ? 5.8.0415 1 
? 'data reduction' ? ? ? ? ? ? ? ? ? ? ? XDS     ? ? ? .        2 
? 'data scaling'   ? ? ? ? ? ? ? ? ? ? ? Aimless ? ? ? .        3 
? phasing          ? ? ? ? ? ? ? ? ? ? ? MOLREP  ? ? ? .        4 
# 
_cell.angle_alpha                  90.000 
_cell.angle_alpha_esd              ? 
_cell.angle_beta                   105.472 
_cell.angle_beta_esd               ? 
_cell.angle_gamma                  90.000 
_cell.angle_gamma_esd              ? 
_cell.entry_id                     8WF5 
_cell.details                      ? 
_cell.formula_units_Z              ? 
_cell.length_a                     35.260 
_cell.length_a_esd                 ? 
_cell.length_b                     28.740 
_cell.length_b_esd                 ? 
_cell.length_c                     63.650 
_cell.length_c_esd                 ? 
_cell.volume                       ? 
_cell.volume_esd                   ? 
_cell.Z_PDB                        2 
_cell.reciprocal_angle_alpha       ? 
_cell.reciprocal_angle_beta        ? 
_cell.reciprocal_angle_gamma       ? 
_cell.reciprocal_angle_alpha_esd   ? 
_cell.reciprocal_angle_beta_esd    ? 
_cell.reciprocal_angle_gamma_esd   ? 
_cell.reciprocal_length_a          ? 
_cell.reciprocal_length_b          ? 
_cell.reciprocal_length_c          ? 
_cell.reciprocal_length_a_esd      ? 
_cell.reciprocal_length_b_esd      ? 
_cell.reciprocal_length_c_esd      ? 
_cell.pdbx_unique_axis             ? 
_cell.pdbx_esd_method              ? 
# 
_symmetry.entry_id                         8WF5 
_symmetry.cell_setting                     ? 
_symmetry.Int_Tables_number                4 
_symmetry.space_group_name_Hall            ? 
_symmetry.space_group_name_H-M             'P 1 21 1' 
_symmetry.pdbx_full_space_group_name_H-M   ? 
# 
_exptl.absorpt_coefficient_mu     ? 
_exptl.absorpt_correction_T_max   ? 
_exptl.absorpt_correction_T_min   ? 
_exptl.absorpt_correction_type    ? 
_exptl.absorpt_process_details    ? 
_exptl.entry_id                   8WF5 
_exptl.crystals_number            1 
_exptl.details                    ? 
_exptl.method                     'X-RAY DIFFRACTION' 
_exptl.method_details             ? 
# 
_exptl_crystal.colour                       ? 
_exptl_crystal.density_diffrn               ? 
_exptl_crystal.density_Matthews             1.83 
_exptl_crystal.density_method               ? 
_exptl_crystal.density_percent_sol          32.79 
_exptl_crystal.description                  ? 
_exptl_crystal.F_000                        ? 
_exptl_crystal.id                           1 
_exptl_crystal.preparation                  ? 
_exptl_crystal.size_max                     ? 
_exptl_crystal.size_mid                     ? 
_exptl_crystal.size_min                     ? 
_exptl_crystal.size_rad                     ? 
_exptl_crystal.colour_lustre                ? 
_exptl_crystal.colour_modifier              ? 
_exptl_crystal.colour_primary               ? 
_exptl_crystal.density_meas                 ? 
_exptl_crystal.density_meas_esd             ? 
_exptl_crystal.density_meas_gt              ? 
_exptl_crystal.density_meas_lt              ? 
_exptl_crystal.density_meas_temp            ? 
_exptl_crystal.density_meas_temp_esd        ? 
_exptl_crystal.density_meas_temp_gt         ? 
_exptl_crystal.density_meas_temp_lt         ? 
_exptl_crystal.pdbx_crystal_image_url       ? 
_exptl_crystal.pdbx_crystal_image_format    ? 
_exptl_crystal.pdbx_mosaicity               ? 
_exptl_crystal.pdbx_mosaicity_esd           ? 
_exptl_crystal.pdbx_mosaic_method           ? 
_exptl_crystal.pdbx_mosaic_block_size       ? 
_exptl_crystal.pdbx_mosaic_block_size_esd   ? 
# 
_exptl_crystal_grow.apparatus       ? 
_exptl_crystal_grow.atmosphere      ? 
_exptl_crystal_grow.crystal_id      1 
_exptl_crystal_grow.details         ? 
_exptl_crystal_grow.method          'VAPOR DIFFUSION, HANGING DROP' 
_exptl_crystal_grow.method_ref      ? 
_exptl_crystal_grow.pH              ? 
_exptl_crystal_grow.pressure        ? 
_exptl_crystal_grow.pressure_esd    ? 
_exptl_crystal_grow.seeding         ? 
_exptl_crystal_grow.seeding_ref     ? 
_exptl_crystal_grow.temp_details    ? 
_exptl_crystal_grow.temp_esd        ? 
_exptl_crystal_grow.time            ? 
_exptl_crystal_grow.pdbx_details    '2.8 M ammonium sulfate, 100 mM Tis-HCl buffer (pH 7.0)' 
_exptl_crystal_grow.pdbx_pH_range   ? 
_exptl_crystal_grow.temp            298 
# 
_diffrn.ambient_environment              ? 
_diffrn.ambient_temp                     100 
_diffrn.ambient_temp_details             ? 
_diffrn.ambient_temp_esd                 ? 
_diffrn.crystal_id                       1 
_diffrn.crystal_support                  ? 
_diffrn.crystal_treatment                ? 
_diffrn.details                          ? 
_diffrn.id                               1 
_diffrn.ambient_pressure                 ? 
_diffrn.ambient_pressure_esd             ? 
_diffrn.ambient_pressure_gt              ? 
_diffrn.ambient_pressure_lt              ? 
_diffrn.ambient_temp_gt                  ? 
_diffrn.ambient_temp_lt                  ? 
_diffrn.pdbx_serial_crystal_experiment   Y 
# 
_diffrn_detector.details                      ? 
_diffrn_detector.detector                     PIXEL 
_diffrn_detector.diffrn_id                    1 
_diffrn_detector.type                         'DECTRIS PILATUS 6M' 
_diffrn_detector.area_resol_mean              ? 
_diffrn_detector.dtime                        ? 
_diffrn_detector.pdbx_frames_total            ? 
_diffrn_detector.pdbx_collection_time_total   ? 
_diffrn_detector.pdbx_collection_date         2023-06-26 
_diffrn_detector.pdbx_frequency               ? 
_diffrn_detector.id                           ? 
_diffrn_detector.number_of_axes               ? 
# 
_diffrn_radiation.collimation                      ? 
_diffrn_radiation.diffrn_id                        1 
_diffrn_radiation.filter_edge                      ? 
_diffrn_radiation.inhomogeneity                    ? 
_diffrn_radiation.monochromator                    ? 
_diffrn_radiation.polarisn_norm                    ? 
_diffrn_radiation.polarisn_ratio                   ? 
_diffrn_radiation.probe                            ? 
_diffrn_radiation.type                             ? 
_diffrn_radiation.xray_symbol                      ? 
_diffrn_radiation.wavelength_id                    1 
_diffrn_radiation.pdbx_monochromatic_or_laue_m_l   M 
_diffrn_radiation.pdbx_wavelength_list             ? 
_diffrn_radiation.pdbx_wavelength                  ? 
_diffrn_radiation.pdbx_diffrn_protocol             'SINGLE WAVELENGTH' 
_diffrn_radiation.pdbx_analyzer                    ? 
_diffrn_radiation.pdbx_scattering_type             x-ray 
# 
_diffrn_radiation_wavelength.id           1 
_diffrn_radiation_wavelength.wavelength   1.00 
_diffrn_radiation_wavelength.wt           1.0 
# 
_diffrn_source.current                     ? 
_diffrn_source.details                     ? 
_diffrn_source.diffrn_id                   1 
_diffrn_source.power                       ? 
_diffrn_source.size                        ? 
_diffrn_source.source                      SYNCHROTRON 
_diffrn_source.target                      ? 
_diffrn_source.type                        'SPRING-8 BEAMLINE BL45XU' 
_diffrn_source.voltage                     ? 
_diffrn_source.take-off_angle              ? 
_diffrn_source.pdbx_wavelength_list        1.00 
_diffrn_source.pdbx_wavelength             ? 
_diffrn_source.pdbx_synchrotron_beamline   BL45XU 
_diffrn_source.pdbx_synchrotron_site       SPring-8 
# 
_reflns.B_iso_Wilson_estimate                          ? 
_reflns.entry_id                                       8WF5 
_reflns.data_reduction_details                         ? 
_reflns.data_reduction_method                          ? 
_reflns.d_resolution_high                              1.72 
_reflns.d_resolution_low                               33.792 
_reflns.details                                        ? 
_reflns.limit_h_max                                    ? 
_reflns.limit_h_min                                    ? 
_reflns.limit_k_max                                    ? 
_reflns.limit_k_min                                    ? 
_reflns.limit_l_max                                    ? 
_reflns.limit_l_min                                    ? 
_reflns.number_all                                     ? 
_reflns.number_obs                                     12813 
_reflns.observed_criterion                             ? 
_reflns.observed_criterion_F_max                       ? 
_reflns.observed_criterion_F_min                       ? 
_reflns.observed_criterion_I_max                       ? 
_reflns.observed_criterion_I_min                       ? 
_reflns.observed_criterion_sigma_F                     ? 
_reflns.observed_criterion_sigma_I                     ? 
_reflns.percent_possible_obs                           96.4 
_reflns.R_free_details                                 ? 
_reflns.Rmerge_F_all                                   ? 
_reflns.Rmerge_F_obs                                   ? 
_reflns.Friedel_coverage                               ? 
_reflns.number_gt                                      ? 
_reflns.threshold_expression                           ? 
_reflns.pdbx_redundancy                                6.5 
_reflns.pdbx_netI_over_av_sigmaI                       ? 
_reflns.pdbx_netI_over_sigmaI                          10.4 
_reflns.pdbx_res_netI_over_av_sigmaI_2                 ? 
_reflns.pdbx_res_netI_over_sigmaI_2                    ? 
_reflns.pdbx_chi_squared                               ? 
_reflns.pdbx_scaling_rejects                           ? 
_reflns.pdbx_d_res_high_opt                            ? 
_reflns.pdbx_d_res_low_opt                             ? 
_reflns.pdbx_d_res_opt_method                          ? 
_reflns.phase_calculation_details                      ? 
_reflns.pdbx_Rrim_I_all                                ? 
_reflns.pdbx_Rpim_I_all                                ? 
_reflns.pdbx_d_opt                                     ? 
_reflns.pdbx_number_measured_all                       ? 
_reflns.pdbx_diffrn_id                                 1 
_reflns.pdbx_ordinal                                   1 
_reflns.pdbx_CC_half                                   0.991 
_reflns.pdbx_CC_star                                   ? 
_reflns.pdbx_R_split                                   ? 
_reflns.pdbx_Rmerge_I_obs                              0.155 
_reflns.pdbx_Rmerge_I_all                              ? 
_reflns.pdbx_Rsym_value                                ? 
_reflns.pdbx_CC_split_method                           ? 
_reflns.pdbx_aniso_diffraction_limit_axis_1_ortho[1]   ? 
_reflns.pdbx_aniso_diffraction_limit_axis_1_ortho[2]   ? 
_reflns.pdbx_aniso_diffraction_limit_axis_1_ortho[3]   ? 
_reflns.pdbx_aniso_diffraction_limit_axis_2_ortho[1]   ? 
_reflns.pdbx_aniso_diffraction_limit_axis_2_ortho[2]   ? 
_reflns.pdbx_aniso_diffraction_limit_axis_2_ortho[3]   ? 
_reflns.pdbx_aniso_diffraction_limit_axis_3_ortho[1]   ? 
_reflns.pdbx_aniso_diffraction_limit_axis_3_ortho[2]   ? 
_reflns.pdbx_aniso_diffraction_limit_axis_3_ortho[3]   ? 
_reflns.pdbx_aniso_diffraction_limit_1                 ? 
_reflns.pdbx_aniso_diffraction_limit_2                 ? 
_reflns.pdbx_aniso_diffraction_limit_3                 ? 
_reflns.pdbx_aniso_B_tensor_eigenvector_1_ortho[1]     ? 
_reflns.pdbx_aniso_B_tensor_eigenvector_1_ortho[2]     ? 
_reflns.pdbx_aniso_B_tensor_eigenvector_1_ortho[3]     ? 
_reflns.pdbx_aniso_B_tensor_eigenvector_2_ortho[1]     ? 
_reflns.pdbx_aniso_B_tensor_eigenvector_2_ortho[2]     ? 
_reflns.pdbx_aniso_B_tensor_eigenvector_2_ortho[3]     ? 
_reflns.pdbx_aniso_B_tensor_eigenvector_3_ortho[1]     ? 
_reflns.pdbx_aniso_B_tensor_eigenvector_3_ortho[2]     ? 
_reflns.pdbx_aniso_B_tensor_eigenvector_3_ortho[3]     ? 
_reflns.pdbx_aniso_B_tensor_eigenvalue_1               ? 
_reflns.pdbx_aniso_B_tensor_eigenvalue_2               ? 
_reflns.pdbx_aniso_B_tensor_eigenvalue_3               ? 
_reflns.pdbx_orthogonalization_convention              ? 
_reflns.pdbx_percent_possible_ellipsoidal              ? 
_reflns.pdbx_percent_possible_spherical                ? 
_reflns.pdbx_percent_possible_ellipsoidal_anomalous    ? 
_reflns.pdbx_percent_possible_spherical_anomalous      ? 
_reflns.pdbx_redundancy_anomalous                      ? 
_reflns.pdbx_CC_half_anomalous                         ? 
_reflns.pdbx_absDiff_over_sigma_anomalous              ? 
_reflns.pdbx_percent_possible_anomalous                ? 
_reflns.pdbx_observed_signal_threshold                 ? 
_reflns.pdbx_signal_type                               ? 
_reflns.pdbx_signal_details                            ? 
_reflns.pdbx_signal_software_id                        ? 
# 
_reflns_shell.d_res_high                                    1.72 
_reflns_shell.d_res_low                                     1.75 
_reflns_shell.meanI_over_sigI_all                           ? 
_reflns_shell.meanI_over_sigI_obs                           3.2 
_reflns_shell.number_measured_all                           ? 
_reflns_shell.number_measured_obs                           ? 
_reflns_shell.number_possible                               ? 
_reflns_shell.number_unique_all                             ? 
_reflns_shell.number_unique_obs                             698 
_reflns_shell.percent_possible_obs                          ? 
_reflns_shell.Rmerge_F_all                                  ? 
_reflns_shell.Rmerge_F_obs                                  ? 
_reflns_shell.meanI_over_sigI_gt                            ? 
_reflns_shell.meanI_over_uI_all                             ? 
_reflns_shell.meanI_over_uI_gt                              ? 
_reflns_shell.number_measured_gt                            ? 
_reflns_shell.number_unique_gt                              ? 
_reflns_shell.percent_possible_gt                           ? 
_reflns_shell.Rmerge_F_gt                                   ? 
_reflns_shell.Rmerge_I_gt                                   ? 
_reflns_shell.pdbx_redundancy                               ? 
_reflns_shell.pdbx_chi_squared                              ? 
_reflns_shell.pdbx_netI_over_sigmaI_all                     ? 
_reflns_shell.pdbx_netI_over_sigmaI_obs                     ? 
_reflns_shell.pdbx_Rrim_I_all                               ? 
_reflns_shell.pdbx_Rpim_I_all                               ? 
_reflns_shell.pdbx_rejects                                  ? 
_reflns_shell.pdbx_ordinal                                  1 
_reflns_shell.pdbx_diffrn_id                                1 
_reflns_shell.pdbx_CC_half                                  0.681 
_reflns_shell.pdbx_CC_star                                  ? 
_reflns_shell.pdbx_R_split                                  ? 
_reflns_shell.percent_possible_all                          ? 
_reflns_shell.Rmerge_I_all                                  ? 
_reflns_shell.Rmerge_I_obs                                  0.738 
_reflns_shell.pdbx_Rsym_value                               ? 
_reflns_shell.pdbx_percent_possible_ellipsoidal             ? 
_reflns_shell.pdbx_percent_possible_spherical               ? 
_reflns_shell.pdbx_percent_possible_ellipsoidal_anomalous   ? 
_reflns_shell.pdbx_percent_possible_spherical_anomalous     ? 
_reflns_shell.pdbx_redundancy_anomalous                     ? 
_reflns_shell.pdbx_CC_half_anomalous                        ? 
_reflns_shell.pdbx_absDiff_over_sigma_anomalous             ? 
_reflns_shell.pdbx_percent_possible_anomalous               ? 
# 
_refine.aniso_B[1][1]                            0.008 
_refine.aniso_B[1][2]                            0.000 
_refine.aniso_B[1][3]                            0.006 
_refine.aniso_B[2][2]                            -0.005 
_refine.aniso_B[2][3]                            0.000 
_refine.aniso_B[3][3]                            -0.005 
_refine.B_iso_max                                ? 
_refine.B_iso_mean                               19.474 
_refine.B_iso_min                                ? 
_refine.correlation_coeff_Fo_to_Fc               0.969 
_refine.correlation_coeff_Fo_to_Fc_free          0.941 
_refine.details                                  'Hydrogens have been added in their riding positions' 
_refine.diff_density_max                         ? 
_refine.diff_density_max_esd                     ? 
_refine.diff_density_min                         ? 
_refine.diff_density_min_esd                     ? 
_refine.diff_density_rms                         ? 
_refine.diff_density_rms_esd                     ? 
_refine.entry_id                                 8WF5 
_refine.pdbx_refine_id                           'X-RAY DIFFRACTION' 
_refine.ls_abs_structure_details                 ? 
_refine.ls_abs_structure_Flack                   ? 
_refine.ls_abs_structure_Flack_esd               ? 
_refine.ls_abs_structure_Rogers                  ? 
_refine.ls_abs_structure_Rogers_esd              ? 
_refine.ls_d_res_high                            1.720 
_refine.ls_d_res_low                             33.792 
_refine.ls_extinction_coef                       ? 
_refine.ls_extinction_coef_esd                   ? 
_refine.ls_extinction_expression                 ? 
_refine.ls_extinction_method                     ? 
_refine.ls_goodness_of_fit_all                   ? 
_refine.ls_goodness_of_fit_all_esd               ? 
_refine.ls_goodness_of_fit_obs                   ? 
_refine.ls_goodness_of_fit_obs_esd               ? 
_refine.ls_hydrogen_treatment                    ? 
_refine.ls_matrix_type                           ? 
_refine.ls_number_constraints                    ? 
_refine.ls_number_parameters                     ? 
_refine.ls_number_reflns_all                     ? 
_refine.ls_number_reflns_obs                     12804 
_refine.ls_number_reflns_R_free                  639 
_refine.ls_number_reflns_R_work                  12165 
_refine.ls_number_restraints                     ? 
_refine.ls_percent_reflns_obs                    95.724 
_refine.ls_percent_reflns_R_free                 4.991 
_refine.ls_R_factor_all                          0.160 
_refine.ls_R_factor_obs                          ? 
_refine.ls_R_factor_R_free                       0.2155 
_refine.ls_R_factor_R_free_error                 ? 
_refine.ls_R_factor_R_free_error_details         ? 
_refine.ls_R_factor_R_work                       0.1572 
_refine.ls_R_Fsqd_factor_obs                     ? 
_refine.ls_R_I_factor_obs                        ? 
_refine.ls_redundancy_reflns_all                 ? 
_refine.ls_redundancy_reflns_obs                 ? 
_refine.ls_restrained_S_all                      ? 
_refine.ls_restrained_S_obs                      ? 
_refine.ls_shift_over_esd_max                    ? 
_refine.ls_shift_over_esd_mean                   ? 
_refine.ls_structure_factor_coef                 ? 
_refine.ls_weighting_details                     ? 
_refine.ls_weighting_scheme                      ? 
_refine.ls_wR_factor_all                         ? 
_refine.ls_wR_factor_obs                         ? 
_refine.ls_wR_factor_R_free                      ? 
_refine.ls_wR_factor_R_work                      ? 
_refine.occupancy_max                            ? 
_refine.occupancy_min                            ? 
_refine.solvent_model_details                    'BABINET MODEL PLUS MASK' 
_refine.solvent_model_param_bsol                 ? 
_refine.solvent_model_param_ksol                 ? 
_refine.pdbx_R_complete                          ? 
_refine.ls_R_factor_gt                           ? 
_refine.ls_goodness_of_fit_gt                    ? 
_refine.ls_goodness_of_fit_ref                   ? 
_refine.ls_shift_over_su_max                     ? 
_refine.ls_shift_over_su_max_lt                  ? 
_refine.ls_shift_over_su_mean                    ? 
_refine.ls_shift_over_su_mean_lt                 ? 
_refine.pdbx_ls_sigma_I                          ? 
_refine.pdbx_ls_sigma_F                          ? 
_refine.pdbx_ls_sigma_Fsqd                       ? 
_refine.pdbx_data_cutoff_high_absF               ? 
_refine.pdbx_data_cutoff_high_rms_absF           ? 
_refine.pdbx_data_cutoff_low_absF                ? 
_refine.pdbx_isotropic_thermal_model             ? 
_refine.pdbx_ls_cross_valid_method               THROUGHOUT 
_refine.pdbx_method_to_determine_struct          'MOLECULAR REPLACEMENT' 
_refine.pdbx_starting_model                      ? 
_refine.pdbx_stereochemistry_target_values       ? 
_refine.pdbx_R_Free_selection_details            ? 
_refine.pdbx_stereochem_target_val_spec_case     ? 
_refine.pdbx_overall_ESU_R                       0.129 
_refine.pdbx_overall_ESU_R_Free                  0.130 
_refine.pdbx_solvent_vdw_probe_radii             1.200 
_refine.pdbx_solvent_ion_probe_radii             0.800 
_refine.pdbx_solvent_shrinkage_radii             0.800 
_refine.pdbx_real_space_R                        ? 
_refine.pdbx_density_correlation                 ? 
_refine.pdbx_pd_number_of_powder_patterns        ? 
_refine.pdbx_pd_number_of_points                 ? 
_refine.pdbx_pd_meas_number_of_points            ? 
_refine.pdbx_pd_proc_ls_prof_R_factor            ? 
_refine.pdbx_pd_proc_ls_prof_wR_factor           ? 
_refine.pdbx_pd_Marquardt_correlation_coeff      ? 
_refine.pdbx_pd_Fsqrd_R_factor                   ? 
_refine.pdbx_pd_ls_matrix_band_width             ? 
_refine.pdbx_overall_phase_error                 ? 
_refine.pdbx_overall_SU_R_free_Cruickshank_DPI   ? 
_refine.pdbx_overall_SU_R_free_Blow_DPI          ? 
_refine.pdbx_overall_SU_R_Blow_DPI               ? 
_refine.pdbx_TLS_residual_ADP_flag               ? 
_refine.pdbx_diffrn_id                           1 
_refine.overall_SU_B                             2.900 
_refine.overall_SU_ML                            0.091 
_refine.overall_SU_R_Cruickshank_DPI             ? 
_refine.overall_SU_R_free                        ? 
_refine.overall_FOM_free_R_set                   ? 
_refine.overall_FOM_work_R_set                   ? 
_refine.pdbx_average_fsc_overall                 ? 
_refine.pdbx_average_fsc_work                    ? 
_refine.pdbx_average_fsc_free                    ? 
# 
_refine_hist.pdbx_refine_id                   'X-RAY DIFFRACTION' 
_refine_hist.cycle_id                         LAST 
_refine_hist.pdbx_number_atoms_protein        1194 
_refine_hist.pdbx_number_atoms_nucleic_acid   0 
_refine_hist.pdbx_number_atoms_ligand         68 
_refine_hist.number_atoms_solvent             144 
_refine_hist.number_atoms_total               1406 
_refine_hist.d_res_high                       1.720 
_refine_hist.d_res_low                        33.792 
# 
loop_
_refine_ls_restr.pdbx_refine_id 
_refine_ls_restr.criterion 
_refine_ls_restr.dev_ideal 
_refine_ls_restr.dev_ideal_target 
_refine_ls_restr.number 
_refine_ls_restr.rejects 
_refine_ls_restr.type 
_refine_ls_restr.weight 
_refine_ls_restr.pdbx_restraint_function 
'X-RAY DIFFRACTION' ? 0.009  0.012  1292 ? r_bond_refined_d               ? ? 
'X-RAY DIFFRACTION' ? 0.001  0.016  1214 ? r_bond_other_d                 ? ? 
'X-RAY DIFFRACTION' ? 1.973  1.725  1755 ? r_angle_refined_deg            ? ? 
'X-RAY DIFFRACTION' ? 0.525  1.629  2813 ? r_angle_other_deg              ? ? 
'X-RAY DIFFRACTION' ? 5.238  5.000  151  ? r_dihedral_angle_1_deg         ? ? 
'X-RAY DIFFRACTION' ? 5.934  5.000  2    ? r_dihedral_angle_2_deg         ? ? 
'X-RAY DIFFRACTION' ? 13.740 10.000 229  ? r_dihedral_angle_3_deg         ? ? 
'X-RAY DIFFRACTION' ? 16.876 10.000 53   ? r_dihedral_angle_6_deg         ? ? 
'X-RAY DIFFRACTION' ? 0.071  0.200  184  ? r_chiral_restr                 ? ? 
'X-RAY DIFFRACTION' ? 0.009  0.020  1438 ? r_gen_planes_refined           ? ? 
'X-RAY DIFFRACTION' ? 0.008  0.020  262  ? r_gen_planes_other             ? ? 
'X-RAY DIFFRACTION' ? 0.218  0.200  318  ? r_nbd_refined                  ? ? 
'X-RAY DIFFRACTION' ? 0.178  0.200  1098 ? r_symmetry_nbd_other           ? ? 
'X-RAY DIFFRACTION' ? 0.177  0.200  638  ? r_nbtor_refined                ? ? 
'X-RAY DIFFRACTION' ? 0.069  0.200  640  ? r_symmetry_nbtor_other         ? ? 
'X-RAY DIFFRACTION' ? 0.224  0.200  102  ? r_xyhbond_nbd_refined          ? ? 
'X-RAY DIFFRACTION' ? 0.199  0.200  20   ? r_symmetry_nbd_refined         ? ? 
'X-RAY DIFFRACTION' ? 0.209  0.200  68   ? r_nbd_other                    ? ? 
'X-RAY DIFFRACTION' ? 0.150  0.200  24   ? r_symmetry_xyhbond_nbd_refined ? ? 
'X-RAY DIFFRACTION' ? 1.752  1.819  607  ? r_mcbond_it                    ? ? 
'X-RAY DIFFRACTION' ? 1.739  1.818  607  ? r_mcbond_other                 ? ? 
'X-RAY DIFFRACTION' ? 2.786  3.252  757  ? r_mcangle_it                   ? ? 
'X-RAY DIFFRACTION' ? 2.799  3.261  758  ? r_mcangle_other                ? ? 
'X-RAY DIFFRACTION' ? 2.839  2.236  685  ? r_scbond_it                    ? ? 
'X-RAY DIFFRACTION' ? 2.838  2.238  686  ? r_scbond_other                 ? ? 
'X-RAY DIFFRACTION' ? 4.386  3.903  998  ? r_scangle_it                   ? ? 
'X-RAY DIFFRACTION' ? 4.384  3.905  999  ? r_scangle_other                ? ? 
'X-RAY DIFFRACTION' ? 6.638  24.484 1626 ? r_lrange_it                    ? ? 
'X-RAY DIFFRACTION' ? 6.535  22.378 1580 ? r_lrange_other                 ? ? 
# 
loop_
_refine_ls_shell.pdbx_refine_id 
_refine_ls_shell.d_res_high 
_refine_ls_shell.d_res_low 
_refine_ls_shell.number_reflns_all 
_refine_ls_shell.number_reflns_obs 
_refine_ls_shell.number_reflns_R_free 
_refine_ls_shell.number_reflns_R_work 
_refine_ls_shell.percent_reflns_obs 
_refine_ls_shell.percent_reflns_R_free 
_refine_ls_shell.R_factor_all 
_refine_ls_shell.R_factor_obs 
_refine_ls_shell.R_factor_R_free_error 
_refine_ls_shell.R_factor_R_work 
_refine_ls_shell.redundancy_reflns_all 
_refine_ls_shell.redundancy_reflns_obs 
_refine_ls_shell.wR_factor_all 
_refine_ls_shell.wR_factor_obs 
_refine_ls_shell.wR_factor_R_free 
_refine_ls_shell.wR_factor_R_work 
_refine_ls_shell.pdbx_R_complete 
_refine_ls_shell.pdbx_total_number_of_bins_used 
_refine_ls_shell.pdbx_phase_error 
_refine_ls_shell.pdbx_fsc_work 
_refine_ls_shell.pdbx_fsc_free 
_refine_ls_shell.R_factor_R_free 
'X-RAY DIFFRACTION' 1.720 1.765  989 . 52 905 96.7644 . 0.232 . . 0.227 . . . . . 0.187 . 20 . 0.961 0.924 0.344 
'X-RAY DIFFRACTION' 1.765 1.813  939 . 39 874 97.2311 . 0.218 . . 0.216 . . . . . 0.182 . 20 . 0.964 0.952 0.260 
'X-RAY DIFFRACTION' 1.813 1.865  921 . 43 836 95.4397 . 0.213 . . 0.209 . . . . . 0.171 . 20 . 0.969 0.942 0.293 
'X-RAY DIFFRACTION' 1.865 1.922  901 . 61 810 96.6704 . 0.211 . . 0.205 . . . . . 0.180 . 20 . 0.971 0.953 0.282 
'X-RAY DIFFRACTION' 1.922 1.985  880 . 36 803 95.3409 . 0.194 . . 0.190 . . . . . 0.161 . 20 . 0.975 0.960 0.257 
'X-RAY DIFFRACTION' 1.985 2.055  862 . 39 786 95.7077 . 0.179 . . 0.176 . . . . . 0.155 . 20 . 0.979 0.960 0.245 
'X-RAY DIFFRACTION' 2.055 2.132  777 . 33 715 96.2677 . 0.177 . . 0.173 . . . . . 0.150 . 20 . 0.980 0.966 0.251 
'X-RAY DIFFRACTION' 2.132 2.219  798 . 60 698 94.9875 . 0.169 . . 0.163 . . . . . 0.147 . 20 . 0.982 0.963 0.246 
'X-RAY DIFFRACTION' 2.219 2.317  756 . 37 684 95.3704 . 0.159 . . 0.155 . . . . . 0.135 . 20 . 0.984 0.968 0.227 
'X-RAY DIFFRACTION' 2.317 2.429  719 . 35 651 95.4103 . 0.149 . . 0.149 . . . . . 0.134 . 20 . 0.985 0.983 0.140 
'X-RAY DIFFRACTION' 2.429 2.560  699 . 29 631 94.4206 . 0.146 . . 0.144 . . . . . 0.129 . 20 . 0.986 0.976 0.182 
'X-RAY DIFFRACTION' 2.560 2.714  652 . 17 604 95.2454 . 0.152 . . 0.151 . . . . . 0.141 . 20 . 0.985 0.971 0.192 
'X-RAY DIFFRACTION' 2.714 2.900  617 . 31 567 96.9206 . 0.146 . . 0.142 . . . . . 0.137 . 20 . 0.987 0.970 0.232 
'X-RAY DIFFRACTION' 2.900 3.131  569 . 32 513 95.7821 . 0.150 . . 0.149 . . . . . 0.147 . 20 . 0.987 0.975 0.175 
'X-RAY DIFFRACTION' 3.131 3.427  526 . 13 492 96.0076 . 0.152 . . 0.148 . . . . . 0.152 . 20 . 0.985 0.958 0.265 
'X-RAY DIFFRACTION' 3.427 3.826  491 . 16 447 94.2973 . 0.124 . . 0.124 . . . . . 0.131 . 20 . 0.991 0.992 0.133 
'X-RAY DIFFRACTION' 3.826 4.409  429 . 13 398 95.8042 . 0.118 . . 0.118 . . . . . 0.135 . 20 . 0.992 0.996 0.111 
'X-RAY DIFFRACTION' 4.409 5.377  373 . 26 332 95.9786 . 0.140 . . 0.134 . . . . . 0.149 . 20 . 0.989 0.978 0.226 
'X-RAY DIFFRACTION' 5.377 7.510  295 . 15 259 92.8814 . 0.188 . . 0.188 . . . . . 0.201 . 20 . 0.981 0.979 0.190 
'X-RAY DIFFRACTION' 7.510 33.792 181 . 12 160 95.0276 . 0.143 . . 0.138 . . . . . 0.168 . 20 . 0.987 0.974 0.233 
# 
_struct.entry_id                     8WF5 
_struct.title                        
'Horse heart myoglobin reconstituted with an iron complex of porphyrin bearing two CF3 groups (rMb(FePor(CF3)2))' 
_struct.pdbx_model_details           ? 
_struct.pdbx_formula_weight          ? 
_struct.pdbx_formula_weight_method   ? 
_struct.pdbx_model_type_details      ? 
_struct.pdbx_CASP_flag               N 
# 
_struct_keywords.entry_id        8WF5 
_struct_keywords.text            'Myoglobin, OXYGEN TRANSPORT' 
_struct_keywords.pdbx_keywords   'OXYGEN TRANSPORT' 
# 
loop_
_struct_asym.id 
_struct_asym.pdbx_blank_PDB_chainid_flag 
_struct_asym.pdbx_modified 
_struct_asym.entity_id 
_struct_asym.details 
A N N 1 ? 
B N N 2 ? 
C N N 3 ? 
D N N 3 ? 
E N N 3 ? 
F N N 4 ? 
G N N 5 ? 
# 
_struct_ref.id                         1 
_struct_ref.db_name                    UNP 
_struct_ref.db_code                    MYG_HORSE 
_struct_ref.pdbx_db_accession          P68082 
_struct_ref.pdbx_db_isoform            ? 
_struct_ref.entity_id                  1 
_struct_ref.pdbx_seq_one_letter_code   
;GLSDGEWQQVLNVWGKVEADIAGHGQEVLIRLFTGHPETLEKFDKFKHLKTEAEMKASEDLKKHGTVVLTALGGILKKKG
HHEAELKPLAQSHATKHKIPIKYLEFISDAIIHVLHSKHPGDFGADAQGAMTKALELFRNDIAAKYKELGFQG
;
_struct_ref.pdbx_align_begin           2 
# 
_struct_ref_seq.align_id                      1 
_struct_ref_seq.ref_id                        1 
_struct_ref_seq.pdbx_PDB_id_code              8WF5 
_struct_ref_seq.pdbx_strand_id                A 
_struct_ref_seq.seq_align_beg                 1 
_struct_ref_seq.pdbx_seq_align_beg_ins_code   ? 
_struct_ref_seq.seq_align_end                 153 
_struct_ref_seq.pdbx_seq_align_end_ins_code   ? 
_struct_ref_seq.pdbx_db_accession             P68082 
_struct_ref_seq.db_align_beg                  2 
_struct_ref_seq.pdbx_db_align_beg_ins_code    ? 
_struct_ref_seq.db_align_end                  154 
_struct_ref_seq.pdbx_db_align_end_ins_code    ? 
_struct_ref_seq.pdbx_auth_seq_align_beg       1 
_struct_ref_seq.pdbx_auth_seq_align_end       153 
# 
_pdbx_struct_assembly.id                   1 
_pdbx_struct_assembly.details              author_defined_assembly 
_pdbx_struct_assembly.method_details       ? 
_pdbx_struct_assembly.oligomeric_details   monomeric 
_pdbx_struct_assembly.oligomeric_count     1 
# 
_pdbx_struct_assembly_gen.assembly_id       1 
_pdbx_struct_assembly_gen.oper_expression   1 
_pdbx_struct_assembly_gen.asym_id_list      A,B,C,D,E,F,G 
# 
_pdbx_struct_assembly_auth_evidence.id                     1 
_pdbx_struct_assembly_auth_evidence.assembly_id            1 
_pdbx_struct_assembly_auth_evidence.experimental_support   'gel filtration' 
_pdbx_struct_assembly_auth_evidence.details                ? 
# 
_pdbx_struct_oper_list.id                   1 
_pdbx_struct_oper_list.type                 'identity operation' 
_pdbx_struct_oper_list.name                 1_555 
_pdbx_struct_oper_list.symmetry_operation   x,y,z 
_pdbx_struct_oper_list.matrix[1][1]         1.0000000000 
_pdbx_struct_oper_list.matrix[1][2]         0.0000000000 
_pdbx_struct_oper_list.matrix[1][3]         0.0000000000 
_pdbx_struct_oper_list.vector[1]            0.0000000000 
_pdbx_struct_oper_list.matrix[2][1]         0.0000000000 
_pdbx_struct_oper_list.matrix[2][2]         1.0000000000 
_pdbx_struct_oper_list.matrix[2][3]         0.0000000000 
_pdbx_struct_oper_list.vector[2]            0.0000000000 
_pdbx_struct_oper_list.matrix[3][1]         0.0000000000 
_pdbx_struct_oper_list.matrix[3][2]         0.0000000000 
_pdbx_struct_oper_list.matrix[3][3]         1.0000000000 
_pdbx_struct_oper_list.vector[3]            0.0000000000 
# 
loop_
_struct_conf.conf_type_id 
_struct_conf.id 
_struct_conf.pdbx_PDB_helix_id 
_struct_conf.beg_label_comp_id 
_struct_conf.beg_label_asym_id 
_struct_conf.beg_label_seq_id 
_struct_conf.pdbx_beg_PDB_ins_code 
_struct_conf.end_label_comp_id 
_struct_conf.end_label_asym_id 
_struct_conf.end_label_seq_id 
_struct_conf.pdbx_end_PDB_ins_code 
_struct_conf.beg_auth_comp_id 
_struct_conf.beg_auth_asym_id 
_struct_conf.beg_auth_seq_id 
_struct_conf.end_auth_comp_id 
_struct_conf.end_auth_asym_id 
_struct_conf.end_auth_seq_id 
_struct_conf.pdbx_PDB_helix_class 
_struct_conf.details 
_struct_conf.pdbx_PDB_helix_length 
HELX_P HELX_P1 AA1 SER A 3   ? ALA A 19  ? SER A 3   ALA A 19  1 ? 17 
HELX_P HELX_P2 AA2 ASP A 20  ? HIS A 36  ? ASP A 20  HIS A 36  1 ? 17 
HELX_P HELX_P3 AA3 HIS A 36  ? GLU A 41  ? HIS A 36  GLU A 41  1 ? 6  
HELX_P HELX_P4 AA4 THR A 51  ? SER A 58  ? THR A 51  SER A 58  1 ? 8  
HELX_P HELX_P5 AA5 SER A 58  ? LYS A 77  ? SER A 58  LYS A 77  1 ? 20 
HELX_P HELX_P6 AA6 HIS A 82  ? LYS A 96  ? HIS A 82  LYS A 96  1 ? 15 
HELX_P HELX_P7 AA7 PRO A 100 ? HIS A 119 ? PRO A 100 HIS A 119 1 ? 20 
HELX_P HELX_P8 AA8 GLY A 124 ? GLY A 150 ? GLY A 124 GLY A 150 1 ? 27 
# 
_struct_conf_type.id          HELX_P 
_struct_conf_type.criteria    ? 
_struct_conf_type.reference   ? 
# 
loop_
_struct_conn.id 
_struct_conn.conn_type_id 
_struct_conn.pdbx_leaving_atom_flag 
_struct_conn.pdbx_PDB_id 
_struct_conn.ptnr1_label_asym_id 
_struct_conn.ptnr1_label_comp_id 
_struct_conn.ptnr1_label_seq_id 
_struct_conn.ptnr1_label_atom_id 
_struct_conn.pdbx_ptnr1_label_alt_id 
_struct_conn.pdbx_ptnr1_PDB_ins_code 
_struct_conn.pdbx_ptnr1_standard_comp_id 
_struct_conn.ptnr1_symmetry 
_struct_conn.ptnr2_label_asym_id 
_struct_conn.ptnr2_label_comp_id 
_struct_conn.ptnr2_label_seq_id 
_struct_conn.ptnr2_label_atom_id 
_struct_conn.pdbx_ptnr2_label_alt_id 
_struct_conn.pdbx_ptnr2_PDB_ins_code 
_struct_conn.ptnr1_auth_asym_id 
_struct_conn.ptnr1_auth_comp_id 
_struct_conn.ptnr1_auth_seq_id 
_struct_conn.ptnr2_auth_asym_id 
_struct_conn.ptnr2_auth_comp_id 
_struct_conn.ptnr2_auth_seq_id 
_struct_conn.ptnr2_symmetry 
_struct_conn.pdbx_ptnr3_label_atom_id 
_struct_conn.pdbx_ptnr3_label_seq_id 
_struct_conn.pdbx_ptnr3_label_comp_id 
_struct_conn.pdbx_ptnr3_label_asym_id 
_struct_conn.pdbx_ptnr3_label_alt_id 
_struct_conn.pdbx_ptnr3_PDB_ins_code 
_struct_conn.details 
_struct_conn.pdbx_dist_value 
_struct_conn.pdbx_value_order 
_struct_conn.pdbx_role 
metalc1 metalc ? ? A HIS 93 NE2 ? ? ? 1_555 B WC5 . FE1 ? ? A HIS 93  A WC5 401 1_555 ? ? ? ? ? ? ? 2.099 ? ? 
metalc2 metalc ? ? B WC5 .  FE1 ? ? ? 1_555 G HOH . O   ? ? A WC5 401 A HOH 569 1_555 ? ? ? ? ? ? ? 2.174 ? ? 
# 
_struct_conn_type.id          metalc 
_struct_conn_type.criteria    ? 
_struct_conn_type.reference   ? 
# 
loop_
_pdbx_struct_conn_angle.id 
_pdbx_struct_conn_angle.ptnr1_label_atom_id 
_pdbx_struct_conn_angle.ptnr1_label_alt_id 
_pdbx_struct_conn_angle.ptnr1_label_asym_id 
_pdbx_struct_conn_angle.ptnr1_label_comp_id 
_pdbx_struct_conn_angle.ptnr1_label_seq_id 
_pdbx_struct_conn_angle.ptnr1_auth_atom_id 
_pdbx_struct_conn_angle.ptnr1_auth_asym_id 
_pdbx_struct_conn_angle.ptnr1_auth_comp_id 
_pdbx_struct_conn_angle.ptnr1_auth_seq_id 
_pdbx_struct_conn_angle.ptnr1_PDB_ins_code 
_pdbx_struct_conn_angle.ptnr1_symmetry 
_pdbx_struct_conn_angle.ptnr2_label_atom_id 
_pdbx_struct_conn_angle.ptnr2_label_alt_id 
_pdbx_struct_conn_angle.ptnr2_label_asym_id 
_pdbx_struct_conn_angle.ptnr2_label_comp_id 
_pdbx_struct_conn_angle.ptnr2_label_seq_id 
_pdbx_struct_conn_angle.ptnr2_auth_atom_id 
_pdbx_struct_conn_angle.ptnr2_auth_asym_id 
_pdbx_struct_conn_angle.ptnr2_auth_comp_id 
_pdbx_struct_conn_angle.ptnr2_auth_seq_id 
_pdbx_struct_conn_angle.ptnr2_PDB_ins_code 
_pdbx_struct_conn_angle.ptnr2_symmetry 
_pdbx_struct_conn_angle.ptnr3_label_atom_id 
_pdbx_struct_conn_angle.ptnr3_label_alt_id 
_pdbx_struct_conn_angle.ptnr3_label_asym_id 
_pdbx_struct_conn_angle.ptnr3_label_comp_id 
_pdbx_struct_conn_angle.ptnr3_label_seq_id 
_pdbx_struct_conn_angle.ptnr3_auth_atom_id 
_pdbx_struct_conn_angle.ptnr3_auth_asym_id 
_pdbx_struct_conn_angle.ptnr3_auth_comp_id 
_pdbx_struct_conn_angle.ptnr3_auth_seq_id 
_pdbx_struct_conn_angle.ptnr3_PDB_ins_code 
_pdbx_struct_conn_angle.ptnr3_symmetry 
_pdbx_struct_conn_angle.value 
_pdbx_struct_conn_angle.value_esd 
1  NE2 ? A HIS 93 ? A HIS 93  ? 1_555 FE1 ? B WC5 . ? A WC5 401 ? 1_555 N4 ? B WC5 . ? A WC5 401 ? 1_555 91.6  ? 
2  NE2 ? A HIS 93 ? A HIS 93  ? 1_555 FE1 ? B WC5 . ? A WC5 401 ? 1_555 N1 ? B WC5 . ? A WC5 401 ? 1_555 89.1  ? 
3  N4  ? B WC5 .  ? A WC5 401 ? 1_555 FE1 ? B WC5 . ? A WC5 401 ? 1_555 N1 ? B WC5 . ? A WC5 401 ? 1_555 89.7  ? 
4  NE2 ? A HIS 93 ? A HIS 93  ? 1_555 FE1 ? B WC5 . ? A WC5 401 ? 1_555 N3 ? B WC5 . ? A WC5 401 ? 1_555 92.3  ? 
5  N4  ? B WC5 .  ? A WC5 401 ? 1_555 FE1 ? B WC5 . ? A WC5 401 ? 1_555 N3 ? B WC5 . ? A WC5 401 ? 1_555 90.5  ? 
6  N1  ? B WC5 .  ? A WC5 401 ? 1_555 FE1 ? B WC5 . ? A WC5 401 ? 1_555 N3 ? B WC5 . ? A WC5 401 ? 1_555 178.6 ? 
7  NE2 ? A HIS 93 ? A HIS 93  ? 1_555 FE1 ? B WC5 . ? A WC5 401 ? 1_555 N2 ? B WC5 . ? A WC5 401 ? 1_555 92.4  ? 
8  N4  ? B WC5 .  ? A WC5 401 ? 1_555 FE1 ? B WC5 . ? A WC5 401 ? 1_555 N2 ? B WC5 . ? A WC5 401 ? 1_555 175.9 ? 
9  N1  ? B WC5 .  ? A WC5 401 ? 1_555 FE1 ? B WC5 . ? A WC5 401 ? 1_555 N2 ? B WC5 . ? A WC5 401 ? 1_555 90.0  ? 
10 N3  ? B WC5 .  ? A WC5 401 ? 1_555 FE1 ? B WC5 . ? A WC5 401 ? 1_555 N2 ? B WC5 . ? A WC5 401 ? 1_555 89.8  ? 
11 NE2 ? A HIS 93 ? A HIS 93  ? 1_555 FE1 ? B WC5 . ? A WC5 401 ? 1_555 O  ? G HOH . ? A HOH 569 ? 1_555 173.9 ? 
12 N4  ? B WC5 .  ? A WC5 401 ? 1_555 FE1 ? B WC5 . ? A WC5 401 ? 1_555 O  ? G HOH . ? A HOH 569 ? 1_555 82.3  ? 
13 N1  ? B WC5 .  ? A WC5 401 ? 1_555 FE1 ? B WC5 . ? A WC5 401 ? 1_555 O  ? G HOH . ? A HOH 569 ? 1_555 90.6  ? 
14 N3  ? B WC5 .  ? A WC5 401 ? 1_555 FE1 ? B WC5 . ? A WC5 401 ? 1_555 O  ? G HOH . ? A HOH 569 ? 1_555 88.0  ? 
15 N2  ? B WC5 .  ? A WC5 401 ? 1_555 FE1 ? B WC5 . ? A WC5 401 ? 1_555 O  ? G HOH . ? A HOH 569 ? 1_555 93.7  ? 
# 
_pdbx_entry_details.entry_id                   8WF5 
_pdbx_entry_details.has_ligand_of_interest     Y 
_pdbx_entry_details.compound_details           ? 
_pdbx_entry_details.source_details             ? 
_pdbx_entry_details.nonpolymer_details         ? 
_pdbx_entry_details.sequence_details           ? 
_pdbx_entry_details.has_protein_modification   ? 
# 
loop_
_pdbx_validate_close_contact.id 
_pdbx_validate_close_contact.PDB_model_num 
_pdbx_validate_close_contact.auth_atom_id_1 
_pdbx_validate_close_contact.auth_asym_id_1 
_pdbx_validate_close_contact.auth_comp_id_1 
_pdbx_validate_close_contact.auth_seq_id_1 
_pdbx_validate_close_contact.PDB_ins_code_1 
_pdbx_validate_close_contact.label_alt_id_1 
_pdbx_validate_close_contact.auth_atom_id_2 
_pdbx_validate_close_contact.auth_asym_id_2 
_pdbx_validate_close_contact.auth_comp_id_2 
_pdbx_validate_close_contact.auth_seq_id_2 
_pdbx_validate_close_contact.PDB_ins_code_2 
_pdbx_validate_close_contact.label_alt_id_2 
_pdbx_validate_close_contact.dist 
1 1 O A HOH 629 ? ? O A HOH 634 ? ? 1.87 
2 1 O A HOH 581 ? ? O A HOH 620 ? ? 2.15 
# 
_pdbx_validate_symm_contact.id                1 
_pdbx_validate_symm_contact.PDB_model_num     1 
_pdbx_validate_symm_contact.auth_atom_id_1    O 
_pdbx_validate_symm_contact.auth_asym_id_1    A 
_pdbx_validate_symm_contact.auth_comp_id_1    HOH 
_pdbx_validate_symm_contact.auth_seq_id_1     511 
_pdbx_validate_symm_contact.PDB_ins_code_1    ? 
_pdbx_validate_symm_contact.label_alt_id_1    ? 
_pdbx_validate_symm_contact.site_symmetry_1   1_555 
_pdbx_validate_symm_contact.auth_atom_id_2    O 
_pdbx_validate_symm_contact.auth_asym_id_2    A 
_pdbx_validate_symm_contact.auth_comp_id_2    HOH 
_pdbx_validate_symm_contact.auth_seq_id_2     543 
_pdbx_validate_symm_contact.PDB_ins_code_2    ? 
_pdbx_validate_symm_contact.label_alt_id_2    ? 
_pdbx_validate_symm_contact.site_symmetry_2   1_545 
_pdbx_validate_symm_contact.dist              2.01 
# 
_pdbx_validate_torsion.id              1 
_pdbx_validate_torsion.PDB_model_num   1 
_pdbx_validate_torsion.auth_comp_id    ASP 
_pdbx_validate_torsion.auth_asym_id    A 
_pdbx_validate_torsion.auth_seq_id     20 
_pdbx_validate_torsion.PDB_ins_code    ? 
_pdbx_validate_torsion.label_alt_id    ? 
_pdbx_validate_torsion.phi             -152.76 
_pdbx_validate_torsion.psi             78.49 
# 
_pdbx_validate_chiral.id              1 
_pdbx_validate_chiral.PDB_model_num   1 
_pdbx_validate_chiral.auth_atom_id    N3 
_pdbx_validate_chiral.label_alt_id    ? 
_pdbx_validate_chiral.auth_asym_id    A 
_pdbx_validate_chiral.auth_comp_id    WC5 
_pdbx_validate_chiral.auth_seq_id     401 
_pdbx_validate_chiral.PDB_ins_code    ? 
_pdbx_validate_chiral.details         PLANAR 
_pdbx_validate_chiral.omega           . 
# 
_pdbx_unobs_or_zero_occ_residues.id               1 
_pdbx_unobs_or_zero_occ_residues.PDB_model_num    1 
_pdbx_unobs_or_zero_occ_residues.polymer_flag     Y 
_pdbx_unobs_or_zero_occ_residues.occupancy_flag   1 
_pdbx_unobs_or_zero_occ_residues.auth_asym_id     A 
_pdbx_unobs_or_zero_occ_residues.auth_comp_id     GLY 
_pdbx_unobs_or_zero_occ_residues.auth_seq_id      153 
_pdbx_unobs_or_zero_occ_residues.PDB_ins_code     ? 
_pdbx_unobs_or_zero_occ_residues.label_asym_id    A 
_pdbx_unobs_or_zero_occ_residues.label_comp_id    GLY 
_pdbx_unobs_or_zero_occ_residues.label_seq_id     153 
# 
loop_
_chem_comp_atom.comp_id 
_chem_comp_atom.atom_id 
_chem_comp_atom.type_symbol 
_chem_comp_atom.pdbx_aromatic_flag 
_chem_comp_atom.pdbx_stereo_config 
_chem_comp_atom.pdbx_ordinal 
ALA N    N  N N 1   
ALA CA   C  N S 2   
ALA C    C  N N 3   
ALA O    O  N N 4   
ALA CB   C  N N 5   
ALA OXT  O  N N 6   
ALA H    H  N N 7   
ALA H2   H  N N 8   
ALA HA   H  N N 9   
ALA HB1  H  N N 10  
ALA HB2  H  N N 11  
ALA HB3  H  N N 12  
ALA HXT  H  N N 13  
ARG N    N  N N 14  
ARG CA   C  N S 15  
ARG C    C  N N 16  
ARG O    O  N N 17  
ARG CB   C  N N 18  
ARG CG   C  N N 19  
ARG CD   C  N N 20  
ARG NE   N  N N 21  
ARG CZ   C  N N 22  
ARG NH1  N  N N 23  
ARG NH2  N  N N 24  
ARG OXT  O  N N 25  
ARG H    H  N N 26  
ARG H2   H  N N 27  
ARG HA   H  N N 28  
ARG HB2  H  N N 29  
ARG HB3  H  N N 30  
ARG HG2  H  N N 31  
ARG HG3  H  N N 32  
ARG HD2  H  N N 33  
ARG HD3  H  N N 34  
ARG HE   H  N N 35  
ARG HH11 H  N N 36  
ARG HH12 H  N N 37  
ARG HH21 H  N N 38  
ARG HH22 H  N N 39  
ARG HXT  H  N N 40  
ASN N    N  N N 41  
ASN CA   C  N S 42  
ASN C    C  N N 43  
ASN O    O  N N 44  
ASN CB   C  N N 45  
ASN CG   C  N N 46  
ASN OD1  O  N N 47  
ASN ND2  N  N N 48  
ASN OXT  O  N N 49  
ASN H    H  N N 50  
ASN H2   H  N N 51  
ASN HA   H  N N 52  
ASN HB2  H  N N 53  
ASN HB3  H  N N 54  
ASN HD21 H  N N 55  
ASN HD22 H  N N 56  
ASN HXT  H  N N 57  
ASP N    N  N N 58  
ASP CA   C  N S 59  
ASP C    C  N N 60  
ASP O    O  N N 61  
ASP CB   C  N N 62  
ASP CG   C  N N 63  
ASP OD1  O  N N 64  
ASP OD2  O  N N 65  
ASP OXT  O  N N 66  
ASP H    H  N N 67  
ASP H2   H  N N 68  
ASP HA   H  N N 69  
ASP HB2  H  N N 70  
ASP HB3  H  N N 71  
ASP HD2  H  N N 72  
ASP HXT  H  N N 73  
GLN N    N  N N 74  
GLN CA   C  N S 75  
GLN C    C  N N 76  
GLN O    O  N N 77  
GLN CB   C  N N 78  
GLN CG   C  N N 79  
GLN CD   C  N N 80  
GLN OE1  O  N N 81  
GLN NE2  N  N N 82  
GLN OXT  O  N N 83  
GLN H    H  N N 84  
GLN H2   H  N N 85  
GLN HA   H  N N 86  
GLN HB2  H  N N 87  
GLN HB3  H  N N 88  
GLN HG2  H  N N 89  
GLN HG3  H  N N 90  
GLN HE21 H  N N 91  
GLN HE22 H  N N 92  
GLN HXT  H  N N 93  
GLU N    N  N N 94  
GLU CA   C  N S 95  
GLU C    C  N N 96  
GLU O    O  N N 97  
GLU CB   C  N N 98  
GLU CG   C  N N 99  
GLU CD   C  N N 100 
GLU OE1  O  N N 101 
GLU OE2  O  N N 102 
GLU OXT  O  N N 103 
GLU H    H  N N 104 
GLU H2   H  N N 105 
GLU HA   H  N N 106 
GLU HB2  H  N N 107 
GLU HB3  H  N N 108 
GLU HG2  H  N N 109 
GLU HG3  H  N N 110 
GLU HE2  H  N N 111 
GLU HXT  H  N N 112 
GLY N    N  N N 113 
GLY CA   C  N N 114 
GLY C    C  N N 115 
GLY O    O  N N 116 
GLY OXT  O  N N 117 
GLY H    H  N N 118 
GLY H2   H  N N 119 
GLY HA2  H  N N 120 
GLY HA3  H  N N 121 
GLY HXT  H  N N 122 
GOL C1   C  N N 123 
GOL O1   O  N N 124 
GOL C2   C  N N 125 
GOL O2   O  N N 126 
GOL C3   C  N N 127 
GOL O3   O  N N 128 
GOL H11  H  N N 129 
GOL H12  H  N N 130 
GOL HO1  H  N N 131 
GOL H2   H  N N 132 
GOL HO2  H  N N 133 
GOL H31  H  N N 134 
GOL H32  H  N N 135 
GOL HO3  H  N N 136 
HIS N    N  N N 137 
HIS CA   C  N S 138 
HIS C    C  N N 139 
HIS O    O  N N 140 
HIS CB   C  N N 141 
HIS CG   C  Y N 142 
HIS ND1  N  Y N 143 
HIS CD2  C  Y N 144 
HIS CE1  C  Y N 145 
HIS NE2  N  Y N 146 
HIS OXT  O  N N 147 
HIS H    H  N N 148 
HIS H2   H  N N 149 
HIS HA   H  N N 150 
HIS HB2  H  N N 151 
HIS HB3  H  N N 152 
HIS HD1  H  N N 153 
HIS HD2  H  N N 154 
HIS HE1  H  N N 155 
HIS HE2  H  N N 156 
HIS HXT  H  N N 157 
HOH O    O  N N 158 
HOH H1   H  N N 159 
HOH H2   H  N N 160 
ILE N    N  N N 161 
ILE CA   C  N S 162 
ILE C    C  N N 163 
ILE O    O  N N 164 
ILE CB   C  N S 165 
ILE CG1  C  N N 166 
ILE CG2  C  N N 167 
ILE CD1  C  N N 168 
ILE OXT  O  N N 169 
ILE H    H  N N 170 
ILE H2   H  N N 171 
ILE HA   H  N N 172 
ILE HB   H  N N 173 
ILE HG12 H  N N 174 
ILE HG13 H  N N 175 
ILE HG21 H  N N 176 
ILE HG22 H  N N 177 
ILE HG23 H  N N 178 
ILE HD11 H  N N 179 
ILE HD12 H  N N 180 
ILE HD13 H  N N 181 
ILE HXT  H  N N 182 
LEU N    N  N N 183 
LEU CA   C  N S 184 
LEU C    C  N N 185 
LEU O    O  N N 186 
LEU CB   C  N N 187 
LEU CG   C  N N 188 
LEU CD1  C  N N 189 
LEU CD2  C  N N 190 
LEU OXT  O  N N 191 
LEU H    H  N N 192 
LEU H2   H  N N 193 
LEU HA   H  N N 194 
LEU HB2  H  N N 195 
LEU HB3  H  N N 196 
LEU HG   H  N N 197 
LEU HD11 H  N N 198 
LEU HD12 H  N N 199 
LEU HD13 H  N N 200 
LEU HD21 H  N N 201 
LEU HD22 H  N N 202 
LEU HD23 H  N N 203 
LEU HXT  H  N N 204 
LYS N    N  N N 205 
LYS CA   C  N S 206 
LYS C    C  N N 207 
LYS O    O  N N 208 
LYS CB   C  N N 209 
LYS CG   C  N N 210 
LYS CD   C  N N 211 
LYS CE   C  N N 212 
LYS NZ   N  N N 213 
LYS OXT  O  N N 214 
LYS H    H  N N 215 
LYS H2   H  N N 216 
LYS HA   H  N N 217 
LYS HB2  H  N N 218 
LYS HB3  H  N N 219 
LYS HG2  H  N N 220 
LYS HG3  H  N N 221 
LYS HD2  H  N N 222 
LYS HD3  H  N N 223 
LYS HE2  H  N N 224 
LYS HE3  H  N N 225 
LYS HZ1  H  N N 226 
LYS HZ2  H  N N 227 
LYS HZ3  H  N N 228 
LYS HXT  H  N N 229 
MET N    N  N N 230 
MET CA   C  N S 231 
MET C    C  N N 232 
MET O    O  N N 233 
MET CB   C  N N 234 
MET CG   C  N N 235 
MET SD   S  N N 236 
MET CE   C  N N 237 
MET OXT  O  N N 238 
MET H    H  N N 239 
MET H2   H  N N 240 
MET HA   H  N N 241 
MET HB2  H  N N 242 
MET HB3  H  N N 243 
MET HG2  H  N N 244 
MET HG3  H  N N 245 
MET HE1  H  N N 246 
MET HE2  H  N N 247 
MET HE3  H  N N 248 
MET HXT  H  N N 249 
PHE N    N  N N 250 
PHE CA   C  N S 251 
PHE C    C  N N 252 
PHE O    O  N N 253 
PHE CB   C  N N 254 
PHE CG   C  Y N 255 
PHE CD1  C  Y N 256 
PHE CD2  C  Y N 257 
PHE CE1  C  Y N 258 
PHE CE2  C  Y N 259 
PHE CZ   C  Y N 260 
PHE OXT  O  N N 261 
PHE H    H  N N 262 
PHE H2   H  N N 263 
PHE HA   H  N N 264 
PHE HB2  H  N N 265 
PHE HB3  H  N N 266 
PHE HD1  H  N N 267 
PHE HD2  H  N N 268 
PHE HE1  H  N N 269 
PHE HE2  H  N N 270 
PHE HZ   H  N N 271 
PHE HXT  H  N N 272 
PRO N    N  N N 273 
PRO CA   C  N S 274 
PRO C    C  N N 275 
PRO O    O  N N 276 
PRO CB   C  N N 277 
PRO CG   C  N N 278 
PRO CD   C  N N 279 
PRO OXT  O  N N 280 
PRO H    H  N N 281 
PRO HA   H  N N 282 
PRO HB2  H  N N 283 
PRO HB3  H  N N 284 
PRO HG2  H  N N 285 
PRO HG3  H  N N 286 
PRO HD2  H  N N 287 
PRO HD3  H  N N 288 
PRO HXT  H  N N 289 
SER N    N  N N 290 
SER CA   C  N S 291 
SER C    C  N N 292 
SER O    O  N N 293 
SER CB   C  N N 294 
SER OG   O  N N 295 
SER OXT  O  N N 296 
SER H    H  N N 297 
SER H2   H  N N 298 
SER HA   H  N N 299 
SER HB2  H  N N 300 
SER HB3  H  N N 301 
SER HG   H  N N 302 
SER HXT  H  N N 303 
SO4 S    S  N N 304 
SO4 O1   O  N N 305 
SO4 O2   O  N N 306 
SO4 O3   O  N N 307 
SO4 O4   O  N N 308 
THR N    N  N N 309 
THR CA   C  N S 310 
THR C    C  N N 311 
THR O    O  N N 312 
THR CB   C  N R 313 
THR OG1  O  N N 314 
THR CG2  C  N N 315 
THR OXT  O  N N 316 
THR H    H  N N 317 
THR H2   H  N N 318 
THR HA   H  N N 319 
THR HB   H  N N 320 
THR HG1  H  N N 321 
THR HG21 H  N N 322 
THR HG22 H  N N 323 
THR HG23 H  N N 324 
THR HXT  H  N N 325 
TRP N    N  N N 326 
TRP CA   C  N S 327 
TRP C    C  N N 328 
TRP O    O  N N 329 
TRP CB   C  N N 330 
TRP CG   C  Y N 331 
TRP CD1  C  Y N 332 
TRP CD2  C  Y N 333 
TRP NE1  N  Y N 334 
TRP CE2  C  Y N 335 
TRP CE3  C  Y N 336 
TRP CZ2  C  Y N 337 
TRP CZ3  C  Y N 338 
TRP CH2  C  Y N 339 
TRP OXT  O  N N 340 
TRP H    H  N N 341 
TRP H2   H  N N 342 
TRP HA   H  N N 343 
TRP HB2  H  N N 344 
TRP HB3  H  N N 345 
TRP HD1  H  N N 346 
TRP HE1  H  N N 347 
TRP HE3  H  N N 348 
TRP HZ2  H  N N 349 
TRP HZ3  H  N N 350 
TRP HH2  H  N N 351 
TRP HXT  H  N N 352 
TYR N    N  N N 353 
TYR CA   C  N S 354 
TYR C    C  N N 355 
TYR O    O  N N 356 
TYR CB   C  N N 357 
TYR CG   C  Y N 358 
TYR CD1  C  Y N 359 
TYR CD2  C  Y N 360 
TYR CE1  C  Y N 361 
TYR CE2  C  Y N 362 
TYR CZ   C  Y N 363 
TYR OH   O  N N 364 
TYR OXT  O  N N 365 
TYR H    H  N N 366 
TYR H2   H  N N 367 
TYR HA   H  N N 368 
TYR HB2  H  N N 369 
TYR HB3  H  N N 370 
TYR HD1  H  N N 371 
TYR HD2  H  N N 372 
TYR HE1  H  N N 373 
TYR HE2  H  N N 374 
TYR HH   H  N N 375 
TYR HXT  H  N N 376 
VAL N    N  N N 377 
VAL CA   C  N S 378 
VAL C    C  N N 379 
VAL O    O  N N 380 
VAL CB   C  N N 381 
VAL CG1  C  N N 382 
VAL CG2  C  N N 383 
VAL OXT  O  N N 384 
VAL H    H  N N 385 
VAL H2   H  N N 386 
VAL HA   H  N N 387 
VAL HB   H  N N 388 
VAL HG11 H  N N 389 
VAL HG12 H  N N 390 
VAL HG13 H  N N 391 
VAL HG21 H  N N 392 
VAL HG22 H  N N 393 
VAL HG23 H  N N 394 
VAL HXT  H  N N 395 
WC5 C4   C  Y N 396 
WC5 C2   C  Y N 397 
WC5 C1   C  N N 398 
WC5 C3   C  Y N 399 
WC5 C5   C  Y N 400 
WC5 C14  C  N N 401 
WC5 N1   N  Y N 402 
WC5 C12  C  N N 403 
WC5 O1   O  N N 404 
WC5 C10  C  N N 405 
WC5 C8   C  N N 406 
WC5 C6   C  N N 407 
WC5 C7   C  N N 408 
WC5 C9   C  N N 409 
WC5 C11  C  N N 410 
WC5 C13  C  N N 411 
WC5 O2   O  N N 412 
WC5 C15  C  N N 413 
WC5 F3   F  N N 414 
WC5 F1   F  N N 415 
WC5 F2   F  N N 416 
WC5 C16  C  N N 417 
WC5 C17  C  N N 418 
WC5 C18  C  N N 419 
WC5 C19  C  N N 420 
WC5 C20  C  N N 421 
WC5 C21  C  N N 422 
WC5 C22  C  N N 423 
WC5 C23  C  N N 424 
WC5 C24  C  N N 425 
WC5 C25  C  N N 426 
WC5 C26  C  N N 427 
WC5 C27  C  N N 428 
WC5 C28  C  N N 429 
WC5 C29  C  N N 430 
WC5 C30  C  N N 431 
WC5 C31  C  N N 432 
WC5 C32  C  N N 433 
WC5 N2   N  N N 434 
WC5 N3   N  N R 435 
WC5 N4   N  N N 436 
WC5 O3   O  N N 437 
WC5 O4   O  N N 438 
WC5 F4   F  N N 439 
WC5 F5   F  N N 440 
WC5 F6   F  N N 441 
WC5 FE1  FE N N 442 
WC5 H1   H  N N 443 
WC5 H2   H  N N 444 
WC5 H3   H  N N 445 
WC5 H4   H  N N 446 
WC5 H5   H  N N 447 
WC5 H6   H  N N 448 
WC5 H7   H  N N 449 
WC5 H8   H  N N 450 
WC5 H9   H  N N 451 
WC5 H10  H  N N 452 
WC5 H11  H  N N 453 
WC5 H12  H  N N 454 
WC5 H13  H  N N 455 
WC5 H14  H  N N 456 
WC5 H15  H  N N 457 
WC5 H16  H  N N 458 
WC5 H17  H  N N 459 
WC5 H18  H  N N 460 
WC5 H19  H  N N 461 
WC5 H20  H  N N 462 
WC5 H21  H  N N 463 
WC5 H22  H  N N 464 
WC5 H23  H  N N 465 
WC5 H24  H  N N 466 
WC5 H25  H  N N 467 
WC5 H26  H  N N 468 
# 
loop_
_chem_comp_bond.comp_id 
_chem_comp_bond.atom_id_1 
_chem_comp_bond.atom_id_2 
_chem_comp_bond.value_order 
_chem_comp_bond.pdbx_aromatic_flag 
_chem_comp_bond.pdbx_stereo_config 
_chem_comp_bond.pdbx_ordinal 
ALA N   CA   sing N N 1   
ALA N   H    sing N N 2   
ALA N   H2   sing N N 3   
ALA CA  C    sing N N 4   
ALA CA  CB   sing N N 5   
ALA CA  HA   sing N N 6   
ALA C   O    doub N N 7   
ALA C   OXT  sing N N 8   
ALA CB  HB1  sing N N 9   
ALA CB  HB2  sing N N 10  
ALA CB  HB3  sing N N 11  
ALA OXT HXT  sing N N 12  
ARG N   CA   sing N N 13  
ARG N   H    sing N N 14  
ARG N   H2   sing N N 15  
ARG CA  C    sing N N 16  
ARG CA  CB   sing N N 17  
ARG CA  HA   sing N N 18  
ARG C   O    doub N N 19  
ARG C   OXT  sing N N 20  
ARG CB  CG   sing N N 21  
ARG CB  HB2  sing N N 22  
ARG CB  HB3  sing N N 23  
ARG CG  CD   sing N N 24  
ARG CG  HG2  sing N N 25  
ARG CG  HG3  sing N N 26  
ARG CD  NE   sing N N 27  
ARG CD  HD2  sing N N 28  
ARG CD  HD3  sing N N 29  
ARG NE  CZ   sing N N 30  
ARG NE  HE   sing N N 31  
ARG CZ  NH1  sing N N 32  
ARG CZ  NH2  doub N N 33  
ARG NH1 HH11 sing N N 34  
ARG NH1 HH12 sing N N 35  
ARG NH2 HH21 sing N N 36  
ARG NH2 HH22 sing N N 37  
ARG OXT HXT  sing N N 38  
ASN N   CA   sing N N 39  
ASN N   H    sing N N 40  
ASN N   H2   sing N N 41  
ASN CA  C    sing N N 42  
ASN CA  CB   sing N N 43  
ASN CA  HA   sing N N 44  
ASN C   O    doub N N 45  
ASN C   OXT  sing N N 46  
ASN CB  CG   sing N N 47  
ASN CB  HB2  sing N N 48  
ASN CB  HB3  sing N N 49  
ASN CG  OD1  doub N N 50  
ASN CG  ND2  sing N N 51  
ASN ND2 HD21 sing N N 52  
ASN ND2 HD22 sing N N 53  
ASN OXT HXT  sing N N 54  
ASP N   CA   sing N N 55  
ASP N   H    sing N N 56  
ASP N   H2   sing N N 57  
ASP CA  C    sing N N 58  
ASP CA  CB   sing N N 59  
ASP CA  HA   sing N N 60  
ASP C   O    doub N N 61  
ASP C   OXT  sing N N 62  
ASP CB  CG   sing N N 63  
ASP CB  HB2  sing N N 64  
ASP CB  HB3  sing N N 65  
ASP CG  OD1  doub N N 66  
ASP CG  OD2  sing N N 67  
ASP OD2 HD2  sing N N 68  
ASP OXT HXT  sing N N 69  
GLN N   CA   sing N N 70  
GLN N   H    sing N N 71  
GLN N   H2   sing N N 72  
GLN CA  C    sing N N 73  
GLN CA  CB   sing N N 74  
GLN CA  HA   sing N N 75  
GLN C   O    doub N N 76  
GLN C   OXT  sing N N 77  
GLN CB  CG   sing N N 78  
GLN CB  HB2  sing N N 79  
GLN CB  HB3  sing N N 80  
GLN CG  CD   sing N N 81  
GLN CG  HG2  sing N N 82  
GLN CG  HG3  sing N N 83  
GLN CD  OE1  doub N N 84  
GLN CD  NE2  sing N N 85  
GLN NE2 HE21 sing N N 86  
GLN NE2 HE22 sing N N 87  
GLN OXT HXT  sing N N 88  
GLU N   CA   sing N N 89  
GLU N   H    sing N N 90  
GLU N   H2   sing N N 91  
GLU CA  C    sing N N 92  
GLU CA  CB   sing N N 93  
GLU CA  HA   sing N N 94  
GLU C   O    doub N N 95  
GLU C   OXT  sing N N 96  
GLU CB  CG   sing N N 97  
GLU CB  HB2  sing N N 98  
GLU CB  HB3  sing N N 99  
GLU CG  CD   sing N N 100 
GLU CG  HG2  sing N N 101 
GLU CG  HG3  sing N N 102 
GLU CD  OE1  doub N N 103 
GLU CD  OE2  sing N N 104 
GLU OE2 HE2  sing N N 105 
GLU OXT HXT  sing N N 106 
GLY N   CA   sing N N 107 
GLY N   H    sing N N 108 
GLY N   H2   sing N N 109 
GLY CA  C    sing N N 110 
GLY CA  HA2  sing N N 111 
GLY CA  HA3  sing N N 112 
GLY C   O    doub N N 113 
GLY C   OXT  sing N N 114 
GLY OXT HXT  sing N N 115 
GOL C1  O1   sing N N 116 
GOL C1  C2   sing N N 117 
GOL C1  H11  sing N N 118 
GOL C1  H12  sing N N 119 
GOL O1  HO1  sing N N 120 
GOL C2  O2   sing N N 121 
GOL C2  C3   sing N N 122 
GOL C2  H2   sing N N 123 
GOL O2  HO2  sing N N 124 
GOL C3  O3   sing N N 125 
GOL C3  H31  sing N N 126 
GOL C3  H32  sing N N 127 
GOL O3  HO3  sing N N 128 
HIS N   CA   sing N N 129 
HIS N   H    sing N N 130 
HIS N   H2   sing N N 131 
HIS CA  C    sing N N 132 
HIS CA  CB   sing N N 133 
HIS CA  HA   sing N N 134 
HIS C   O    doub N N 135 
HIS C   OXT  sing N N 136 
HIS CB  CG   sing N N 137 
HIS CB  HB2  sing N N 138 
HIS CB  HB3  sing N N 139 
HIS CG  ND1  sing Y N 140 
HIS CG  CD2  doub Y N 141 
HIS ND1 CE1  doub Y N 142 
HIS ND1 HD1  sing N N 143 
HIS CD2 NE2  sing Y N 144 
HIS CD2 HD2  sing N N 145 
HIS CE1 NE2  sing Y N 146 
HIS CE1 HE1  sing N N 147 
HIS NE2 HE2  sing N N 148 
HIS OXT HXT  sing N N 149 
HOH O   H1   sing N N 150 
HOH O   H2   sing N N 151 
ILE N   CA   sing N N 152 
ILE N   H    sing N N 153 
ILE N   H2   sing N N 154 
ILE CA  C    sing N N 155 
ILE CA  CB   sing N N 156 
ILE CA  HA   sing N N 157 
ILE C   O    doub N N 158 
ILE C   OXT  sing N N 159 
ILE CB  CG1  sing N N 160 
ILE CB  CG2  sing N N 161 
ILE CB  HB   sing N N 162 
ILE CG1 CD1  sing N N 163 
ILE CG1 HG12 sing N N 164 
ILE CG1 HG13 sing N N 165 
ILE CG2 HG21 sing N N 166 
ILE CG2 HG22 sing N N 167 
ILE CG2 HG23 sing N N 168 
ILE CD1 HD11 sing N N 169 
ILE CD1 HD12 sing N N 170 
ILE CD1 HD13 sing N N 171 
ILE OXT HXT  sing N N 172 
LEU N   CA   sing N N 173 
LEU N   H    sing N N 174 
LEU N   H2   sing N N 175 
LEU CA  C    sing N N 176 
LEU CA  CB   sing N N 177 
LEU CA  HA   sing N N 178 
LEU C   O    doub N N 179 
LEU C   OXT  sing N N 180 
LEU CB  CG   sing N N 181 
LEU CB  HB2  sing N N 182 
LEU CB  HB3  sing N N 183 
LEU CG  CD1  sing N N 184 
LEU CG  CD2  sing N N 185 
LEU CG  HG   sing N N 186 
LEU CD1 HD11 sing N N 187 
LEU CD1 HD12 sing N N 188 
LEU CD1 HD13 sing N N 189 
LEU CD2 HD21 sing N N 190 
LEU CD2 HD22 sing N N 191 
LEU CD2 HD23 sing N N 192 
LEU OXT HXT  sing N N 193 
LYS N   CA   sing N N 194 
LYS N   H    sing N N 195 
LYS N   H2   sing N N 196 
LYS CA  C    sing N N 197 
LYS CA  CB   sing N N 198 
LYS CA  HA   sing N N 199 
LYS C   O    doub N N 200 
LYS C   OXT  sing N N 201 
LYS CB  CG   sing N N 202 
LYS CB  HB2  sing N N 203 
LYS CB  HB3  sing N N 204 
LYS CG  CD   sing N N 205 
LYS CG  HG2  sing N N 206 
LYS CG  HG3  sing N N 207 
LYS CD  CE   sing N N 208 
LYS CD  HD2  sing N N 209 
LYS CD  HD3  sing N N 210 
LYS CE  NZ   sing N N 211 
LYS CE  HE2  sing N N 212 
LYS CE  HE3  sing N N 213 
LYS NZ  HZ1  sing N N 214 
LYS NZ  HZ2  sing N N 215 
LYS NZ  HZ3  sing N N 216 
LYS OXT HXT  sing N N 217 
MET N   CA   sing N N 218 
MET N   H    sing N N 219 
MET N   H2   sing N N 220 
MET CA  C    sing N N 221 
MET CA  CB   sing N N 222 
MET CA  HA   sing N N 223 
MET C   O    doub N N 224 
MET C   OXT  sing N N 225 
MET CB  CG   sing N N 226 
MET CB  HB2  sing N N 227 
MET CB  HB3  sing N N 228 
MET CG  SD   sing N N 229 
MET CG  HG2  sing N N 230 
MET CG  HG3  sing N N 231 
MET SD  CE   sing N N 232 
MET CE  HE1  sing N N 233 
MET CE  HE2  sing N N 234 
MET CE  HE3  sing N N 235 
MET OXT HXT  sing N N 236 
PHE N   CA   sing N N 237 
PHE N   H    sing N N 238 
PHE N   H2   sing N N 239 
PHE CA  C    sing N N 240 
PHE CA  CB   sing N N 241 
PHE CA  HA   sing N N 242 
PHE C   O    doub N N 243 
PHE C   OXT  sing N N 244 
PHE CB  CG   sing N N 245 
PHE CB  HB2  sing N N 246 
PHE CB  HB3  sing N N 247 
PHE CG  CD1  doub Y N 248 
PHE CG  CD2  sing Y N 249 
PHE CD1 CE1  sing Y N 250 
PHE CD1 HD1  sing N N 251 
PHE CD2 CE2  doub Y N 252 
PHE CD2 HD2  sing N N 253 
PHE CE1 CZ   doub Y N 254 
PHE CE1 HE1  sing N N 255 
PHE CE2 CZ   sing Y N 256 
PHE CE2 HE2  sing N N 257 
PHE CZ  HZ   sing N N 258 
PHE OXT HXT  sing N N 259 
PRO N   CA   sing N N 260 
PRO N   CD   sing N N 261 
PRO N   H    sing N N 262 
PRO CA  C    sing N N 263 
PRO CA  CB   sing N N 264 
PRO CA  HA   sing N N 265 
PRO C   O    doub N N 266 
PRO C   OXT  sing N N 267 
PRO CB  CG   sing N N 268 
PRO CB  HB2  sing N N 269 
PRO CB  HB3  sing N N 270 
PRO CG  CD   sing N N 271 
PRO CG  HG2  sing N N 272 
PRO CG  HG3  sing N N 273 
PRO CD  HD2  sing N N 274 
PRO CD  HD3  sing N N 275 
PRO OXT HXT  sing N N 276 
SER N   CA   sing N N 277 
SER N   H    sing N N 278 
SER N   H2   sing N N 279 
SER CA  C    sing N N 280 
SER CA  CB   sing N N 281 
SER CA  HA   sing N N 282 
SER C   O    doub N N 283 
SER C   OXT  sing N N 284 
SER CB  OG   sing N N 285 
SER CB  HB2  sing N N 286 
SER CB  HB3  sing N N 287 
SER OG  HG   sing N N 288 
SER OXT HXT  sing N N 289 
SO4 S   O1   doub N N 290 
SO4 S   O2   doub N N 291 
SO4 S   O3   sing N N 292 
SO4 S   O4   sing N N 293 
THR N   CA   sing N N 294 
THR N   H    sing N N 295 
THR N   H2   sing N N 296 
THR CA  C    sing N N 297 
THR CA  CB   sing N N 298 
THR CA  HA   sing N N 299 
THR C   O    doub N N 300 
THR C   OXT  sing N N 301 
THR CB  OG1  sing N N 302 
THR CB  CG2  sing N N 303 
THR CB  HB   sing N N 304 
THR OG1 HG1  sing N N 305 
THR CG2 HG21 sing N N 306 
THR CG2 HG22 sing N N 307 
THR CG2 HG23 sing N N 308 
THR OXT HXT  sing N N 309 
TRP N   CA   sing N N 310 
TRP N   H    sing N N 311 
TRP N   H2   sing N N 312 
TRP CA  C    sing N N 313 
TRP CA  CB   sing N N 314 
TRP CA  HA   sing N N 315 
TRP C   O    doub N N 316 
TRP C   OXT  sing N N 317 
TRP CB  CG   sing N N 318 
TRP CB  HB2  sing N N 319 
TRP CB  HB3  sing N N 320 
TRP CG  CD1  doub Y N 321 
TRP CG  CD2  sing Y N 322 
TRP CD1 NE1  sing Y N 323 
TRP CD1 HD1  sing N N 324 
TRP CD2 CE2  doub Y N 325 
TRP CD2 CE3  sing Y N 326 
TRP NE1 CE2  sing Y N 327 
TRP NE1 HE1  sing N N 328 
TRP CE2 CZ2  sing Y N 329 
TRP CE3 CZ3  doub Y N 330 
TRP CE3 HE3  sing N N 331 
TRP CZ2 CH2  doub Y N 332 
TRP CZ2 HZ2  sing N N 333 
TRP CZ3 CH2  sing Y N 334 
TRP CZ3 HZ3  sing N N 335 
TRP CH2 HH2  sing N N 336 
TRP OXT HXT  sing N N 337 
TYR N   CA   sing N N 338 
TYR N   H    sing N N 339 
TYR N   H2   sing N N 340 
TYR CA  C    sing N N 341 
TYR CA  CB   sing N N 342 
TYR CA  HA   sing N N 343 
TYR C   O    doub N N 344 
TYR C   OXT  sing N N 345 
TYR CB  CG   sing N N 346 
TYR CB  HB2  sing N N 347 
TYR CB  HB3  sing N N 348 
TYR CG  CD1  doub Y N 349 
TYR CG  CD2  sing Y N 350 
TYR CD1 CE1  sing Y N 351 
TYR CD1 HD1  sing N N 352 
TYR CD2 CE2  doub Y N 353 
TYR CD2 HD2  sing N N 354 
TYR CE1 CZ   doub Y N 355 
TYR CE1 HE1  sing N N 356 
TYR CE2 CZ   sing Y N 357 
TYR CE2 HE2  sing N N 358 
TYR CZ  OH   sing N N 359 
TYR OH  HH   sing N N 360 
TYR OXT HXT  sing N N 361 
VAL N   CA   sing N N 362 
VAL N   H    sing N N 363 
VAL N   H2   sing N N 364 
VAL CA  C    sing N N 365 
VAL CA  CB   sing N N 366 
VAL CA  HA   sing N N 367 
VAL C   O    doub N N 368 
VAL C   OXT  sing N N 369 
VAL CB  CG1  sing N N 370 
VAL CB  CG2  sing N N 371 
VAL CB  HB   sing N N 372 
VAL CG1 HG11 sing N N 373 
VAL CG1 HG12 sing N N 374 
VAL CG1 HG13 sing N N 375 
VAL CG2 HG21 sing N N 376 
VAL CG2 HG22 sing N N 377 
VAL CG2 HG23 sing N N 378 
VAL OXT HXT  sing N N 379 
WC5 F2  C22  sing N N 380 
WC5 C21 C3   sing N N 381 
WC5 O2  C29  doub N N 382 
WC5 C26 C19  sing N N 383 
WC5 F6  C25  sing N N 384 
WC5 C3  C2   doub Y N 385 
WC5 C3  C4   sing Y N 386 
WC5 C1  C2   sing N N 387 
WC5 C1  C20  doub N N 388 
WC5 C19 C20  sing N N 389 
WC5 C19 C18  doub N N 390 
WC5 F1  C22  sing N N 391 
WC5 C22 C4   sing N N 392 
WC5 C22 F3   sing N N 393 
WC5 C2  N1   sing Y N 394 
WC5 C20 N4   sing N N 395 
WC5 C4  C5   doub Y N 396 
WC5 C18 C25  sing N N 397 
WC5 C18 C17  sing N N 398 
WC5 C25 F4   sing N N 399 
WC5 C25 F5   sing N N 400 
WC5 N4  C17  doub N N 401 
WC5 N4  FE1  sing N N 402 
WC5 C29 O1   sing N N 403 
WC5 C29 C28  sing N N 404 
WC5 N1  C5   sing Y N 405 
WC5 N1  FE1  sing N N 406 
WC5 C5  C6   sing N N 407 
WC5 C17 C16  sing N N 408 
WC5 FE1 N3   sing N N 409 
WC5 FE1 N2   sing N N 410 
WC5 C16 C15  doub N N 411 
WC5 C6  C7   doub N N 412 
WC5 N3  C15  sing N N 413 
WC5 N3  C12  sing N N 414 
WC5 C15 C14  sing N N 415 
WC5 C7  N2   sing N N 416 
WC5 C7  C8   sing N N 417 
WC5 N2  C10  doub N N 418 
WC5 C28 C27  sing N N 419 
WC5 C14 C24  sing N N 420 
WC5 C14 C13  doub N N 421 
WC5 C12 C11  doub N N 422 
WC5 C12 C13  sing N N 423 
WC5 C10 C11  sing N N 424 
WC5 C10 C9   sing N N 425 
WC5 C8  C23  sing N N 426 
WC5 C8  C9   doub N N 427 
WC5 C13 C30  sing N N 428 
WC5 C9  C27  sing N N 429 
WC5 C30 C31  sing N N 430 
WC5 C31 C32  sing N N 431 
WC5 C32 O4   doub N N 432 
WC5 C32 O3   sing N N 433 
WC5 C1  H1   sing N N 434 
WC5 O1  H2   sing N N 435 
WC5 C6  H3   sing N N 436 
WC5 C11 H4   sing N N 437 
WC5 C16 H5   sing N N 438 
WC5 C21 H6   sing N N 439 
WC5 C21 H7   sing N N 440 
WC5 C21 H8   sing N N 441 
WC5 C23 H9   sing N N 442 
WC5 C23 H10  sing N N 443 
WC5 C23 H11  sing N N 444 
WC5 C24 H12  sing N N 445 
WC5 C24 H13  sing N N 446 
WC5 C24 H14  sing N N 447 
WC5 C26 H15  sing N N 448 
WC5 C26 H16  sing N N 449 
WC5 C26 H17  sing N N 450 
WC5 C27 H18  sing N N 451 
WC5 C27 H19  sing N N 452 
WC5 C28 H20  sing N N 453 
WC5 C28 H21  sing N N 454 
WC5 C30 H22  sing N N 455 
WC5 C30 H23  sing N N 456 
WC5 C31 H24  sing N N 457 
WC5 C31 H25  sing N N 458 
WC5 O3  H26  sing N N 459 
# 
loop_
_pdbx_audit_support.funding_organization 
_pdbx_audit_support.country 
_pdbx_audit_support.grant_number 
_pdbx_audit_support.ordinal 
'Japan Society for the Promotion of Science (JSPS)' Japan JP15H05804 1  
'Japan Society for the Promotion of Science (JSPS)' Japan JP18KK0156 2  
'Japan Society for the Promotion of Science (JSPS)' Japan JP20H02755 3  
'Japan Society for the Promotion of Science (JSPS)' Japan JP20H00403 4  
'Japan Society for the Promotion of Science (JSPS)' Japan JP20KK0315 5  
'Japan Society for the Promotion of Science (JSPS)' Japan JP22H05364 6  
'Japan Society for the Promotion of Science (JSPS)' Japan JP22K21348 7  
'Japan Society for the Promotion of Science (JSPS)' Japan JP23H03832 8  
'Japan Science and Technology'                      Japan JPMJPR15S2 9  
'Japan Science and Technology'                      Japan JPMJPR22A3 10 
'Japan Society for the Promotion of Science (JSPS)' Japan JP21J20563 11 
# 
_pdbx_initial_refinement_model.id               1 
_pdbx_initial_refinement_model.entity_id_list   1 
_pdbx_initial_refinement_model.type             'experimental model' 
_pdbx_initial_refinement_model.source_name      PDB 
_pdbx_initial_refinement_model.accession_code   1DWR 
_pdbx_initial_refinement_model.details          ? 
# 
_pdbx_serial_crystallography_sample_delivery.diffrn_id     1 
_pdbx_serial_crystallography_sample_delivery.description   ? 
_pdbx_serial_crystallography_sample_delivery.method        'fixed target' 
# 
_atom_sites.entry_id                    8WF5 
_atom_sites.Cartn_transf_matrix[1][1]   ? 
_atom_sites.Cartn_transf_matrix[1][2]   ? 
_atom_sites.Cartn_transf_matrix[1][3]   ? 
_atom_sites.Cartn_transf_matrix[2][1]   ? 
_atom_sites.Cartn_transf_matrix[2][2]   ? 
_atom_sites.Cartn_transf_matrix[2][3]   ? 
_atom_sites.Cartn_transf_matrix[3][1]   ? 
_atom_sites.Cartn_transf_matrix[3][2]   ? 
_atom_sites.Cartn_transf_matrix[3][3]   ? 
_atom_sites.Cartn_transf_vector[1]      ? 
_atom_sites.Cartn_transf_vector[2]      ? 
_atom_sites.Cartn_transf_vector[3]      ? 
_atom_sites.Cartn_transform_axes        ? 
_atom_sites.fract_transf_matrix[1][1]   -0.00912840 
_atom_sites.fract_transf_matrix[1][2]   0.01760184 
_atom_sites.fract_transf_matrix[1][3]   -0.02174434 
_atom_sites.fract_transf_matrix[2][1]   0.00639146 
_atom_sites.fract_transf_matrix[2][2]   0.02784720 
_atom_sites.fract_transf_matrix[2][3]   0.01985887 
_atom_sites.fract_transf_matrix[3][1]   0.01330581 
_atom_sites.fract_transf_matrix[3][2]   0.00325024 
_atom_sites.fract_transf_matrix[3][3]   -0.00884006 
_atom_sites.fract_transf_vector[1]      0.004078 
_atom_sites.fract_transf_vector[2]      -0.036558 
_atom_sites.fract_transf_vector[3]      0.254190 
_atom_sites.solution_primary            ? 
_atom_sites.solution_secondary          ? 
_atom_sites.solution_hydrogens          ? 
_atom_sites.special_details             ? 
# 
loop_
_atom_type.symbol 
_atom_type.pdbx_scat_Z 
_atom_type.pdbx_N_electrons 
_atom_type.scat_Cromer_Mann_a1 
_atom_type.scat_Cromer_Mann_b1 
_atom_type.scat_Cromer_Mann_a2 
_atom_type.scat_Cromer_Mann_b2 
_atom_type.scat_Cromer_Mann_a3 
_atom_type.scat_Cromer_Mann_b3 
_atom_type.scat_Cromer_Mann_a4 
_atom_type.scat_Cromer_Mann_b4 
_atom_type.scat_Cromer_Mann_c 
C  6  6  2.3103  20.8439 1.0201 10.2075 1.5888 0.5687  0.8651 51.6512 0.2156   
F  9  9  3.5395  10.2825 2.6414 4.2944  1.5171 0.2615  1.0244 26.1476 0.3057   
FE 26 26 11.7738 4.7611  7.3600 0.3072  3.5235 15.3535 2.3054 76.8805 1.2657   
H  1  1  0.4930  10.5109 0.3229 26.1257 0.1402 3.1424  0.0408 57.7997 0.0030   
N  7  7  12.2220 0.0057  3.1346 9.8933  2.0141 28.9975 1.1672 0.5826  -11.5379 
O  8  8  3.0487  13.2771 2.2870 5.7011  1.5464 0.3239  0.8671 32.9089 0.2508   
S  16 16 6.9054  1.4679  5.2035 22.2151 1.4379 0.2536  1.5863 56.1720 1.0555   
# 
loop_
_atom_site.group_PDB 
_atom_site.id 
_atom_site.type_symbol 
_atom_site.label_atom_id 
_atom_site.label_alt_id 
_atom_site.label_comp_id 
_atom_site.label_asym_id 
_atom_site.label_entity_id 
_atom_site.label_seq_id 
_atom_site.pdbx_PDB_ins_code 
_atom_site.Cartn_x 
_atom_site.Cartn_y 
_atom_site.Cartn_z 
_atom_site.occupancy 
_atom_site.B_iso_or_equiv 
_atom_site.pdbx_formal_charge 
_atom_site.auth_seq_id 
_atom_site.auth_comp_id 
_atom_site.auth_asym_id 
_atom_site.auth_atom_id 
_atom_site.pdbx_PDB_model_num 
_atom_site.calc_flag 
ATOM   1    N  N   . GLY A 1 1   ? -5.958  -12.255 11.810  1.000 43.735 0 1   GLY A N   1 ? 
ATOM   2    C  CA  . GLY A 1 1   ? -6.127  -13.718 11.914  1.000 37.870 0 1   GLY A CA  1 ? 
ATOM   3    C  C   . GLY A 1 1   ? -5.304  -14.467 10.865  1.000 30.045 0 1   GLY A C   1 ? 
ATOM   4    O  O   . GLY A 1 1   ? -5.836  -15.303 10.150  1.000 31.704 0 1   GLY A O   1 ? 
ATOM   5    N  N   . LEU A 1 2   ? -4.005  -14.160 10.775  1.000 22.810 0 2   LEU A N   1 ? 
ATOM   6    C  CA  . LEU A 1 2   ? -3.099  -14.954 9.964   1.000 20.279 0 2   LEU A CA  1 ? 
ATOM   7    C  C   . LEU A 1 2   ? -2.451  -15.981 10.869  1.000 19.475 0 2   LEU A C   1 ? 
ATOM   8    O  O   . LEU A 1 2   ? -2.219  -15.681 12.027  1.000 20.750 0 2   LEU A O   1 ? 
ATOM   9    C  CB  . LEU A 1 2   ? -2.034  -14.057 9.328   1.000 17.903 0 2   LEU A CB  1 ? 
ATOM   10   C  CG  . LEU A 1 2   ? -2.464  -13.371 8.034   1.000 16.443 0 2   LEU A CG  1 ? 
ATOM   11   C  CD1 . LEU A 1 2   ? -3.474  -12.281 8.316   1.000 15.690 0 2   LEU A CD1 1 ? 
ATOM   12   C  CD2 . LEU A 1 2   ? -1.264  -12.813 7.267   1.000 17.651 0 2   LEU A CD2 1 ? 
ATOM   13   N  N   . SER A 1 3   ? -2.189  -17.171 10.335  1.000 18.780 0 3   SER A N   1 ? 
ATOM   14   C  CA  . SER A 1 3   ? -1.365  -18.160 11.016  1.000 18.328 0 3   SER A CA  1 ? 
ATOM   15   C  C   . SER A 1 3   ? 0.090   -17.716 11.035  1.000 19.864 0 3   SER A C   1 ? 
ATOM   16   O  O   . SER A 1 3   ? 0.477   -16.782 10.325  1.000 17.668 0 3   SER A O   1 ? 
ATOM   17   C  CB  . SER A 1 3   ? -1.480  -19.501 10.350  1.000 18.138 0 3   SER A CB  1 ? 
ATOM   18   O  OG  . SER A 1 3   ? -0.814  -19.498 9.109   1.000 18.818 0 3   SER A OG  1 ? 
ATOM   19   N  N   . ASP A 1 4   ? 0.892   -18.428 11.833  1.000 22.405 0 4   ASP A N   1 ? 
ATOM   20   C  CA  . ASP A 1 4   ? 2.332   -18.213 11.859  1.000 23.633 0 4   ASP A CA  1 ? 
ATOM   21   C  C   . ASP A 1 4   ? 2.919   -18.463 10.477  1.000 21.401 0 4   ASP A C   1 ? 
ATOM   22   O  O   . ASP A 1 4   ? 3.756   -17.689 10.014  1.000 20.036 0 4   ASP A O   1 ? 
ATOM   23   C  CB  . ASP A 1 4   ? 3.016   -19.114 12.889  1.000 29.655 0 4   ASP A CB  1 ? 
ATOM   24   C  CG  . ASP A 1 4   ? 2.539   -18.830 14.304  1.000 34.437 0 4   ASP A CG  1 ? 
ATOM   25   O  OD1 . ASP A 1 4   ? 2.366   -17.637 14.635  1.000 37.921 0 4   ASP A OD1 1 ? 
ATOM   26   O  OD2 . ASP A 1 4   ? 2.332   -19.803 15.065  1.000 44.568 0 4   ASP A OD2 1 ? 
ATOM   27   N  N   . GLY A 1 5   ? 2.471   -19.527 9.804   1.000 19.557 0 5   GLY A N   1 ? 
ATOM   28   C  CA  . GLY A 1 5   ? 3.010   -19.846 8.491   1.000 18.780 0 5   GLY A CA  1 ? 
ATOM   29   C  C   . GLY A 1 5   ? 2.715   -18.744 7.464   1.000 16.885 0 5   GLY A C   1 ? 
ATOM   30   O  O   . GLY A 1 5   ? 3.559   -18.453 6.620   1.000 14.985 0 5   GLY A O   1 ? 
ATOM   31   N  N   . GLU A 1 6   ? 1.506   -18.172 7.543   1.000 16.248 0 6   GLU A N   1 ? 
ATOM   32   C  CA  . GLU A 1 6   ? 1.066   -17.096 6.667   1.000 15.540 0 6   GLU A CA  1 ? 
ATOM   33   C  C   . GLU A 1 6   ? 1.901   -15.828 6.925   1.000 15.226 0 6   GLU A C   1 ? 
ATOM   34   O  O   . GLU A 1 6   ? 2.406   -15.202 5.986   1.000 12.830 0 6   GLU A O   1 ? 
ATOM   35   C  CB  . GLU A 1 6   ? -0.438  -16.892 6.879   1.000 17.429 0 6   GLU A CB  1 ? 
ATOM   36   C  CG  . GLU A 1 6   ? -1.276  -17.937 6.160   1.000 18.950 0 6   GLU A CG  1 ? 
ATOM   37   C  CD  . GLU A 1 6   ? -2.759  -17.927 6.485   1.000 21.197 0 6   GLU A CD  1 ? 
ATOM   38   O  OE1 . GLU A 1 6   ? -3.144  -17.337 7.523   1.000 22.188 0 6   GLU A OE1 1 ? 
ATOM   39   O  OE2 . GLU A 1 6   ? -3.547  -18.490 5.667   1.000 21.025 0 6   GLU A OE2 1 ? 
ATOM   40   N  N   . TRP A 1 7   ? 2.093   -15.442 8.195   1.000 15.457 0 7   TRP A N   1 ? 
ATOM   41   C  CA  . TRP A 1 7   ? 2.945   -14.288 8.472   1.000 13.383 0 7   TRP A CA  1 ? 
ATOM   42   C  C   . TRP A 1 7   ? 4.356   -14.499 7.934   1.000 14.230 0 7   TRP A C   1 ? 
ATOM   43   O  O   . TRP A 1 7   ? 4.978   -13.561 7.415   1.000 14.928 0 7   TRP A O   1 ? 
ATOM   44   C  CB  . TRP A 1 7   ? 3.010   -13.974 9.967   1.000 13.707 0 7   TRP A CB  1 ? 
ATOM   45   C  CG  . TRP A 1 7   ? 1.789   -13.256 10.457  1.000 13.833 0 7   TRP A CG  1 ? 
ATOM   46   C  CD1 . TRP A 1 7   ? 0.909   -13.649 11.431  1.000 14.303 0 7   TRP A CD1 1 ? 
ATOM   47   C  CD2 . TRP A 1 7   ? 1.329   -11.973 9.975   1.000 13.871 0 7   TRP A CD2 1 ? 
ATOM   48   N  NE1 . TRP A 1 7   ? -0.071  -12.700 11.595  1.000 15.042 0 7   TRP A NE1 1 ? 
ATOM   49   C  CE2 . TRP A 1 7   ? 0.160   -11.669 10.709  1.000 14.100 0 7   TRP A CE2 1 ? 
ATOM   50   C  CE3 . TRP A 1 7   ? 1.784   -11.069 9.004   1.000 14.378 0 7   TRP A CE3 1 ? 
ATOM   51   C  CZ2 . TRP A 1 7   ? -0.552  -10.490 10.481  1.000 14.475 0 7   TRP A CZ2 1 ? 
ATOM   52   C  CZ3 . TRP A 1 7   ? 1.082   -9.901  8.788   1.000 13.385 0 7   TRP A CZ3 1 ? 
ATOM   53   C  CH2 . TRP A 1 7   ? -0.084  -9.631  9.507   1.000 14.703 0 7   TRP A CH2 1 ? 
ATOM   54   N  N   . GLN A 1 8   ? 4.887   -15.730 8.050   1.000 14.175 0 8   GLN A N   1 ? 
ATOM   55   C  CA  . GLN A 1 8   ? 6.229   -15.998 7.544   1.000 15.567 0 8   GLN A CA  1 ? 
ATOM   56   C  C   . GLN A 1 8   ? 6.300   -15.799 6.028   1.000 14.670 0 8   GLN A C   1 ? 
ATOM   57   O  O   . GLN A 1 8   ? 7.265   -15.209 5.520   1.000 14.171 0 8   GLN A O   1 ? 
ATOM   58   C  CB  . GLN A 1 8   ? 6.696   -17.394 7.964   1.000 18.137 0 8   GLN A CB  1 ? 
ATOM   59   C  CG  . GLN A 1 8   ? 8.084   -17.740 7.440   1.000 21.923 0 8   GLN A CG  1 ? 
ATOM   60   C  CD  . GLN A 1 8   ? 8.541   -19.078 7.981   1.000 26.206 0 8   GLN A CD  1 ? 
ATOM   61   O  OE1 . GLN A 1 8   ? 7.884   -20.092 7.785   1.000 26.717 0 8   GLN A OE1 1 ? 
ATOM   62   N  NE2 . GLN A 1 8   ? 9.681   -19.097 8.652   1.000 30.505 0 8   GLN A NE2 1 ? 
ATOM   63   N  N   . GLN A 1 9   ? 5.269   -16.262 5.305   1.000 15.168 0 9   GLN A N   1 ? 
ATOM   64   C  CA  . GLN A 1 9   ? 5.157   -16.000 3.877   1.000 16.956 0 9   GLN A CA  1 ? 
ATOM   65   C  C   . GLN A 1 9   ? 5.096   -14.494 3.594   1.000 14.485 0 9   GLN A C   1 ? 
ATOM   66   O  O   . GLN A 1 9   ? 5.717   -14.008 2.655   1.000 14.443 0 9   GLN A O   1 ? 
ATOM   67   C  CB  . GLN A 1 9   ? 3.922   -16.719 3.295   1.000 20.581 0 9   GLN A CB  1 ? 
ATOM   68   C  CG  . GLN A 1 9   ? 4.178   -18.156 2.838   1.000 27.692 0 9   GLN A CG  1 ? 
ATOM   69   C  CD  . GLN A 1 9   ? 4.799   -18.213 1.454   1.000 34.066 0 9   GLN A CD  1 ? 
ATOM   70   O  OE1 . GLN A 1 9   ? 4.395   -19.003 0.607   1.000 42.710 0 9   GLN A OE1 1 ? 
ATOM   71   N  NE2 . GLN A 1 9   ? 5.799   -17.384 1.198   1.000 39.290 0 9   GLN A NE2 1 ? 
ATOM   72   N  N   . VAL A 1 10  ? 4.288   -13.745 4.345   1.000 12.978 0 10  VAL A N   1 ? 
ATOM   73   C  CA  . VAL A 1 10  ? 4.185   -12.297 4.129   1.000 13.163 0 10  VAL A CA  1 ? 
ATOM   74   C  C   . VAL A 1 10  ? 5.569   -11.636 4.216   1.000 11.721 0 10  VAL A C   1 ? 
ATOM   75   O  O   . VAL A 1 10  ? 5.929   -10.778 3.405   1.000 11.798 0 10  VAL A O   1 ? 
ATOM   76   C  CB  . VAL A 1 10  ? 3.176   -11.653 5.109   1.000 13.093 0 10  VAL A CB  1 ? 
ATOM   77   C  CG1 . VAL A 1 10  ? 3.152   -10.141 5.021   1.000 13.534 0 10  VAL A CG1 1 ? 
ATOM   78   C  CG2 . VAL A 1 10  ? 1.765   -12.184 4.876   1.000 14.456 0 10  VAL A CG2 1 ? 
ATOM   79   N  N   . LEU A 1 11  ? 6.318   -11.924 5.285   1.000 11.869 0 11  LEU A N   1 ? 
ATOM   80   C  CA  . LEU A 1 11  ? 7.568   -11.232 5.526   1.000 12.807 0 11  LEU A CA  1 ? 
ATOM   81   C  C   . LEU A 1 11  ? 8.653   -11.745 4.583   1.000 14.270 0 11  LEU A C   1 ? 
ATOM   82   O  O   . LEU A 1 11  ? 9.580   -10.992 4.286   1.000 13.037 0 11  LEU A O   1 ? 
ATOM   83   C  CB  . LEU A 1 11  ? 7.889   -11.315 7.028   1.000 13.754 0 11  LEU A CB  1 ? 
ATOM   84   C  CG  . LEU A 1 11  ? 6.845   -10.616 7.923   1.000 14.110 0 11  LEU A CG  1 ? 
ATOM   85   C  CD1 . LEU A 1 11  ? 7.227   -10.650 9.398   1.000 15.281 0 11  LEU A CD1 1 ? 
ATOM   86   C  CD2 . LEU A 1 11  ? 6.643   -9.161  7.485   1.000 14.983 0 11  LEU A CD2 1 ? 
ATOM   87   N  N   . ASN A 1 12  ? 8.493   -12.961 4.044   1.000 15.359 0 12  ASN A N   1 ? 
ATOM   88   C  CA  . ASN A 1 12  ? 9.403   -13.455 3.012   1.000 15.161 0 12  ASN A CA  1 ? 
ATOM   89   C  C   . ASN A 1 12  ? 9.193   -12.679 1.707   1.000 15.230 0 12  ASN A C   1 ? 
ATOM   90   O  O   . ASN A 1 12  ? 10.166  -12.196 1.126   1.000 15.546 0 12  ASN A O   1 ? 
ATOM   91   C  CB  . ASN A 1 12  ? 9.270   -14.958 2.776   1.000 17.182 0 12  ASN A CB  1 ? 
ATOM   92   C  CG  . ASN A 1 12  ? 10.255  -15.448 1.744   1.000 20.783 0 12  ASN A CG  1 ? 
ATOM   93   O  OD1 . ASN A 1 12  ? 9.891   -15.742 0.618   1.000 25.926 0 12  ASN A OD1 1 ? 
ATOM   94   N  ND2 . ASN A 1 12  ? 11.520  -15.455 2.107   1.000 23.976 0 12  ASN A ND2 1 ? 
ATOM   95   N  N   . VAL A 1 13  ? 7.925   -12.505 1.296   1.000 15.076 0 13  VAL A N   1 ? 
ATOM   96   C  CA  . VAL A 1 13  ? 7.589   -11.670 0.143   1.000 16.887 0 13  VAL A CA  1 ? 
ATOM   97   C  C   . VAL A 1 13  ? 8.115   -10.250 0.357   1.000 17.291 0 13  VAL A C   1 ? 
ATOM   98   O  O   . VAL A 1 13  ? 8.712   -9.653  -0.547  1.000 17.583 0 13  VAL A O   1 ? 
ATOM   99   C  CB  . VAL A 1 13  ? 6.069   -11.660 -0.141  1.000 18.983 0 13  VAL A CB  1 ? 
ATOM   100  C  CG1 . VAL A 1 13  ? 5.678   -10.588 -1.145  1.000 19.648 0 13  VAL A CG1 1 ? 
ATOM   101  C  CG2 . VAL A 1 13  ? 5.587   -13.021 -0.609  1.000 21.355 0 13  VAL A CG2 1 ? 
ATOM   102  N  N   . TRP A 1 14  ? 7.925   -9.722  1.564   1.000 17.272 0 14  TRP A N   1 ? 
ATOM   103  C  CA  . TRP A 1 14  ? 8.303   -8.340  1.826   1.000 16.594 0 14  TRP A CA  1 ? 
ATOM   104  C  C   . TRP A 1 14  ? 9.809   -8.152  1.659   1.000 16.639 0 14  TRP A C   1 ? 
ATOM   105  O  O   . TRP A 1 14  ? 10.259  -7.069  1.306   1.000 17.839 0 14  TRP A O   1 ? 
ATOM   106  C  CB  . TRP A 1 14  ? 7.866   -7.894  3.218   1.000 17.541 0 14  TRP A CB  1 ? 
ATOM   107  C  CG  . TRP A 1 14  ? 7.870   -6.398  3.300   1.000 18.832 0 14  TRP A CG  1 ? 
ATOM   108  C  CD1 . TRP A 1 14  ? 8.777   -5.608  3.934   1.000 22.360 0 14  TRP A CD1 1 ? 
ATOM   109  C  CD2 . TRP A 1 14  ? 6.960   -5.512  2.615   1.000 18.459 0 14  TRP A CD2 1 ? 
ATOM   110  N  NE1 . TRP A 1 14  ? 8.471   -4.292  3.732   1.000 21.765 0 14  TRP A NE1 1 ? 
ATOM   111  C  CE2 . TRP A 1 14  ? 7.369   -4.203  2.929   1.000 19.902 0 14  TRP A CE2 1 ? 
ATOM   112  C  CE3 . TRP A 1 14  ? 5.846   -5.708  1.796   1.000 20.038 0 14  TRP A CE3 1 ? 
ATOM   113  C  CZ2 . TRP A 1 14  ? 6.699   -3.091  2.438   1.000 21.446 0 14  TRP A CZ2 1 ? 
ATOM   114  C  CZ3 . TRP A 1 14  ? 5.189   -4.603  1.294   1.000 23.574 0 14  TRP A CZ3 1 ? 
ATOM   115  C  CH2 . TRP A 1 14  ? 5.617   -3.317  1.619   1.000 20.997 0 14  TRP A CH2 1 ? 
ATOM   116  N  N   . GLY A 1 15  ? 10.595  -9.205  1.923   1.000 17.415 0 15  GLY A N   1 ? 
ATOM   117  C  CA  . GLY A 1 15  ? 12.024  -9.204  1.625   1.000 17.447 0 15  GLY A CA  1 ? 
ATOM   118  C  C   . GLY A 1 15  ? 12.354  -8.736  0.204   1.000 18.284 0 15  GLY A C   1 ? 
ATOM   119  O  O   . GLY A 1 15  ? 13.368  -8.062  -0.038  1.000 18.480 0 15  GLY A O   1 ? 
ATOM   120  N  N   . LYS A 1 16  ? 11.519  -9.175  -0.745  1.000 18.992 0 16  LYS A N   1 ? 
ATOM   121  C  CA  . LYS A 1 16  ? 11.648  -8.820  -2.145  1.000 19.355 0 16  LYS A CA  1 ? 
ATOM   122  C  C   . LYS A 1 16  ? 11.485  -7.322  -2.346  1.000 15.937 0 16  LYS A C   1 ? 
ATOM   123  O  O   . LYS A 1 16  ? 12.261  -6.705  -3.069  1.000 17.593 0 16  LYS A O   1 ? 
ATOM   124  C  CB  . LYS A 1 16  ? 10.656  -9.620  -3.001  1.000 19.571 0 16  LYS A CB  1 ? 
ATOM   125  C  CG  . LYS A 1 16  ? 10.724  -11.126 -2.793  1.000 23.214 0 16  LYS A CG  1 ? 
ATOM   126  C  CD  . LYS A 1 16  ? 9.851   -11.895 -3.766  1.000 27.081 0 16  LYS A CD  1 ? 
ATOM   127  C  CE  . LYS A 1 16  ? 10.339  -13.302 -4.027  1.000 30.029 0 16  LYS A CE  1 ? 
ATOM   128  N  NZ  . LYS A 1 16  ? 10.054  -14.227 -2.915  1.000 34.350 0 16  LYS A NZ  1 ? 
ATOM   129  N  N   . VAL A 1 17  ? 10.479  -6.736  -1.711  1.000 14.196 0 17  VAL A N   1 ? 
ATOM   130  C  CA  . VAL A 1 17  ? 10.216  -5.310  -1.787  1.000 15.266 0 17  VAL A CA  1 ? 
ATOM   131  C  C   . VAL A 1 17  ? 11.385  -4.512  -1.211  1.000 15.678 0 17  VAL A C   1 ? 
ATOM   132  O  O   . VAL A 1 17  ? 11.753  -3.466  -1.751  1.000 19.245 0 17  VAL A O   1 ? 
ATOM   133  C  CB  . VAL A 1 17  ? 8.924   -4.973  -1.006  1.000 16.197 0 17  VAL A CB  1 ? 
ATOM   134  C  CG1 . VAL A 1 17  ? 8.660   -3.482  -0.952  1.000 16.544 0 17  VAL A CG1 1 ? 
ATOM   135  C  CG2 . VAL A 1 17  ? 7.732   -5.745  -1.569  1.000 16.459 0 17  VAL A CG2 1 ? 
ATOM   136  N  N   . GLU A 1 18  ? 11.952  -5.008  -0.105  1.000 16.276 0 18  GLU A N   1 ? 
ATOM   137  C  CA  . GLU A 1 18  ? 12.974  -4.277  0.616   1.000 18.861 0 18  GLU A CA  1 ? 
ATOM   138  C  C   . GLU A 1 18  ? 14.277  -4.178  -0.167  1.000 18.070 0 18  GLU A C   1 ? 
ATOM   139  O  O   . GLU A 1 18  ? 15.074  -3.285  0.122   1.000 18.428 0 18  GLU A O   1 ? 
ATOM   140  C  CB  . GLU A 1 18  ? 13.247  -4.923  1.970   1.000 21.359 0 18  GLU A CB  1 ? 
ATOM   141  C  CG  . GLU A 1 18  ? 12.125  -4.663  2.942   1.000 23.064 0 18  GLU A CG  1 ? 
ATOM   142  C  CD  . GLU A 1 18  ? 12.347  -5.191  4.352   1.000 29.205 0 18  GLU A CD  1 ? 
ATOM   143  O  OE1 . GLU A 1 18  ? 13.143  -6.124  4.523   1.000 30.658 0 18  GLU A OE1 1 ? 
ATOM   144  O  OE2 . GLU A 1 18  ? 11.718  -4.658  5.267   1.000 28.330 0 18  GLU A OE2 1 ? 
ATOM   145  N  N   . ALA A 1 19  ? 14.506  -5.083  -1.121  1.000 18.732 0 19  ALA A N   1 ? 
ATOM   146  C  CA  . ALA A 1 19  ? 15.717  -5.009  -1.936  1.000 19.869 0 19  ALA A CA  1 ? 
ATOM   147  C  C   . ALA A 1 19  ? 15.642  -3.818  -2.891  1.000 17.542 0 19  ALA A C   1 ? 
ATOM   148  O  O   . ALA A 1 19  ? 16.681  -3.362  -3.381  1.000 17.667 0 19  ALA A O   1 ? 
ATOM   149  C  CB  . ALA A 1 19  ? 15.939  -6.298  -2.678  1.000 19.914 0 19  ALA A CB  1 ? 
ATOM   150  N  N   . ASP A 1 20  ? 14.423  -3.315  -3.166  1.000 17.902 0 20  ASP A N   1 ? 
ATOM   151  C  CA  . ASP A 1 20  ? 14.289  -2.081  -3.942  1.000 18.314 0 20  ASP A CA  1 ? 
ATOM   152  C  C   . ASP A 1 20  ? 12.994  -1.361  -3.576  1.000 19.354 0 20  ASP A C   1 ? 
ATOM   153  O  O   . ASP A 1 20  ? 12.010  -1.368  -4.322  1.000 19.050 0 20  ASP A O   1 ? 
ATOM   154  C  CB  . ASP A 1 20  ? 14.325  -2.341  -5.450  1.000 18.790 0 20  ASP A CB  1 ? 
ATOM   155  C  CG  . ASP A 1 20  ? 14.182  -1.106  -6.335  1.000 20.270 0 20  ASP A CG  1 ? 
ATOM   156  O  OD1 . ASP A 1 20  ? 14.343  0.040   -5.826  1.000 21.567 0 20  ASP A OD1 1 ? 
ATOM   157  O  OD2 . ASP A 1 20  ? 13.885  -1.303  -7.523  1.000 23.432 0 20  ASP A OD2 1 ? 
ATOM   158  N  N   . ILE A 1 21  ? 13.040  -0.678  -2.439  1.000 20.126 0 21  ILE A N   1 ? 
ATOM   159  C  CA  . ILE A 1 21  ? 11.852  -0.090  -1.846  1.000 20.375 0 21  ILE A CA  1 ? 
ATOM   160  C  C   . ILE A 1 21  ? 11.322  1.048   -2.724  1.000 20.518 0 21  ILE A C   1 ? 
ATOM   161  O  O   . ILE A 1 21  ? 10.104  1.176   -2.909  1.000 17.605 0 21  ILE A O   1 ? 
ATOM   162  C  CB  . ILE A 1 21  ? 12.198  0.403   -0.432  1.000 24.306 0 21  ILE A CB  1 ? 
ATOM   163  C  CG1 . ILE A 1 21  ? 10.937  0.734   0.350   1.000 28.789 0 21  ILE A CG1 1 ? 
ATOM   164  C  CG2 . ILE A 1 21  ? 13.154  1.576   -0.477  1.000 27.493 0 21  ILE A CG2 1 ? 
ATOM   165  C  CD1 . ILE A 1 21  ? 10.370  -0.490  0.982   1.000 28.618 0 21  ILE A CD1 1 ? 
ATOM   166  N  N   . ALA A 1 22  ? 12.239  1.852   -3.281  1.000 22.236 0 22  ALA A N   1 ? 
ATOM   167  C  CA  . ALA A 1 22  ? 11.855  2.992   -4.102  1.000 22.344 0 22  ALA A CA  1 ? 
ATOM   168  C  C   . ALA A 1 22  ? 11.239  2.534   -5.438  1.000 21.811 0 22  ALA A C   1 ? 
ATOM   169  O  O   . ALA A 1 22  ? 10.252  3.112   -5.905  1.000 20.523 0 22  ALA A O   1 ? 
ATOM   170  C  CB  . ALA A 1 22  ? 13.057  3.897   -4.293  1.000 24.792 0 22  ALA A CB  1 ? 
ATOM   171  N  N   . GLY A 1 23  ? 11.819  1.506   -6.060  1.000 18.349 0 23  GLY A N   1 ? 
ATOM   172  C  CA  . GLY A 1 23  ? 11.346  0.965   -7.322  1.000 17.808 0 23  GLY A CA  1 ? 
ATOM   173  C  C   . GLY A 1 23  ? 9.952   0.370   -7.183  1.000 17.031 0 23  GLY A C   1 ? 
ATOM   174  O  O   . GLY A 1 23  ? 9.055   0.653   -7.973  1.000 17.120 0 23  GLY A O   1 ? 
ATOM   175  N  N   . HIS A 1 24  ? 9.770   -0.408  -6.115  1.000 15.726 0 24  HIS A N   1 ? 
ATOM   176  C  CA  . HIS A 1 24  ? 8.467   -0.966  -5.820  1.000 13.900 0 24  HIS A CA  1 ? 
ATOM   177  C  C   . HIS A 1 24  ? 7.471   0.141   -5.484  1.000 14.066 0 24  HIS A C   1 ? 
ATOM   178  O  O   . HIS A 1 24  ? 6.315   0.036   -5.890  1.000 13.655 0 24  HIS A O   1 ? 
ATOM   179  C  CB  . HIS A 1 24  ? 8.516   -2.016  -4.706  1.000 13.906 0 24  HIS A CB  1 ? 
ATOM   180  C  CG  . HIS A 1 24  ? 9.114   -3.328  -5.109  1.000 13.815 0 24  HIS A CG  1 ? 
ATOM   181  N  ND1 . HIS A 1 24  ? 10.484  -3.446  -5.205  1.000 13.485 0 24  HIS A ND1 1 ? 
ATOM   182  C  CD2 . HIS A 1 24  ? 8.620   -4.544  -5.325  1.000 13.760 0 24  HIS A CD2 1 ? 
ATOM   183  C  CE1 . HIS A 1 24  ? 10.784  -4.692  -5.549  1.000 13.086 0 24  HIS A CE1 1 ? 
ATOM   184  N  NE2 . HIS A 1 24  ? 9.674   -5.374  -5.652  1.000 14.548 0 24  HIS A NE2 1 ? 
ATOM   185  N  N   . GLY A 1 25  ? 7.875   1.138   -4.679  1.000 14.477 0 25  GLY A N   1 ? 
ATOM   186  C  CA  . GLY A 1 25  ? 6.946   2.183   -4.256  1.000 15.808 0 25  GLY A CA  1 ? 
ATOM   187  C  C   . GLY A 1 25  ? 6.459   2.990   -5.457  1.000 16.254 0 25  GLY A C   1 ? 
ATOM   188  O  O   . GLY A 1 25  ? 5.274   3.300   -5.600  1.000 16.446 0 25  GLY A O   1 ? 
ATOM   189  N  N   . GLN A 1 26  ? 7.395   3.297   -6.344  1.000 19.196 0 26  GLN A N   1 ? 
ATOM   190  C  CA  . GLN A 1 26  ? 7.091   4.061   -7.536  1.000 18.620 0 26  GLN A CA  1 ? 
ATOM   191  C  C   . GLN A 1 26  ? 6.073   3.318   -8.393  1.000 17.637 0 26  GLN A C   1 ? 
ATOM   192  O  O   . GLN A 1 26  ? 5.087   3.913   -8.825  1.000 18.040 0 26  GLN A O   1 ? 
ATOM   193  C  CB  . GLN A 1 26  ? 8.368   4.289   -8.331  1.000 22.490 0 26  GLN A CB  1 ? 
ATOM   194  C  CG  . GLN A 1 26  ? 8.137   4.948   -9.678  1.000 26.160 0 26  GLN A CG  1 ? 
ATOM   195  C  CD  . GLN A 1 26  ? 9.423   5.045   -10.459 1.000 30.520 0 26  GLN A CD  1 ? 
ATOM   196  O  OE1 . GLN A 1 26  ? 9.932   6.135   -10.710 1.000 37.302 0 26  GLN A OE1 1 ? 
ATOM   197  N  NE2 . GLN A 1 26  ? 9.944   3.893   -10.852 1.000 31.459 0 26  GLN A NE2 1 ? 
ATOM   198  N  N   . GLU A 1 27  ? 6.324   2.020   -8.630  1.000 16.669 0 27  GLU A N   1 ? 
ATOM   199  C  CA  . GLU A 1 27  ? 5.478   1.228   -9.507  1.000 17.986 0 27  GLU A CA  1 ? 
ATOM   200  C  C   . GLU A 1 27  ? 4.097   1.075   -8.872  1.000 16.272 0 27  GLU A C   1 ? 
ATOM   201  O  O   . GLU A 1 27  ? 3.095   1.067   -9.582  1.000 17.532 0 27  GLU A O   1 ? 
ATOM   202  C  CB  . GLU A 1 27  ? 6.047   -0.149  -9.826  1.000 19.108 0 27  GLU A CB  1 ? 
ATOM   203  C  CG  . GLU A 1 27  ? 7.163   -0.113  -10.867 1.000 24.364 0 27  GLU A CG  1 ? 
ATOM   204  C  CD  . GLU A 1 27  ? 7.598   -1.475  -11.405 1.000 29.159 0 27  GLU A CD  1 ? 
ATOM   205  O  OE1 . GLU A 1 27  ? 6.717   -2.376  -11.571 1.000 31.129 0 27  GLU A OE1 1 ? 
ATOM   206  O  OE2 . GLU A 1 27  ? 8.833   -1.621  -11.709 1.000 34.527 0 27  GLU A OE2 1 ? 
ATOM   207  N  N   . VAL A 1 28  ? 4.032   0.937   -7.546  1.000 14.351 0 28  VAL A N   1 ? 
ATOM   208  C  CA  . VAL A 1 28  ? 2.721   0.849   -6.899  1.000 13.493 0 28  VAL A CA  1 ? 
ATOM   209  C  C   . VAL A 1 28  ? 1.932   2.139   -7.133  1.000 12.894 0 28  VAL A C   1 ? 
ATOM   210  O  O   . VAL A 1 28  ? 0.771   2.102   -7.528  1.000 14.571 0 28  VAL A O   1 ? 
ATOM   211  C  CB  . VAL A 1 28  ? 2.859   0.541   -5.391  1.000 13.457 0 28  VAL A CB  1 ? 
ATOM   212  C  CG1 . VAL A 1 28  ? 1.568   0.762   -4.615  1.000 13.377 0 28  VAL A CG1 1 ? 
ATOM   213  C  CG2 . VAL A 1 28  ? 3.364   -0.877  -5.158  1.000 14.700 0 28  VAL A CG2 1 ? 
ATOM   214  N  N   . LEU A 1 29  ? 2.550   3.284   -6.875  1.000 12.488 0 29  LEU A N   1 ? 
ATOM   215  C  CA  . LEU A 1 29  ? 1.815   4.530   -6.978  1.000 13.348 0 29  LEU A CA  1 ? 
ATOM   216  C  C   . LEU A 1 29  ? 1.439   4.781   -8.442  1.000 14.414 0 29  LEU A C   1 ? 
ATOM   217  O  O   . LEU A 1 29  ? 0.337   5.256   -8.708  1.000 15.751 0 29  LEU A O   1 ? 
ATOM   218  C  CB  . LEU A 1 29  ? 2.640   5.688   -6.432  1.000 13.664 0 29  LEU A CB  1 ? 
ATOM   219  C  CG  . LEU A 1 29  ? 2.944   5.663   -4.933  1.000 14.248 0 29  LEU A CG  1 ? 
ATOM   220  C  CD1 . LEU A 1 29  ? 3.873   6.795   -4.577  1.000 14.715 0 29  LEU A CD1 1 ? 
ATOM   221  C  CD2 . LEU A 1 29  ? 1.666   5.746   -4.122  1.000 14.967 0 29  LEU A CD2 1 ? 
ATOM   222  N  N   . ILE A 1 30  ? 2.335   4.471   -9.391  1.000 15.086 0 30  ILE A N   1 ? 
ATOM   223  C  CA  . ILE A 1 30  ? 1.983   4.679   -10.789 1.000 16.120 0 30  ILE A CA  1 ? 
ATOM   224  C  C   . ILE A 1 30  ? 0.802   3.791   -11.183 1.000 16.274 0 30  ILE A C   1 ? 
ATOM   225  O  O   . ILE A 1 30  ? -0.088  4.250   -11.921 1.000 17.774 0 30  ILE A O   1 ? 
ATOM   226  C  CB  . ILE A 1 30  ? 3.217   4.516   -11.698 1.000 17.236 0 30  ILE A CB  1 ? 
ATOM   227  C  CG1 . ILE A 1 30  ? 4.170   5.701   -11.529 1.000 17.028 0 30  ILE A CG1 1 ? 
ATOM   228  C  CG2 . ILE A 1 30  ? 2.779   4.341   -13.151 1.000 18.872 0 30  ILE A CG2 1 ? 
ATOM   229  C  CD1 . ILE A 1 30  ? 5.458   5.609   -12.308 1.000 18.593 0 30  ILE A CD1 1 ? 
ATOM   230  N  N   . ARG A 1 31  ? 0.794   2.522   -10.724 1.000 15.459 0 31  ARG A N   1 ? 
ATOM   231  C  CA  . ARG A 1 31  ? -0.284  1.588   -10.995 1.000 16.901 0 31  ARG A CA  1 ? 
ATOM   232  C  C   . ARG A 1 31  ? -1.584  2.171   -10.432 1.000 15.956 0 31  ARG A C   1 ? 
ATOM   233  O  O   . ARG A 1 31  ? -2.620  2.146   -11.103 1.000 16.307 0 31  ARG A O   1 ? 
ATOM   234  C  CB  . ARG A 1 31  ? 0.048   0.209   -10.409 1.000 19.444 0 31  ARG A CB  1 ? 
ATOM   235  C  CG  . ARG A 1 31  ? -1.048  -0.842  -10.529 1.000 21.635 0 31  ARG A CG  1 ? 
ATOM   236  C  CD  . ARG A 1 31  ? -1.151  -1.372  -11.940 1.000 24.467 0 31  ARG A CD  1 ? 
ATOM   237  N  NE  . ARG A 1 31  ? -2.231  -2.335  -12.018 1.000 26.228 0 31  ARG A NE  1 ? 
ATOM   238  C  CZ  . ARG A 1 31  ? -2.641  -2.902  -13.144 1.000 29.325 0 31  ARG A CZ  1 ? 
ATOM   239  N  NH1 . ARG A 1 31  ? -2.018  -2.630  -14.276 1.000 27.096 0 31  ARG A NH1 1 ? 
ATOM   240  N  NH2 . ARG A 1 31  ? -3.683  -3.711  -13.127 1.000 30.755 0 31  ARG A NH2 1 ? 
ATOM   241  N  N   . LEU A 1 32  ? -1.542  2.681   -9.201  1.000 14.240 0 32  LEU A N   1 ? 
ATOM   242  C  CA  . LEU A 1 32  ? -2.716  3.303   -8.571  1.000 13.755 0 32  LEU A CA  1 ? 
ATOM   243  C  C   . LEU A 1 32  ? -3.234  4.517   -9.353  1.000 14.245 0 32  LEU A C   1 ? 
ATOM   244  O  O   . LEU A 1 32  ? -4.434  4.623   -9.631  1.000 13.292 0 32  LEU A O   1 ? 
ATOM   245  C  CB  . LEU A 1 32  ? -2.332  3.710   -7.139  1.000 14.168 0 32  LEU A CB  1 ? 
ATOM   246  C  CG  . LEU A 1 32  ? -3.408  4.401   -6.307  1.000 14.850 0 32  LEU A CG  1 ? 
ATOM   247  C  CD1 . LEU A 1 32  ? -4.523  3.439   -5.931  1.000 15.290 0 32  LEU A CD1 1 ? 
ATOM   248  C  CD2 . LEU A 1 32  ? -2.799  5.014   -5.067  1.000 15.807 0 32  LEU A CD2 1 ? 
ATOM   249  N  N   . PHE A 1 33  ? -2.335  5.436   -9.700  1.000 14.013 0 33  PHE A N   1 ? 
ATOM   250  C  CA  . PHE A 1 33  ? -2.719  6.690   -10.343 1.000 15.510 0 33  PHE A CA  1 ? 
ATOM   251  C  C   . PHE A 1 33  ? -3.209  6.463   -11.772 1.000 16.465 0 33  PHE A C   1 ? 
ATOM   252  O  O   . PHE A 1 33  ? -4.121  7.144   -12.217 1.000 17.907 0 33  PHE A O   1 ? 
ATOM   253  C  CB  . PHE A 1 33  ? -1.527  7.640   -10.388 1.000 14.696 0 33  PHE A CB  1 ? 
ATOM   254  C  CG  . PHE A 1 33  ? -1.052  8.149   -9.059  1.000 14.889 0 33  PHE A CG  1 ? 
ATOM   255  C  CD1 . PHE A 1 33  ? -1.860  8.128   -7.930  1.000 15.529 0 33  PHE A CD1 1 ? 
ATOM   256  C  CD2 . PHE A 1 33  ? 0.223   8.665   -8.945  1.000 15.068 0 33  PHE A CD2 1 ? 
ATOM   257  C  CE1 . PHE A 1 33  ? -1.389  8.592   -6.708  1.000 16.243 0 33  PHE A CE1 1 ? 
ATOM   258  C  CE2 . PHE A 1 33  ? 0.687   9.137   -7.726  1.000 16.865 0 33  PHE A CE2 1 ? 
ATOM   259  C  CZ  . PHE A 1 33  ? -0.126  9.110   -6.612  1.000 16.380 0 33  PHE A CZ  1 ? 
ATOM   260  N  N   . THR A 1 34  ? -2.592  5.542   -12.506 1.000 16.463 0 34  THR A N   1 ? 
ATOM   261  C  CA  . THR A 1 34  ? -2.998  5.325   -13.893 1.000 18.989 0 34  THR A CA  1 ? 
ATOM   262  C  C   . THR A 1 34  ? -4.303  4.539   -13.939 1.000 20.436 0 34  THR A C   1 ? 
ATOM   263  O  O   . THR A 1 34  ? -5.155  4.792   -14.800 1.000 20.505 0 34  THR A O   1 ? 
ATOM   264  C  CB  . THR A 1 34  ? -1.878  4.683   -14.728 1.000 19.356 0 34  THR A CB  1 ? 
ATOM   265  O  OG1 . THR A 1 34  ? -1.537  3.410   -14.182 1.000 20.864 0 34  THR A OG1 1 ? 
ATOM   266  C  CG2 . THR A 1 34  ? -0.655  5.559   -14.823 1.000 21.385 0 34  THR A CG2 1 ? 
ATOM   267  N  N   . GLY A 1 35  ? -4.474  3.591   -13.018 1.000 17.836 0 35  GLY A N   1 ? 
ATOM   268  C  CA  . GLY A 1 35  ? -5.686  2.806   -12.930 1.000 18.650 0 35  GLY A CA  1 ? 
ATOM   269  C  C   . GLY A 1 35  ? -6.874  3.580   -12.356 1.000 19.012 0 35  GLY A C   1 ? 
ATOM   270  O  O   . GLY A 1 35  ? -8.022  3.337   -12.732 1.000 19.077 0 35  GLY A O   1 ? 
ATOM   271  N  N   . HIS A 1 36  ? -6.592  4.549   -11.474 1.000 15.905 0 36  HIS A N   1 ? 
ATOM   272  C  CA  . HIS A 1 36  ? -7.633  5.300   -10.777 1.000 16.090 0 36  HIS A CA  1 ? 
ATOM   273  C  C   . HIS A 1 36  ? -7.237  6.770   -10.682 1.000 16.599 0 36  HIS A C   1 ? 
ATOM   274  O  O   . HIS A 1 36  ? -6.772  7.246   -9.648  1.000 16.216 0 36  HIS A O   1 ? 
ATOM   275  C  CB  . HIS A 1 36  ? -7.872  4.698   -9.387  1.000 15.890 0 36  HIS A CB  1 ? 
ATOM   276  C  CG  . HIS A 1 36  ? -7.981  3.219   -9.406  1.000 17.812 0 36  HIS A CG  1 ? 
ATOM   277  N  ND1 . HIS A 1 36  ? -9.188  2.580   -9.583  1.000 19.559 0 36  HIS A ND1 1 ? 
ATOM   278  C  CD2 . HIS A 1 36  ? -7.058  2.253   -9.351  1.000 19.192 0 36  HIS A CD2 1 ? 
ATOM   279  C  CE1 . HIS A 1 36  ? -8.999  1.278   -9.559  1.000 20.045 0 36  HIS A CE1 1 ? 
ATOM   280  N  NE2 . HIS A 1 36  ? -7.710  1.051   -9.429  1.000 21.641 0 36  HIS A NE2 1 ? 
ATOM   281  N  N   . PRO A 1 37  ? -7.345  7.538   -11.785 1.000 16.561 0 37  PRO A N   1 ? 
ATOM   282  C  CA  . PRO A 1 37  ? -6.889  8.927   -11.770 1.000 16.289 0 37  PRO A CA  1 ? 
ATOM   283  C  C   . PRO A 1 37  ? -7.483  9.826   -10.684 1.000 16.472 0 37  PRO A C   1 ? 
ATOM   284  O  O   . PRO A 1 37  ? -6.920  10.881  -10.372 1.000 16.656 0 37  PRO A O   1 ? 
ATOM   285  C  CB  . PRO A 1 37  ? -7.279  9.420   -13.171 1.000 17.213 0 37  PRO A CB  1 ? 
ATOM   286  C  CG  . PRO A 1 37  ? -7.298  8.162   -14.026 1.000 18.492 0 37  PRO A CG  1 ? 
ATOM   287  C  CD  . PRO A 1 37  ? -7.829  7.088   -13.100 1.000 17.514 0 37  PRO A CD  1 ? 
ATOM   288  N  N   . GLU A 1 38  ? -8.617  9.426   -10.091 1.000 16.003 0 38  GLU A N   1 ? 
ATOM   289  C  CA  . GLU A 1 38  ? -9.191  10.212  -9.009  1.000 15.695 0 38  GLU A CA  1 ? 
ATOM   290  C  C   . GLU A 1 38  ? -8.248  10.218  -7.796  1.000 16.361 0 38  GLU A C   1 ? 
ATOM   291  O  O   . GLU A 1 38  ? -8.354  11.109  -6.962  1.000 19.020 0 38  GLU A O   1 ? 
ATOM   292  C  CB  . GLU A 1 38  ? -10.576 9.700   -8.589  1.000 15.214 0 38  GLU A CB  1 ? 
ATOM   293  C  CG  . GLU A 1 38  ? -10.643 8.271   -8.046  1.000 15.654 0 38  GLU A CG  1 ? 
ATOM   294  C  CD  . GLU A 1 38  ? -10.762 7.121   -9.035  1.000 16.507 0 38  GLU A CD  1 ? 
ATOM   295  O  OE1 . GLU A 1 38  ? -10.280 7.258   -10.209 1.000 15.686 0 38  GLU A OE1 1 ? 
ATOM   296  O  OE2 . GLU A 1 38  ? -11.344 6.081   -8.644  1.000 17.837 0 38  GLU A OE2 1 ? 
ATOM   297  N  N   . THR A 1 39  ? -7.384  9.198   -7.665  1.000 14.922 0 39  THR A N   1 ? 
ATOM   298  C  CA  . THR A 1 39  ? -6.486  9.097   -6.517  1.000 15.753 0 39  THR A CA  1 ? 
ATOM   299  C  C   . THR A 1 39  ? -5.374  10.133  -6.651  1.000 15.703 0 39  THR A C   1 ? 
ATOM   300  O  O   . THR A 1 39  ? -4.933  10.679  -5.653  1.000 15.488 0 39  THR A O   1 ? 
ATOM   301  C  CB  . THR A 1 39  ? -5.941  7.674   -6.317  1.000 14.845 0 39  THR A CB  1 ? 
ATOM   302  O  OG1 . THR A 1 39  ? -5.152  7.266   -7.448  1.000 15.170 0 39  THR A OG1 1 ? 
ATOM   303  C  CG2 . THR A 1 39  ? -7.049  6.676   -6.045  1.000 15.200 0 39  THR A CG2 1 ? 
ATOM   304  N  N   . LEU A 1 40  ? -4.973  10.440  -7.890  1.000 17.761 0 40  LEU A N   1 ? 
ATOM   305  C  CA  . LEU A 1 40  ? -3.923  11.422  -8.140  1.000 19.452 0 40  LEU A CA  1 ? 
ATOM   306  C  C   . LEU A 1 40  ? -4.409  12.797  -7.685  1.000 19.271 0 40  LEU A C   1 ? 
ATOM   307  O  O   . LEU A 1 40  ? -3.610  13.590  -7.168  1.000 19.110 0 40  LEU A O   1 ? 
ATOM   308  C  CB  . LEU A 1 40  ? -3.542  11.383  -9.626  1.000 20.586 0 40  LEU A CB  1 ? 
ATOM   309  C  CG  . LEU A 1 40  ? -2.407  12.309  -10.069 1.000 23.125 0 40  LEU A CG  1 ? 
ATOM   310  C  CD1 . LEU A 1 40  ? -1.074  11.732  -9.653  1.000 24.218 0 40  LEU A CD1 1 ? 
ATOM   311  C  CD2 . LEU A 1 40  ? -2.425  12.522  -11.578 1.000 25.861 0 40  LEU A CD2 1 ? 
ATOM   312  N  N   . GLU A 1 41  ? -5.727  13.080  -7.803  1.000 18.047 0 41  GLU A N   1 ? 
ATOM   313  C  CA  . GLU A 1 41  ? -6.253  14.388  -7.439  1.000 22.109 0 41  GLU A CA  1 ? 
ATOM   314  C  C   . GLU A 1 41  ? -6.144  14.669  -5.943  1.000 20.830 0 41  GLU A C   1 ? 
ATOM   315  O  O   . GLU A 1 41  ? -6.231  15.824  -5.528  1.000 25.443 0 41  GLU A O   1 ? 
ATOM   316  C  CB  . GLU A 1 41  ? -7.708  14.559  -7.892  1.000 27.073 0 41  GLU A CB  1 ? 
ATOM   317  C  CG  . GLU A 1 41  ? -7.838  14.594  -9.391  1.000 29.279 0 41  GLU A CG  1 ? 
ATOM   318  C  CD  . GLU A 1 41  ? -6.914  15.596  -10.068 1.000 32.589 0 41  GLU A CD  1 ? 
ATOM   319  O  OE1 . GLU A 1 41  ? -7.098  16.800  -9.808  1.000 31.462 0 41  GLU A OE1 1 ? 
ATOM   320  O  OE2 . GLU A 1 41  ? -5.979  15.165  -10.821 1.000 38.059 0 41  GLU A OE2 1 ? 
ATOM   321  N  N   . LYS A 1 42  ? -6.001  13.626  -5.121  1.000 18.406 0 42  LYS A N   1 ? 
ATOM   322  C  CA  . LYS A 1 42  ? -5.854  13.801  -3.689  1.000 18.524 0 42  LYS A CA  1 ? 
ATOM   323  C  C   . LYS A 1 42  ? -4.470  14.303  -3.296  1.000 19.012 0 42  LYS A C   1 ? 
ATOM   324  O  O   . LYS A 1 42  ? -4.285  14.669  -2.130  1.000 18.482 0 42  LYS A O   1 ? 
ATOM   325  C  CB  . LYS A 1 42  ? -6.097  12.486  -2.931  1.000 18.616 0 42  LYS A CB  1 ? 
ATOM   326  C  CG  . LYS A 1 42  ? -7.509  11.966  -3.034  1.000 20.199 0 42  LYS A CG  1 ? 
ATOM   327  C  CD  . LYS A 1 42  ? -8.452  12.802  -2.207  1.000 21.935 0 42  LYS A CD  1 ? 
ATOM   328  C  CE  . LYS A 1 42  ? -9.889  12.341  -2.284  1.000 23.177 0 42  LYS A CE  1 ? 
ATOM   329  N  NZ  . LYS A 1 42  ? -10.709 13.046  -1.268  1.000 23.781 0 42  LYS A NZ  1 ? 
ATOM   330  N  N   . PHE A 1 43  ? -3.509  14.320  -4.237  1.000 18.193 0 43  PHE A N   1 ? 
ATOM   331  C  CA  . PHE A 1 43  ? -2.170  14.840  -3.983  1.000 17.367 0 43  PHE A CA  1 ? 
ATOM   332  C  C   . PHE A 1 43  ? -1.946  16.141  -4.744  1.000 20.509 0 43  PHE A C   1 ? 
ATOM   333  O  O   . PHE A 1 43  ? -1.794  16.117  -5.963  1.000 20.844 0 43  PHE A O   1 ? 
ATOM   334  C  CB  . PHE A 1 43  ? -1.100  13.856  -4.471  1.000 17.020 0 43  PHE A CB  1 ? 
ATOM   335  C  CG  . PHE A 1 43  ? -0.998  12.542  -3.731  1.000 17.101 0 43  PHE A CG  1 ? 
ATOM   336  C  CD1 . PHE A 1 43  ? -1.812  11.466  -4.054  1.000 18.001 0 43  PHE A CD1 1 ? 
ATOM   337  C  CD2 . PHE A 1 43  ? -0.033  12.358  -2.747  1.000 18.121 0 43  PHE A CD2 1 ? 
ATOM   338  C  CE1 . PHE A 1 43  ? -1.707  10.260  -3.376  1.000 17.914 0 43  PHE A CE1 1 ? 
ATOM   339  C  CE2 . PHE A 1 43  ? 0.086   11.140  -2.088  1.000 17.505 0 43  PHE A CE2 1 ? 
ATOM   340  C  CZ  . PHE A 1 43  ? -0.739  10.093  -2.412  1.000 17.951 0 43  PHE A CZ  1 ? 
ATOM   341  N  N   . ASP A 1 44  ? -1.916  17.262  -4.025  1.000 23.925 0 44  ASP A N   1 ? 
ATOM   342  C  CA  . ASP A 1 44  ? -1.663  18.543  -4.666  1.000 29.903 0 44  ASP A CA  1 ? 
ATOM   343  C  C   . ASP A 1 44  ? -0.314  18.494  -5.370  1.000 27.744 0 44  ASP A C   1 ? 
ATOM   344  O  O   . ASP A 1 44  ? -0.188  19.049  -6.448  1.000 33.735 0 44  ASP A O   1 ? 
ATOM   345  C  CB  . ASP A 1 44  ? -1.637  19.715  -3.688  1.000 33.993 0 44  ASP A CB  1 ? 
ATOM   346  C  CG  . ASP A 1 44  ? -2.901  19.824  -2.862  1.000 41.070 0 44  ASP A CG  1 ? 
ATOM   347  O  OD1 . ASP A 1 44  ? -3.992  19.676  -3.445  1.000 40.945 0 44  ASP A OD1 1 ? 
ATOM   348  O  OD2 . ASP A 1 44  ? -2.772  20.042  -1.641  1.000 48.607 0 44  ASP A OD2 1 ? 
ATOM   349  N  N   . LYS A 1 45  ? 0.659   17.804  -4.772  1.000 26.969 0 45  LYS A N   1 ? 
ATOM   350  C  CA  . LYS A 1 45  ? 2.021   17.802  -5.286  1.000 27.654 0 45  LYS A CA  1 ? 
ATOM   351  C  C   . LYS A 1 45  ? 2.230   16.816  -6.444  1.000 26.214 0 45  LYS A C   1 ? 
ATOM   352  O  O   . LYS A 1 45  ? 3.333   16.759  -7.005  1.000 24.418 0 45  LYS A O   1 ? 
ATOM   353  C  CB  . LYS A 1 45  ? 3.011   17.473  -4.164  1.000 29.451 0 45  LYS A CB  1 ? 
ATOM   354  C  CG  . LYS A 1 45  ? 3.005   16.035  -3.671  1.000 30.550 0 45  LYS A CG  1 ? 
ATOM   355  C  CD  . LYS A 1 45  ? 3.940   15.790  -2.512  1.000 32.982 0 45  LYS A CD  1 ? 
ATOM   356  C  CE  . LYS A 1 45  ? 3.646   14.465  -1.843  1.000 37.056 0 45  LYS A CE  1 ? 
ATOM   357  N  NZ  . LYS A 1 45  ? 4.634   14.123  -0.793  1.000 39.763 0 45  LYS A NZ  1 ? 
ATOM   358  N  N   . PHE A 1 46  ? 1.236   15.989  -6.792  1.000 23.190 0 46  PHE A N   1 ? 
ATOM   359  C  CA  . PHE A 1 46  ? 1.389   15.121  -7.955  1.000 21.854 0 46  PHE A CA  1 ? 
ATOM   360  C  C   . PHE A 1 46  ? 0.372   15.430  -9.052  1.000 22.189 0 46  PHE A C   1 ? 
ATOM   361  O  O   . PHE A 1 46  ? 0.470   14.843  -10.121 1.000 20.821 0 46  PHE A O   1 ? 
ATOM   362  C  CB  . PHE A 1 46  ? 1.309   13.641  -7.576  1.000 22.667 0 46  PHE A CB  1 ? 
ATOM   363  C  CG  . PHE A 1 46  ? 2.359   13.183  -6.589  1.000 22.986 0 46  PHE A CG  1 ? 
ATOM   364  C  CD1 . PHE A 1 46  ? 3.694   13.539  -6.750  1.000 24.979 0 46  PHE A CD1 1 ? 
ATOM   365  C  CD2 . PHE A 1 46  ? 2.033   12.334  -5.541  1.000 22.758 0 46  PHE A CD2 1 ? 
ATOM   366  C  CE1 . PHE A 1 46  ? 4.659   13.108  -5.848  1.000 24.870 0 46  PHE A CE1 1 ? 
ATOM   367  C  CE2 . PHE A 1 46  ? 2.999   11.915  -4.637  1.000 22.998 0 46  PHE A CE2 1 ? 
ATOM   368  C  CZ  . PHE A 1 46  ? 4.314   12.280  -4.804  1.000 23.662 0 46  PHE A CZ  1 ? 
ATOM   369  N  N   . LYS A 1 47  ? -0.559  16.363  -8.818  1.000 24.737 0 47  LYS A N   1 ? 
ATOM   370  C  CA  . LYS A 1 47  ? -1.532  16.784  -9.821  1.000 30.115 0 47  LYS A CA  1 ? 
ATOM   371  C  C   . LYS A 1 47  ? -0.877  17.242  -11.125 1.000 32.344 0 47  LYS A C   1 ? 
ATOM   372  O  O   . LYS A 1 47  ? -1.454  17.104  -12.205 1.000 34.509 0 47  LYS A O   1 ? 
ATOM   373  C  CB  . LYS A 1 47  ? -2.379  17.950  -9.295  1.000 32.420 0 47  LYS A CB  1 ? 
ATOM   374  C  CG  . LYS A 1 47  ? -3.494  17.542  -8.352  1.000 33.330 0 47  LYS A CG  1 ? 
ATOM   375  C  CD  . LYS A 1 47  ? -4.423  18.688  -8.016  1.000 35.342 0 47  LYS A CD  1 ? 
ATOM   376  C  CE  . LYS A 1 47  ? -5.560  18.253  -7.115  1.000 40.677 0 47  LYS A CE  1 ? 
ATOM   377  N  NZ  . LYS A 1 47  ? -6.501  19.360  -6.826  1.000 43.861 0 47  LYS A NZ  1 ? 
ATOM   378  N  N   . HIS A 1 48  ? 0.327   17.805  -11.040 1.000 33.715 0 48  HIS A N   1 ? 
ATOM   379  C  CA  . HIS A 1 48  ? 1.004   18.271  -12.244 1.000 33.830 0 48  HIS A CA  1 ? 
ATOM   380  C  C   . HIS A 1 48  ? 1.466   17.114  -13.120 1.000 36.047 0 48  HIS A C   1 ? 
ATOM   381  O  O   . HIS A 1 48  ? 1.917   17.364  -14.234 1.000 36.596 0 48  HIS A O   1 ? 
ATOM   382  C  CB  . HIS A 1 48  ? 2.248   19.098  -11.909 1.000 34.828 0 48  HIS A CB  1 ? 
ATOM   383  C  CG  . HIS A 1 48  ? 3.335   18.276  -11.278 1.000 34.980 0 48  HIS A CG  1 ? 
ATOM   384  N  ND1 . HIS A 1 48  ? 4.417   17.786  -11.986 1.000 32.373 0 48  HIS A ND1 1 ? 
ATOM   385  C  CD2 . HIS A 1 48  ? 3.471   17.820  -10.024 1.000 32.842 0 48  HIS A CD2 1 ? 
ATOM   386  C  CE1 . HIS A 1 48  ? 5.192   17.092  -11.162 1.000 34.086 0 48  HIS A CE1 1 ? 
ATOM   387  N  NE2 . HIS A 1 48  ? 4.636   17.098  -9.967  1.000 33.709 0 48  HIS A NE2 1 ? 
ATOM   388  N  N   . LEU A 1 49  ? 1.429   15.866  -12.618 1.000 32.107 0 49  LEU A N   1 ? 
ATOM   389  C  CA  . LEU A 1 49  ? 1.894   14.735  -13.408 1.000 31.772 0 49  LEU A CA  1 ? 
ATOM   390  C  C   . LEU A 1 49  ? 0.813   14.287  -14.383 1.000 34.167 0 49  LEU A C   1 ? 
ATOM   391  O  O   . LEU A 1 49  ? -0.125  13.590  -14.010 1.000 33.003 0 49  LEU A O   1 ? 
ATOM   392  C  CB  . LEU A 1 49  ? 2.299   13.590  -12.482 1.000 30.589 0 49  LEU A CB  1 ? 
ATOM   393  C  CG  . LEU A 1 49  ? 3.505   13.885  -11.595 1.000 29.155 0 49  LEU A CG  1 ? 
ATOM   394  C  CD1 . LEU A 1 49  ? 3.699   12.766  -10.588 1.000 27.352 0 49  LEU A CD1 1 ? 
ATOM   395  C  CD2 . LEU A 1 49  ? 4.767   14.077  -12.446 1.000 29.655 0 49  LEU A CD2 1 ? 
ATOM   396  N  N   . LYS A 1 50  ? 0.988   14.659  -15.653 1.000 37.233 0 50  LYS A N   1 ? 
ATOM   397  C  CA  . LYS A 1 50  ? -0.034  14.425  -16.662 1.000 40.766 0 50  LYS A CA  1 ? 
ATOM   398  C  C   . LYS A 1 50  ? 0.170   13.055  -17.301 1.000 36.983 0 50  LYS A C   1 ? 
ATOM   399  O  O   . LYS A 1 50  ? -0.771  12.274  -17.422 1.000 44.545 0 50  LYS A O   1 ? 
ATOM   400  C  CB  . LYS A 1 50  ? -0.047  15.574  -17.682 1.000 42.100 0 50  LYS A CB  1 ? 
ATOM   401  C  CG  . LYS A 1 50  ? -0.674  16.867  -17.168 1.000 50.224 0 50  LYS A CG  1 ? 
ATOM   402  C  CD  . LYS A 1 50  ? -2.148  16.712  -16.758 1.000 56.337 0 50  LYS A CD  1 ? 
ATOM   403  C  CE  . LYS A 1 50  ? -2.734  17.915  -16.045 1.000 58.337 0 50  LYS A CE  1 ? 
ATOM   404  N  NZ  . LYS A 1 50  ? -1.930  18.291  -14.859 1.000 60.523 0 50  LYS A NZ  1 ? 
ATOM   405  N  N   . THR A 1 51  ? 1.412   12.743  -17.662 1.000 30.531 0 51  THR A N   1 ? 
ATOM   406  C  CA  . THR A 1 51  ? 1.712   11.503  -18.352 1.000 29.689 0 51  THR A CA  1 ? 
ATOM   407  C  C   . THR A 1 51  ? 2.352   10.524  -17.383 1.000 26.829 0 51  THR A C   1 ? 
ATOM   408  O  O   . THR A 1 51  ? 2.925   10.917  -16.368 1.000 23.820 0 51  THR A O   1 ? 
ATOM   409  C  CB  . THR A 1 51  ? 2.663   11.714  -19.538 1.000 29.392 0 51  THR A CB  1 ? 
ATOM   410  O  OG1 . THR A 1 51  ? 3.858   12.361  -19.098 1.000 29.421 0 51  THR A OG1 1 ? 
ATOM   411  C  CG2 . THR A 1 51  ? 2.052   12.539  -20.651 1.000 31.885 0 51  THR A CG2 1 ? 
ATOM   412  N  N   . GLU A 1 52  ? 2.331   9.255   -17.782 1.000 25.042 0 52  GLU A N   1 ? 
ATOM   413  C  CA  . GLU A 1 52  ? 3.071   8.239   -17.071 1.000 27.744 0 52  GLU A CA  1 ? 
ATOM   414  C  C   . GLU A 1 52  ? 4.588   8.482   -17.135 1.000 26.911 0 52  GLU A C   1 ? 
ATOM   415  O  O   . GLU A 1 52  ? 5.290   8.159   -16.184 1.000 24.097 0 52  GLU A O   1 ? 
ATOM   416  C  CB  . GLU A 1 52  ? 2.678   6.878   -17.612 1.000 28.878 0 52  GLU A CB  1 ? 
ATOM   417  C  CG  . GLU A 1 52  ? 3.250   5.777   -16.767 1.000 32.176 0 52  GLU A CG  1 ? 
ATOM   418  C  CD  . GLU A 1 52  ? 2.814   4.398   -17.185 1.000 34.078 0 52  GLU A CD  1 ? 
ATOM   419  O  OE1 . GLU A 1 52  ? 1.741   4.284   -17.819 1.000 37.028 0 52  GLU A OE1 1 ? 
ATOM   420  O  OE2 . GLU A 1 52  ? 3.578   3.460   -16.908 1.000 40.683 0 52  GLU A OE2 1 ? 
ATOM   421  N  N   . ALA A 1 53  ? 5.099   9.075   -18.222 1.000 25.017 0 53  ALA A N   1 ? 
ATOM   422  C  CA  . ALA A 1 53  ? 6.514   9.380   -18.315 1.000 23.525 0 53  ALA A CA  1 ? 
ATOM   423  C  C   . ALA A 1 53  ? 6.870   10.389  -17.240 1.000 25.283 0 53  ALA A C   1 ? 
ATOM   424  O  O   . ALA A 1 53  ? 7.912   10.251  -16.608 1.000 29.584 0 53  ALA A O   1 ? 
ATOM   425  C  CB  . ALA A 1 53  ? 6.854   9.905   -19.695 1.000 26.604 0 53  ALA A CB  1 ? 
ATOM   426  N  N   . GLU A 1 54  ? 6.001   11.387  -17.026 1.000 24.230 0 54  GLU A N   1 ? 
ATOM   427  C  CA  . GLU A 1 54  ? 6.278   12.396  -16.023 1.000 27.047 0 54  GLU A CA  1 ? 
ATOM   428  C  C   . GLU A 1 54  ? 6.303   11.741  -14.638 1.000 27.432 0 54  GLU A C   1 ? 
ATOM   429  O  O   . GLU A 1 54  ? 7.103   12.120  -13.771 1.000 26.209 0 54  GLU A O   1 ? 
ATOM   430  C  CB  . GLU A 1 54  ? 5.266   13.544  -16.100 1.000 29.533 0 54  GLU A CB  1 ? 
ATOM   431  C  CG  . GLU A 1 54  ? 5.368   14.357  -17.384 1.000 31.944 0 54  GLU A CG  1 ? 
ATOM   432  C  CD  . GLU A 1 54  ? 4.346   15.468  -17.550 1.000 39.633 0 54  GLU A CD  1 ? 
ATOM   433  O  OE1 . GLU A 1 54  ? 3.151   15.253  -17.203 1.000 40.447 0 54  GLU A OE1 1 ? 
ATOM   434  O  OE2 . GLU A 1 54  ? 4.737   16.537  -18.073 1.000 41.593 0 54  GLU A OE2 1 ? 
ATOM   435  N  N   . MET A 1 55  ? 5.375   10.812  -14.406 1.000 25.540 0 55  MET A N   1 ? 
ATOM   436  C  CA  . MET A 1 55  ? 5.336   10.071  -13.153 1.000 23.668 0 55  MET A CA  1 ? 
ATOM   437  C  C   . MET A 1 55  ? 6.646   9.298   -12.977 1.000 23.057 0 55  MET A C   1 ? 
ATOM   438  O  O   . MET A 1 55  ? 7.215   9.276   -11.888 1.000 20.930 0 55  MET A O   1 ? 
ATOM   439  C  CB  . MET A 1 55  ? 4.169   9.074   -13.129 1.000 23.098 0 55  MET A CB  1 ? 
ATOM   440  C  CG  . MET A 1 55  ? 2.797   9.697   -12.963 1.000 24.605 0 55  MET A CG  1 ? 
ATOM   441  S  SD  . MET A 1 55  ? 1.449   8.476   -13.185 1.000 23.500 0 55  MET A SD  1 ? 
ATOM   442  C  CE  . MET A 1 55  ? 0.059   9.603   -13.301 1.000 25.705 0 55  MET A CE  1 ? 
ATOM   443  N  N   . LYS A 1 56  ? 7.106   8.666   -14.059 1.000 25.476 0 56  LYS A N   1 ? 
ATOM   444  C  CA  . LYS A 1 56  ? 8.272   7.792   -14.000 1.000 28.930 0 56  LYS A CA  1 ? 
ATOM   445  C  C   . LYS A 1 56  ? 9.531   8.606   -13.705 1.000 27.368 0 56  LYS A C   1 ? 
ATOM   446  O  O   . LYS A 1 56  ? 10.412  8.118   -13.007 1.000 27.362 0 56  LYS A O   1 ? 
ATOM   447  C  CB  . LYS A 1 56  ? 8.423   6.997   -15.301 1.000 34.029 0 56  LYS A CB  1 ? 
ATOM   448  C  CG  . LYS A 1 56  ? 9.160   5.670   -15.154 1.000 41.020 0 56  LYS A CG  1 ? 
ATOM   449  C  CD  . LYS A 1 56  ? 8.291   4.584   -14.547 1.000 45.249 0 56  LYS A CD  1 ? 
ATOM   450  C  CE  . LYS A 1 56  ? 9.034   3.291   -14.295 1.000 49.178 0 56  LYS A CE  1 ? 
ATOM   451  N  NZ  . LYS A 1 56  ? 9.324   2.577   -15.561 1.000 54.909 0 56  LYS A NZ  1 ? 
ATOM   452  N  N   . ALA A 1 57  ? 9.557   9.873   -14.149 1.000 24.912 0 57  ALA A N   1 ? 
ATOM   453  C  CA  . ALA A 1 57  ? 10.715  10.747  -14.028 1.000 25.153 0 57  ALA A CA  1 ? 
ATOM   454  C  C   . ALA A 1 57  ? 10.718  11.535  -12.718 1.000 24.825 0 57  ALA A C   1 ? 
ATOM   455  O  O   . ALA A 1 57  ? 11.716  12.174  -12.376 1.000 27.030 0 57  ALA A O   1 ? 
ATOM   456  C  CB  . ALA A 1 57  ? 10.747  11.682  -15.218 1.000 27.664 0 57  ALA A CB  1 ? 
ATOM   457  N  N   . SER A 1 58  ? 9.607   11.481  -11.971 1.000 22.665 0 58  SER A N   1 ? 
ATOM   458  C  CA  . SER A 1 58  ? 9.428   12.276  -10.772 1.000 21.756 0 58  SER A CA  1 ? 
ATOM   459  C  C   . SER A 1 58  ? 10.149  11.656  -9.584  1.000 21.653 0 58  SER A C   1 ? 
ATOM   460  O  O   . SER A 1 58  ? 9.726   10.614  -9.079  1.000 20.333 0 58  SER A O   1 ? 
ATOM   461  C  CB  . SER A 1 58  ? 7.955   12.407  -10.446 1.000 21.350 0 58  SER A CB  1 ? 
ATOM   462  O  OG  . SER A 1 58  ? 7.802   12.979  -9.160  1.000 20.363 0 58  SER A OG  1 ? 
ATOM   463  N  N   . GLU A 1 59  ? 11.194  12.331  -9.094  1.000 21.154 0 59  GLU A N   1 ? 
ATOM   464  C  CA  . GLU A 1 59  ? 11.946  11.806  -7.967  1.000 19.720 0 59  GLU A CA  1 ? 
ATOM   465  C  C   . GLU A 1 59  ? 11.114  11.952  -6.698  1.000 19.534 0 59  GLU A C   1 ? 
ATOM   466  O  O   . GLU A 1 59  ? 11.262  11.136  -5.790  1.000 21.867 0 59  GLU A O   1 ? 
ATOM   467  C  CB  . GLU A 1 59  ? 13.336  12.454  -7.884  1.000 22.641 0 59  GLU A CB  1 ? 
ATOM   468  C  CG  . GLU A 1 59  ? 14.236  12.038  -9.056  1.000 24.572 0 59  GLU A CG  1 ? 
ATOM   469  C  CD  . GLU A 1 59  ? 14.426  10.541  -9.287  1.000 28.133 0 59  GLU A CD  1 ? 
ATOM   470  O  OE1 . GLU A 1 59  ? 14.809  9.819   -8.341  1.000 34.216 0 59  GLU A OE1 1 ? 
ATOM   471  O  OE2 . GLU A 1 59  ? 14.180  10.079  -10.421 1.000 36.229 0 59  GLU A OE2 1 ? 
ATOM   472  N  N   . ASP A 1 60  ? 10.201  12.940  -6.662  1.000 19.605 0 60  ASP A N   1 ? 
ATOM   473  C  CA  . ASP A 1 60  ? 9.365   13.176  -5.499  1.000 19.984 0 60  ASP A CA  1 ? 
ATOM   474  C  C   . ASP A 1 60  ? 8.325   12.071  -5.344  1.000 19.487 0 60  ASP A C   1 ? 
ATOM   475  O  O   . ASP A 1 60  ? 7.953   11.731  -4.214  1.000 17.673 0 60  ASP A O   1 ? 
ATOM   476  C  CB  . ASP A 1 60  ? 8.670   14.544  -5.562  1.000 21.814 0 60  ASP A CB  1 ? 
ATOM   477  C  CG  . ASP A 1 60  ? 8.215   15.011  -4.199  1.000 26.155 0 60  ASP A CG  1 ? 
ATOM   478  O  OD1 . ASP A 1 60  ? 9.080   15.109  -3.299  1.000 27.735 0 60  ASP A OD1 1 ? 
ATOM   479  O  OD2 . ASP A 1 60  ? 6.995   15.196  -4.029  1.000 28.108 0 60  ASP A OD2 1 ? 
ATOM   480  N  N   . LEU A 1 61  ? 7.871   11.510  -6.476  1.000 18.998 0 61  LEU A N   1 ? 
ATOM   481  C  CA  . LEU A 1 61  ? 6.894   10.419  -6.453  1.000 19.951 0 61  LEU A CA  1 ? 
ATOM   482  C  C   . LEU A 1 61  ? 7.565   9.167   -5.902  1.000 17.717 0 61  LEU A C   1 ? 
ATOM   483  O  O   . LEU A 1 61  ? 7.003   8.428   -5.093  1.000 18.821 0 61  LEU A O   1 ? 
ATOM   484  C  CB  . LEU A 1 61  ? 6.326   10.179  -7.861  1.000 19.918 0 61  LEU A CB  1 ? 
ATOM   485  C  CG  . LEU A 1 61  ? 5.198   9.145   -7.953  1.000 22.745 0 61  LEU A CG  1 ? 
ATOM   486  C  CD1 . LEU A 1 61  ? 4.316   9.386   -9.172  1.000 23.924 0 61  LEU A CD1 1 ? 
ATOM   487  C  CD2 . LEU A 1 61  ? 5.748   7.737   -8.000  1.000 26.560 0 61  LEU A CD2 1 ? 
ATOM   488  N  N   . LYS A 1 62  ? 8.834   8.980   -6.273  1.000 18.899 0 62  LYS A N   1 ? 
ATOM   489  C  CA  . LYS A 1 62  ? 9.582   7.829   -5.812  1.000 19.542 0 62  LYS A CA  1 ? 
ATOM   490  C  C   . LYS A 1 62  ? 9.828   7.989   -4.313  1.000 17.932 0 62  LYS A C   1 ? 
ATOM   491  O  O   . LYS A 1 62  ? 9.736   7.041   -3.550  1.000 17.081 0 62  LYS A O   1 ? 
ATOM   492  C  CB  . LYS A 1 62  ? 10.875  7.781   -6.632  1.000 25.837 0 62  LYS A CB  1 ? 
ATOM   493  C  CG  . LYS A 1 62  ? 11.696  6.519   -6.558  1.000 30.035 0 62  LYS A CG  1 ? 
ATOM   494  C  CD  . LYS A 1 62  ? 12.847  6.514   -7.556  1.000 34.892 0 62  LYS A CD  1 ? 
ATOM   495  C  CE  . LYS A 1 62  ? 12.468  7.109   -8.895  1.000 39.083 0 62  LYS A CE  1 ? 
ATOM   496  N  NZ  . LYS A 1 62  ? 13.475  6.832   -9.945  1.000 44.968 0 62  LYS A NZ  1 ? 
ATOM   497  N  N   . LYS A 1 63  ? 10.117  9.218   -3.887  1.000 16.951 0 63  LYS A N   1 ? 
ATOM   498  C  CA  . LYS A 1 63  ? 10.255  9.522   -2.470  1.000 16.128 0 63  LYS A CA  1 ? 
ATOM   499  C  C   . LYS A 1 63  ? 8.989   9.202   -1.680  1.000 15.484 0 63  LYS A C   1 ? 
ATOM   500  O  O   . LYS A 1 63  ? 9.092   8.572   -0.638  1.000 15.997 0 63  LYS A O   1 ? 
ATOM   501  C  CB  . LYS A 1 63  ? 10.616  10.994  -2.278  1.000 16.964 0 63  LYS A CB  1 ? 
ATOM   502  C  CG  . LYS A 1 63  ? 11.041  11.383  -0.870  1.000 17.830 0 63  LYS A CG  1 ? 
ATOM   503  C  CD  . LYS A 1 63  ? 11.362  12.852  -0.858  1.000 18.769 0 63  LYS A CD  1 ? 
ATOM   504  C  CE  . LYS A 1 63  ? 11.505  13.456  0.519   1.000 18.856 0 63  LYS A CE  1 ? 
ATOM   505  N  NZ  . LYS A 1 63  ? 11.634  14.940  0.409   1.000 23.024 0 63  LYS A NZ  1 ? 
ATOM   506  N  N   . HIS A 1 64  ? 7.817   9.644   -2.151  1.000 15.414 0 64  HIS A N   1 ? 
ATOM   507  C  CA  . HIS A 1 64  ? 6.556   9.257   -1.526  1.000 14.512 0 64  HIS A CA  1 ? 
ATOM   508  C  C   . HIS A 1 64  ? 6.362   7.735   -1.485  1.000 15.479 0 64  HIS A C   1 ? 
ATOM   509  O  O   . HIS A 1 64  ? 5.909   7.185   -0.475  1.000 14.341 0 64  HIS A O   1 ? 
ATOM   510  C  CB  . HIS A 1 64  ? 5.369   10.013  -2.138  1.000 15.884 0 64  HIS A CB  1 ? 
ATOM   511  C  CG  . HIS A 1 64  ? 4.170   9.888   -1.246  1.000 16.875 0 64  HIS A CG  1 ? 
ATOM   512  N  ND1 . HIS A 1 64  ? 4.082   10.570  -0.052  1.000 16.617 0 64  HIS A ND1 1 ? 
ATOM   513  C  CD2 . HIS A 1 64  ? 3.098   9.095   -1.290  1.000 19.302 0 64  HIS A CD2 1 ? 
ATOM   514  C  CE1 . HIS A 1 64  ? 2.964   10.216  0.575   1.000 16.489 0 64  HIS A CE1 1 ? 
ATOM   515  N  NE2 . HIS A 1 64  ? 2.358   9.310   -0.151  1.000 16.527 0 64  HIS A NE2 1 ? 
ATOM   516  N  N   . GLY A 1 65  ? 6.764   7.033   -2.549  1.000 15.854 0 65  GLY A N   1 ? 
ATOM   517  C  CA  . GLY A 1 65  ? 6.641   5.583   -2.575  1.000 15.989 0 65  GLY A CA  1 ? 
ATOM   518  C  C   . GLY A 1 65  ? 7.476   4.954   -1.465  1.000 16.666 0 65  GLY A C   1 ? 
ATOM   519  O  O   . GLY A 1 65  ? 7.041   4.013   -0.816  1.000 14.802 0 65  GLY A O   1 ? 
ATOM   520  N  N   . THR A 1 66  ? 8.697   5.480   -1.273  1.000 15.989 0 66  THR A N   1 ? 
ATOM   521  C  CA  . THR A 1 66  ? 9.545   5.025   -0.181  1.000 16.043 0 66  THR A CA  1 ? 
ATOM   522  C  C   . THR A 1 66  ? 8.843   5.228   1.165   1.000 15.642 0 66  THR A C   1 ? 
ATOM   523  O  O   . THR A 1 66  ? 8.875   4.343   2.029   1.000 15.629 0 66  THR A O   1 ? 
ATOM   524  C  CB  . THR A 1 66  ? 10.920  5.714   -0.220  1.000 18.347 0 66  THR A CB  1 ? 
ATOM   525  O  OG1 . THR A 1 66  ? 11.536  5.342   -1.449  1.000 19.731 0 66  THR A OG1 1 ? 
ATOM   526  C  CG2 . THR A 1 66  ? 11.808  5.349   0.948   1.000 19.494 0 66  THR A CG2 1 ? 
ATOM   527  N  N   . VAL A 1 67  ? 8.252   6.417   1.362   1.000 13.844 0 67  VAL A N   1 ? 
ATOM   528  C  CA  . VAL A 1 67  ? 7.604   6.718   2.623   1.000 14.141 0 67  VAL A CA  1 ? 
ATOM   529  C  C   . VAL A 1 67  ? 6.462   5.724   2.852   1.000 14.080 0 67  VAL A C   1 ? 
ATOM   530  O  O   . VAL A 1 67  ? 6.308   5.147   3.938   1.000 13.764 0 67  VAL A O   1 ? 
ATOM   531  C  CB  . VAL A 1 67  ? 7.143   8.191   2.620   1.000 14.026 0 67  VAL A CB  1 ? 
ATOM   532  C  CG1 . VAL A 1 67  ? 6.134   8.514   3.716   1.000 15.863 0 67  VAL A CG1 1 ? 
ATOM   533  C  CG2 . VAL A 1 67  ? 8.343   9.146   2.672   1.000 13.948 0 67  VAL A CG2 1 ? 
ATOM   534  N  N   . VAL A 1 68  ? 5.648   5.492   1.824   1.000 13.172 0 68  VAL A N   1 ? 
ATOM   535  C  CA  . VAL A 1 68  ? 4.474   4.640   2.016   1.000 12.804 0 68  VAL A CA  1 ? 
ATOM   536  C  C   . VAL A 1 68  ? 4.867   3.193   2.297   1.000 12.756 0 68  VAL A C   1 ? 
ATOM   537  O  O   . VAL A 1 68  ? 4.370   2.583   3.262   1.000 12.486 0 68  VAL A O   1 ? 
ATOM   538  C  CB  . VAL A 1 68  ? 3.506   4.699   0.821   1.000 12.739 0 68  VAL A CB  1 ? 
ATOM   539  C  CG1 . VAL A 1 68  ? 2.418   3.646   0.919   1.000 13.508 0 68  VAL A CG1 1 ? 
ATOM   540  C  CG2 . VAL A 1 68  ? 2.921   6.094   0.624   1.000 13.414 0 68  VAL A CG2 1 ? 
ATOM   541  N  N   . LEU A 1 69  ? 5.761   2.617   1.481   1.000 14.911 0 69  LEU A N   1 ? 
ATOM   542  C  CA  . LEU A 1 69  ? 6.140   1.224   1.691   1.000 14.778 0 69  LEU A CA  1 ? 
ATOM   543  C  C   . LEU A 1 69  ? 6.982   1.026   2.958   1.000 13.655 0 69  LEU A C   1 ? 
ATOM   544  O  O   . LEU A 1 69  ? 6.961   -0.070  3.528   1.000 14.888 0 69  LEU A O   1 ? 
ATOM   545  C  CB  . LEU A 1 69  ? 6.848   0.642   0.464   1.000 13.851 0 69  LEU A CB  1 ? 
ATOM   546  C  CG  . LEU A 1 69  ? 5.997   0.526   -0.815  1.000 14.427 0 69  LEU A CG  1 ? 
ATOM   547  C  CD1 . LEU A 1 69  ? 6.699   -0.314  -1.847  1.000 14.949 0 69  LEU A CD1 1 ? 
ATOM   548  C  CD2 . LEU A 1 69  ? 4.595   0.002   -0.555  1.000 14.405 0 69  LEU A CD2 1 ? 
ATOM   549  N  N   . THR A 1 70  ? 7.727   2.038   3.397   1.000 13.364 0 70  THR A N   1 ? 
ATOM   550  C  CA  . THR A 1 70  ? 8.423   1.936   4.678   1.000 14.308 0 70  THR A CA  1 ? 
ATOM   551  C  C   . THR A 1 70  ? 7.429   1.802   5.825   1.000 13.956 0 70  THR A C   1 ? 
ATOM   552  O  O   . THR A 1 70  ? 7.603   0.970   6.704   1.000 15.543 0 70  THR A O   1 ? 
ATOM   553  C  CB  . THR A 1 70  ? 9.347   3.133   4.910   1.000 15.414 0 70  THR A CB  1 ? 
ATOM   554  O  OG1 . THR A 1 70  ? 10.292  3.099   3.839   1.000 17.477 0 70  THR A OG1 1 ? 
ATOM   555  C  CG2 . THR A 1 70  ? 10.015  3.094   6.267   1.000 16.939 0 70  THR A CG2 1 ? 
ATOM   556  N  N   . ALA A 1 71  ? 6.365   2.605   5.787   1.000 14.710 0 71  ALA A N   1 ? 
ATOM   557  C  CA  . ALA A 1 71  ? 5.335   2.574   6.815   1.000 14.876 0 71  ALA A CA  1 ? 
ATOM   558  C  C   . ALA A 1 71  ? 4.620   1.226   6.773   1.000 14.807 0 71  ALA A C   1 ? 
ATOM   559  O  O   . ALA A 1 71  ? 4.397   0.599   7.811   1.000 15.405 0 71  ALA A O   1 ? 
ATOM   560  C  CB  . ALA A 1 71  ? 4.368   3.719   6.612   1.000 14.306 0 71  ALA A CB  1 ? 
ATOM   561  N  N   . LEU A 1 72  ? 4.228   0.788   5.573   1.000 14.740 0 72  LEU A N   1 ? 
ATOM   562  C  CA  . LEU A 1 72  ? 3.515   -0.479  5.457   1.000 14.902 0 72  LEU A CA  1 ? 
ATOM   563  C  C   . LEU A 1 72  ? 4.384   -1.634  5.946   1.000 14.028 0 72  LEU A C   1 ? 
ATOM   564  O  O   . LEU A 1 72  ? 3.895   -2.565  6.589   1.000 14.600 0 72  LEU A O   1 ? 
ATOM   565  C  CB  . LEU A 1 72  ? 3.070   -0.684  4.008   1.000 14.345 0 72  LEU A CB  1 ? 
ATOM   566  C  CG  . LEU A 1 72  ? 2.226   -1.930  3.741   1.000 14.511 0 72  LEU A CG  1 ? 
ATOM   567  C  CD1 . LEU A 1 72  ? 0.959   -1.934  4.590   1.000 14.714 0 72  LEU A CD1 1 ? 
ATOM   568  C  CD2 . LEU A 1 72  ? 1.861   -2.034  2.284   1.000 15.229 0 72  LEU A CD2 1 ? 
ATOM   569  N  N   . GLY A 1 73  ? 5.681   -1.601  5.623   1.000 13.486 0 73  GLY A N   1 ? 
ATOM   570  C  CA  . GLY A 1 73  ? 6.596   -2.641  6.044   1.000 13.872 0 73  GLY A CA  1 ? 
ATOM   571  C  C   . GLY A 1 73  ? 6.670   -2.740  7.564   1.000 14.914 0 73  GLY A C   1 ? 
ATOM   572  O  O   . GLY A 1 73  ? 6.661   -3.833  8.122   1.000 14.830 0 73  GLY A O   1 ? 
ATOM   573  N  N   . GLY A 1 74  ? 6.739   -1.578  8.218   1.000 15.283 0 74  GLY A N   1 ? 
ATOM   574  C  CA  . GLY A 1 74  ? 6.727   -1.505  9.663   1.000 15.298 0 74  GLY A CA  1 ? 
ATOM   575  C  C   . GLY A 1 74  ? 5.483   -2.151  10.261  1.000 16.434 0 74  GLY A C   1 ? 
ATOM   576  O  O   . GLY A 1 74  ? 5.574   -2.881  11.251  1.000 19.202 0 74  GLY A O   1 ? 
ATOM   577  N  N   . ILE A 1 75  ? 4.331   -1.837  9.661   1.000 15.365 0 75  ILE A N   1 ? 
ATOM   578  C  CA  . ILE A 1 75  ? 3.049   -2.386  10.070  1.000 14.379 0 75  ILE A CA  1 ? 
ATOM   579  C  C   . ILE A 1 75  ? 3.032   -3.904  9.884   1.000 14.138 0 75  ILE A C   1 ? 
ATOM   580  O  O   . ILE A 1 75  ? 2.646   -4.648  10.794  1.000 14.162 0 75  ILE A O   1 ? 
ATOM   581  C  CB  . ILE A 1 75  ? 1.934   -1.683  9.294   1.000 14.199 0 75  ILE A CB  1 ? 
ATOM   582  C  CG1 . ILE A 1 75  ? 1.751   -0.234  9.766   1.000 15.734 0 75  ILE A CG1 1 ? 
ATOM   583  C  CG2 . ILE A 1 75  ? 0.641   -2.477  9.331   1.000 14.364 0 75  ILE A CG2 1 ? 
ATOM   584  C  CD1 . ILE A 1 75  ? 0.980   0.599   8.770   1.000 16.225 0 75  ILE A CD1 1 ? 
ATOM   585  N  N   . LEU A 1 76  ? 3.496   -4.381  8.723   1.000 14.195 0 76  LEU A N   1 ? 
ATOM   586  C  CA  . LEU A 1 76  ? 3.459   -5.821  8.463   1.000 14.261 0 76  LEU A CA  1 ? 
ATOM   587  C  C   . LEU A 1 76  ? 4.344   -6.586  9.443   1.000 14.888 0 76  LEU A C   1 ? 
ATOM   588  O  O   . LEU A 1 76  ? 4.004   -7.703  9.845   1.000 14.503 0 76  LEU A O   1 ? 
ATOM   589  C  CB  . LEU A 1 76  ? 3.882   -6.090  7.014   1.000 15.192 0 76  LEU A CB  1 ? 
ATOM   590  C  CG  . LEU A 1 76  ? 2.918   -5.610  5.928   1.000 15.712 0 76  LEU A CG  1 ? 
ATOM   591  C  CD1 . LEU A 1 76  ? 3.549   -5.812  4.556   1.000 14.999 0 76  LEU A CD1 1 ? 
ATOM   592  C  CD2 . LEU A 1 76  ? 1.581   -6.320  6.012   1.000 16.054 0 76  LEU A CD2 1 ? 
ATOM   593  N  N   . LYS A 1 77  ? 5.509   -6.013  9.812   1.000 14.781 0 77  LYS A N   1 ? 
ATOM   594  C  CA  . LYS A 1 77  ? 6.403   -6.687  10.722  1.000 15.641 0 77  LYS A CA  1 ? 
ATOM   595  C  C   . LYS A 1 77  ? 5.814   -6.764  12.129  1.000 14.851 0 77  LYS A C   1 ? 
ATOM   596  O  O   . LYS A 1 77  ? 6.333   -7.514  12.943  1.000 15.052 0 77  LYS A O   1 ? 
ATOM   597  C  CB  . LYS A 1 77  ? 7.795   -6.065  10.708  1.000 17.246 0 77  LYS A CB  1 ? 
ATOM   598  C  CG  . LYS A 1 77  ? 8.596   -6.288  9.431   1.000 20.608 0 77  LYS A CG  1 ? 
ATOM   599  C  CD  . LYS A 1 77  ? 9.878   -5.501  9.440   1.000 23.347 0 77  LYS A CD  1 ? 
ATOM   600  C  CE  . LYS A 1 77  ? 10.571  -5.371  8.098   1.000 28.364 0 77  LYS A CE  1 ? 
ATOM   601  N  NZ  . LYS A 1 77  ? 10.728  -6.699  7.484   1.000 32.792 0 77  LYS A NZ  1 ? 
ATOM   602  N  N   . LYS A 1 78  ? 4.683   -6.092  12.398  1.000 16.219 0 78  LYS A N   1 ? 
ATOM   603  C  CA  . LYS A 1 78  ? 4.010   -6.259  13.683  1.000 17.570 0 78  LYS A CA  1 ? 
ATOM   604  C  C   . LYS A 1 78  ? 3.043   -7.446  13.705  1.000 16.017 0 78  LYS A C   1 ? 
ATOM   605  O  O   . LYS A 1 78  ? 2.496   -7.767  14.769  1.000 15.843 0 78  LYS A O   1 ? 
ATOM   606  C  CB  . LYS A 1 78  ? 3.225   -4.994  14.052  1.000 19.865 0 78  LYS A CB  1 ? 
ATOM   607  C  CG  . LYS A 1 78  ? 4.070   -3.771  14.371  1.000 23.509 0 78  LYS A CG  1 ? 
ATOM   608  C  CD  . LYS A 1 78  ? 5.194   -4.103  15.312  1.000 28.368 0 78  LYS A CD  1 ? 
ATOM   609  C  CE  . LYS A 1 78  ? 5.099   -3.453  16.671  1.000 35.242 0 78  LYS A CE  1 ? 
ATOM   610  N  NZ  . LYS A 1 78  ? 5.898   -2.200  16.672  1.000 37.386 0 78  LYS A NZ  1 ? 
ATOM   611  N  N   . LYS A 1 79  ? 2.772   -8.050  12.540  1.000 14.601 0 79  LYS A N   1 ? 
ATOM   612  C  CA  . LYS A 1 79  ? 2.027   -9.301  12.462  1.000 14.932 0 79  LYS A CA  1 ? 
ATOM   613  C  C   . LYS A 1 79  ? 0.687   -9.128  13.166  1.000 14.695 0 79  LYS A C   1 ? 
ATOM   614  O  O   . LYS A 1 79  ? 0.270   -9.974  13.967  1.000 15.383 0 79  LYS A O   1 ? 
ATOM   615  C  CB  . LYS A 1 79  ? 2.810   -10.476 13.060  1.000 14.398 0 79  LYS A CB  1 ? 
ATOM   616  C  CG  . LYS A 1 79  ? 4.141   -10.795 12.395  1.000 16.289 0 79  LYS A CG  1 ? 
ATOM   617  C  CD  . LYS A 1 79  ? 4.653   -12.189 12.690  1.000 18.394 0 79  LYS A CD  1 ? 
ATOM   618  C  CE  . LYS A 1 79  ? 4.951   -12.500 14.131  1.000 21.384 0 79  LYS A CE  1 ? 
ATOM   619  N  NZ  . LYS A 1 79  ? 5.293   -13.934 14.280  1.000 20.176 0 79  LYS A NZ  1 ? 
ATOM   620  N  N   . GLY A 1 80  ? 0.060   -7.994  12.858  1.000 14.710 0 80  GLY A N   1 ? 
ATOM   621  C  CA  . GLY A 1 80  ? -1.310  -7.689  13.251  1.000 15.785 0 80  GLY A CA  1 ? 
ATOM   622  C  C   . GLY A 1 80  ? -1.412  -6.921  14.571  1.000 16.985 0 80  GLY A C   1 ? 
ATOM   623  O  O   . GLY A 1 80  ? -2.508  -6.466  14.912  1.000 18.047 0 80  GLY A O   1 ? 
ATOM   624  N  N   . HIS A 1 81  ? -0.303  -6.809  15.320  1.000 16.710 0 81  HIS A N   1 ? 
ATOM   625  C  CA  . HIS A 1 81  ? -0.261  -6.032  16.549  1.000 19.002 0 81  HIS A CA  1 ? 
ATOM   626  C  C   . HIS A 1 81  ? 0.146   -4.601  16.232  1.000 16.783 0 81  HIS A C   1 ? 
ATOM   627  O  O   . HIS A 1 81  ? 1.202   -4.140  16.668  1.000 16.678 0 81  HIS A O   1 ? 
ATOM   628  C  CB  . HIS A 1 81  ? 0.751   -6.623  17.530  1.000 20.821 0 81  HIS A CB  1 ? 
ATOM   629  C  CG  . HIS A 1 81  ? 0.335   -7.935  18.041  1.000 24.675 0 81  HIS A CG  1 ? 
ATOM   630  N  ND1 . HIS A 1 81  ? 0.777   -9.091  17.437  1.000 28.331 0 81  HIS A ND1 1 ? 
ATOM   631  C  CD2 . HIS A 1 81  ? -0.492  -8.297  19.023  1.000 26.337 0 81  HIS A CD2 1 ? 
ATOM   632  C  CE1 . HIS A 1 81  ? 0.252   -10.129 18.075  1.000 26.153 0 81  HIS A CE1 1 ? 
ATOM   633  N  NE2 . HIS A 1 81  ? -0.511  -9.669  19.040  1.000 29.638 0 81  HIS A NE2 1 ? 
ATOM   634  N  N   . HIS A 1 82  ? -0.700  -3.923  15.456  1.000 15.906 0 82  HIS A N   1 ? 
ATOM   635  C  CA  . HIS A 1 82  ? -0.319  -2.691  14.782  1.000 16.272 0 82  HIS A CA  1 ? 
ATOM   636  C  C   . HIS A 1 82  ? -1.255  -1.529  15.156  1.000 15.817 0 82  HIS A C   1 ? 
ATOM   637  O  O   . HIS A 1 82  ? -1.304  -0.535  14.452  1.000 16.701 0 82  HIS A O   1 ? 
ATOM   638  C  CB  . HIS A 1 82  ? -0.277  -2.943  13.275  1.000 17.314 0 82  HIS A CB  1 ? 
ATOM   639  C  CG  . HIS A 1 82  ? -1.562  -3.492  12.754  1.000 16.234 0 82  HIS A CG  1 ? 
ATOM   640  N  ND1 . HIS A 1 82  ? -1.613  -4.376  11.709  1.000 16.135 0 82  HIS A ND1 1 ? 
ATOM   641  C  CD2 . HIS A 1 82  ? -2.855  -3.266  13.123  1.000 17.196 0 82  HIS A CD2 1 ? 
ATOM   642  C  CE1 . HIS A 1 82  ? -2.878  -4.699  11.470  1.000 16.135 0 82  HIS A CE1 1 ? 
ATOM   643  N  NE2 . HIS A 1 82  ? -3.663  -4.028  12.304  1.000 15.868 0 82  HIS A NE2 1 ? 
ATOM   644  N  N   . GLU A 1 83  ? -1.962  -1.607  16.296  1.000 16.137 0 83  GLU A N   1 ? 
ATOM   645  C  CA  . GLU A 1 83  ? -2.902  -0.558  16.686  1.000 19.346 0 83  GLU A CA  1 ? 
ATOM   646  C  C   . GLU A 1 83  ? -2.217  0.807   16.724  1.000 18.773 0 83  GLU A C   1 ? 
ATOM   647  O  O   . GLU A 1 83  ? -2.760  1.764   16.175  1.000 18.861 0 83  GLU A O   1 ? 
ATOM   648  C  CB  . GLU A 1 83  ? -3.556  -0.909  18.031  1.000 24.678 0 83  GLU A CB  1 ? 
ATOM   649  C  CG  . GLU A 1 83  ? -4.293  0.250   18.726  1.000 28.465 0 83  GLU A CG  1 ? 
ATOM   650  C  CD  . GLU A 1 83  ? -5.483  0.857   18.006  1.000 35.994 0 83  GLU A CD  1 ? 
ATOM   651  O  OE1 . GLU A 1 83  ? -6.071  0.166   17.143  1.000 44.744 0 83  GLU A OE1 1 ? 
ATOM   652  O  OE2 . GLU A 1 83  ? -5.810  2.046   18.283  1.000 37.816 0 83  GLU A OE2 1 ? 
ATOM   653  N  N   . ALA A 1 84  ? -1.023  0.885   17.344  1.000 19.854 0 84  ALA A N   1 ? 
ATOM   654  C  CA  . ALA A 1 84  ? -0.301  2.144   17.534  1.000 19.487 0 84  ALA A CA  1 ? 
ATOM   655  C  C   . ALA A 1 84  ? 0.138   2.749   16.199  1.000 20.006 0 84  ALA A C   1 ? 
ATOM   656  O  O   . ALA A 1 84  ? 0.145   3.976   16.019  1.000 18.316 0 84  ALA A O   1 ? 
ATOM   657  C  CB  . ALA A 1 84  ? 0.890   1.948   18.451  1.000 21.235 0 84  ALA A CB  1 ? 
ATOM   658  N  N   . GLU A 1 85  ? 0.474   1.888   15.243  1.000 18.914 0 85  GLU A N   1 ? 
ATOM   659  C  CA  . GLU A 1 85  ? 0.904   2.330   13.932  1.000 20.244 0 85  GLU A CA  1 ? 
ATOM   660  C  C   . GLU A 1 85  ? -0.269  2.761   13.055  1.000 20.420 0 85  GLU A C   1 ? 
ATOM   661  O  O   . GLU A 1 85  ? -0.128  3.644   12.211  1.000 18.218 0 85  GLU A O   1 ? 
ATOM   662  C  CB  . GLU A 1 85  ? 1.607   1.190   13.219  1.000 21.190 0 85  GLU A CB  1 ? 
ATOM   663  C  CG  . GLU A 1 85  ? 2.955   0.850   13.821  1.000 22.150 0 85  GLU A CG  1 ? 
ATOM   664  C  CD  . GLU A 1 85  ? 3.005   -0.003  15.078  1.000 25.759 0 85  GLU A CD  1 ? 
ATOM   665  O  OE1 . GLU A 1 85  ? 1.951   -0.430  15.594  1.000 20.468 0 85  GLU A OE1 1 ? 
ATOM   666  O  OE2 . GLU A 1 85  ? 4.138   -0.240  15.539  1.000 32.031 0 85  GLU A OE2 1 ? 
ATOM   667  N  N   . LEU A 1 86  ? -1.432  2.129   13.241  1.000 19.132 0 86  LEU A N   1 ? 
ATOM   668  C  CA  . LEU A 1 86  ? -2.581  2.381   12.374  1.000 22.653 0 86  LEU A CA  1 ? 
ATOM   669  C  C   . LEU A 1 86  ? -3.315  3.641   12.786  1.000 22.005 0 86  LEU A C   1 ? 
ATOM   670  O  O   . LEU A 1 86  ? -3.822  4.352   11.933  1.000 19.556 0 86  LEU A O   1 ? 
ATOM   671  C  CB  . LEU A 1 86  ? -3.540  1.185   12.391  1.000 23.250 0 86  LEU A CB  1 ? 
ATOM   672  C  CG  . LEU A 1 86  ? -3.419  0.295   11.162  1.000 26.958 0 86  LEU A CG  1 ? 
ATOM   673  C  CD1 . LEU A 1 86  ? -1.994  -0.200  11.021  1.000 30.430 0 86  LEU A CD1 1 ? 
ATOM   674  C  CD2 . LEU A 1 86  ? -4.388  -0.862  11.239  1.000 27.683 0 86  LEU A CD2 1 ? 
ATOM   675  N  N   . LYS A 1 87  ? -3.330  3.919   14.090  1.000 22.674 0 87  LYS A N   1 ? 
ATOM   676  C  CA  . LYS A 1 87  ? -4.096  5.022   14.656  1.000 24.936 0 87  LYS A CA  1 ? 
ATOM   677  C  C   . LYS A 1 87  ? -3.796  6.338   13.928  1.000 21.260 0 87  LYS A C   1 ? 
ATOM   678  O  O   . LYS A 1 87  ? -4.696  7.031   13.462  1.000 22.406 0 87  LYS A O   1 ? 
ATOM   679  C  CB  . LYS A 1 87  ? -3.820  5.136   16.161  1.000 27.371 0 87  LYS A CB  1 ? 
ATOM   680  C  CG  . LYS A 1 87  ? -4.705  6.125   16.907  1.000 34.881 0 87  LYS A CG  1 ? 
ATOM   681  C  CD  . LYS A 1 87  ? -4.176  6.460   18.278  1.000 40.014 0 87  LYS A CD  1 ? 
ATOM   682  C  CE  . LYS A 1 87  ? -5.154  7.259   19.111  1.000 47.879 0 87  LYS A CE  1 ? 
ATOM   683  N  NZ  . LYS A 1 87  ? -6.451  6.556   19.245  1.000 49.036 0 87  LYS A NZ  1 ? 
ATOM   684  N  N   . PRO A 1 88  ? -2.536  6.773   13.794  1.000 19.170 0 88  PRO A N   1 ? 
ATOM   685  C  CA  . PRO A 1 88  ? -2.279  8.057   13.145  1.000 17.689 0 88  PRO A CA  1 ? 
ATOM   686  C  C   . PRO A 1 88  ? -2.610  8.072   11.659  1.000 15.519 0 88  PRO A C   1 ? 
ATOM   687  O  O   . PRO A 1 88  ? -2.941  9.124   11.139  1.000 15.622 0 88  PRO A O   1 ? 
ATOM   688  C  CB  . PRO A 1 88  ? -0.784  8.288   13.368  1.000 19.036 0 88  PRO A CB  1 ? 
ATOM   689  C  CG  . PRO A 1 88  ? -0.232  6.902   13.568  1.000 18.152 0 88  PRO A CG  1 ? 
ATOM   690  C  CD  . PRO A 1 88  ? -1.309  6.143   14.300  1.000 19.531 0 88  PRO A CD  1 ? 
ATOM   691  N  N   . LEU A 1 89  ? -2.454  6.920   10.992  1.000 16.105 0 89  LEU A N   1 ? 
ATOM   692  C  CA  . LEU A 1 89  ? -2.676  6.815   9.556   1.000 16.276 0 89  LEU A CA  1 ? 
ATOM   693  C  C   . LEU A 1 89  ? -4.168  6.830   9.264   1.000 15.047 0 89  LEU A C   1 ? 
ATOM   694  O  O   . LEU A 1 89  ? -4.615  7.510   8.345   1.000 15.408 0 89  LEU A O   1 ? 
ATOM   695  C  CB  . LEU A 1 89  ? -1.991  5.551   9.024   1.000 17.370 0 89  LEU A CB  1 ? 
ATOM   696  C  CG  . LEU A 1 89  ? -0.464  5.602   9.065   1.000 18.232 0 89  LEU A CG  1 ? 
ATOM   697  C  CD1 . LEU A 1 89  ? 0.126   4.274   8.644   1.000 20.140 0 89  LEU A CD1 1 ? 
ATOM   698  C  CD2 . LEU A 1 89  ? 0.078   6.692   8.180   1.000 17.612 0 89  LEU A CD2 1 ? 
ATOM   699  N  N   . ALA A 1 90  ? -4.957  6.116   10.065  1.000 17.324 0 90  ALA A N   1 ? 
ATOM   700  C  CA  . ALA A 1 90  ? -6.406  6.248   9.984   1.000 16.957 0 90  ALA A CA  1 ? 
ATOM   701  C  C   . ALA A 1 90  ? -6.832  7.707   10.147  1.000 17.755 0 90  ALA A C   1 ? 
ATOM   702  O  O   . ALA A 1 90  ? -7.697  8.202   9.410   1.000 16.625 0 90  ALA A O   1 ? 
ATOM   703  C  CB  . ALA A 1 90  ? -7.040  5.358   11.022  1.000 18.368 0 90  ALA A CB  1 ? 
ATOM   704  N  N   . GLN A 1 91  ? -6.269  8.391   11.162  1.000 16.539 0 91  GLN A N   1 ? 
ATOM   705  C  CA  . GLN A 1 91  ? -6.671  9.759   11.449  1.000 18.843 0 91  GLN A CA  1 ? 
ATOM   706  C  C   . GLN A 1 91  ? -6.270  10.666  10.291  1.000 17.087 0 91  GLN A C   1 ? 
ATOM   707  O  O   . GLN A 1 91  ? -7.100  11.460  9.849   1.000 17.568 0 91  GLN A O   1 ? 
ATOM   708  C  CB  . GLN A 1 91  ? -6.091  10.252  12.782  1.000 21.770 0 91  GLN A CB  1 ? 
ATOM   709  C  CG  . GLN A 1 91  ? -6.623  9.451   13.958  1.000 27.312 0 91  GLN A CG  1 ? 
ATOM   710  C  CD  . GLN A 1 91  ? -5.849  9.609   15.257  1.000 33.466 0 91  GLN A CD  1 ? 
ATOM   711  O  OE1 . GLN A 1 91  ? -4.664  9.961   15.287  1.000 39.557 0 91  GLN A OE1 1 ? 
ATOM   712  N  NE2 . GLN A 1 91  ? -6.515  9.279   16.355  1.000 31.653 0 91  GLN A NE2 1 ? 
ATOM   713  N  N   . SER A 1 92  ? -5.011  10.557  9.803   1.000 15.166 0 92  SER A N   1 ? 
ATOM   714  C  CA  . SER A 1 92  ? -4.592  11.475  8.742   1.000 15.411 0 92  SER A CA  1 ? 
ATOM   715  C  C   . SER A 1 92  ? -5.371  11.197  7.463   1.000 14.558 0 92  SER A C   1 ? 
ATOM   716  O  O   . SER A 1 92  ? -5.819  12.136  6.786   1.000 15.475 0 92  SER A O   1 ? 
ATOM   717  C  CB  . SER A 1 92  ? -3.103  11.505  8.487   1.000 15.750 0 92  SER A CB  1 ? 
ATOM   718  O  OG  . SER A 1 92  ? -2.623  10.284  7.963   1.000 15.990 0 92  SER A OG  1 ? 
ATOM   719  N  N   . HIS A 1 93  ? -5.582  9.911   7.145   1.000 14.005 0 93  HIS A N   1 ? 
ATOM   720  C  CA  . HIS A 1 93  ? -6.183  9.581   5.864   1.000 14.242 0 93  HIS A CA  1 ? 
ATOM   721  C  C   . HIS A 1 93  ? -7.679  9.897   5.872   1.000 14.522 0 93  HIS A C   1 ? 
ATOM   722  O  O   . HIS A 1 93  ? -8.214  10.378  4.870   1.000 14.521 0 93  HIS A O   1 ? 
ATOM   723  C  CB  . HIS A 1 93  ? -5.757  8.166   5.442   1.000 13.797 0 93  HIS A CB  1 ? 
ATOM   724  C  CG  . HIS A 1 93  ? -4.336  8.134   4.985   1.000 14.022 0 93  HIS A CG  1 ? 
ATOM   725  N  ND1 . HIS A 1 93  ? -3.222  8.473   5.726   1.000 13.658 0 93  HIS A ND1 1 ? 
ATOM   726  C  CD2 . HIS A 1 93  ? -3.902  7.863   3.761   1.000 13.622 0 93  HIS A CD2 1 ? 
ATOM   727  C  CE1 . HIS A 1 93  ? -2.137  8.373   4.945   1.000 14.291 0 93  HIS A CE1 1 ? 
ATOM   728  N  NE2 . HIS A 1 93  ? -2.526  7.977   3.727   1.000 12.658 0 93  HIS A NE2 1 ? 
ATOM   729  N  N   . ALA A 1 94  ? -8.373  9.659   6.991   1.000 14.836 0 94  ALA A N   1 ? 
ATOM   730  C  CA  . ALA A 1 94  ? -9.784  9.995   7.078   1.000 16.897 0 94  ALA A CA  1 ? 
ATOM   731  C  C   . ALA A 1 94  ? -10.004 11.511  7.188   1.000 21.465 0 94  ALA A C   1 ? 
ATOM   732  O  O   . ALA A 1 94  ? -10.810 12.076  6.433   1.000 22.212 0 94  ALA A O   1 ? 
ATOM   733  C  CB  . ALA A 1 94  ? -10.429 9.309   8.241   1.000 16.240 0 94  ALA A CB  1 ? 
ATOM   734  N  N   . THR A 1 95  ? -9.282  12.151  8.127   1.000 22.762 0 95  THR A N   1 ? 
ATOM   735  C  CA  . THR A 1 95  ? -9.635  13.487  8.591   1.000 23.212 0 95  THR A CA  1 ? 
ATOM   736  C  C   . THR A 1 95  ? -8.927  14.537  7.745   1.000 25.230 0 95  THR A C   1 ? 
ATOM   737  O  O   . THR A 1 95  ? -9.519  15.567  7.439   1.000 27.619 0 95  THR A O   1 ? 
ATOM   738  C  CB  . THR A 1 95  ? -9.384  13.645  10.102  1.000 27.333 0 95  THR A CB  1 ? 
ATOM   739  O  OG1 . THR A 1 95  ? -10.103 12.649  10.829  1.000 29.130 0 95  THR A OG1 1 ? 
ATOM   740  C  CG2 . THR A 1 95  ? -9.829  14.977  10.655  1.000 32.358 0 95  THR A CG2 1 ? 
ATOM   741  N  N   . LYS A 1 96  ? -7.673  14.293  7.347   1.000 24.098 0 96  LYS A N   1 ? 
ATOM   742  C  CA  . LYS A 1 96  ? -6.912  15.319  6.658   1.000 25.791 0 96  LYS A CA  1 ? 
ATOM   743  C  C   . LYS A 1 96  ? -6.904  15.062  5.159   1.000 23.601 0 96  LYS A C   1 ? 
ATOM   744  O  O   . LYS A 1 96  ? -7.274  15.951  4.399   1.000 24.170 0 96  LYS A O   1 ? 
ATOM   745  C  CB  . LYS A 1 96  ? -5.492  15.404  7.223   1.000 28.181 0 96  LYS A CB  1 ? 
ATOM   746  C  CG  . LYS A 1 96  ? -4.611  16.480  6.613   1.000 31.668 0 96  LYS A CG  1 ? 
ATOM   747  C  CD  . LYS A 1 96  ? -3.211  16.432  7.184   1.000 35.717 0 96  LYS A CD  1 ? 
ATOM   748  C  CE  . LYS A 1 96  ? -2.416  17.682  6.897   1.000 39.627 0 96  LYS A CE  1 ? 
ATOM   749  N  NZ  . LYS A 1 96  ? -2.470  18.029  5.458   1.000 44.292 0 96  LYS A NZ  1 ? 
ATOM   750  N  N   . HIS A 1 97  ? -6.480  13.860  4.726   1.000 20.489 0 97  HIS A N   1 ? 
ATOM   751  C  CA  . HIS A 1 97  ? -6.319  13.621  3.303   1.000 20.511 0 97  HIS A CA  1 ? 
ATOM   752  C  C   . HIS A 1 97  ? -7.647  13.266  2.635   1.000 19.289 0 97  HIS A C   1 ? 
ATOM   753  O  O   . HIS A 1 97  ? -7.760  13.408  1.420   1.000 18.281 0 97  HIS A O   1 ? 
ATOM   754  C  CB  . HIS A 1 97  ? -5.236  12.578  3.019   1.000 21.404 0 97  HIS A CB  1 ? 
ATOM   755  C  CG  . HIS A 1 97  ? -3.961  12.821  3.743   1.000 20.825 0 97  HIS A CG  1 ? 
ATOM   756  N  ND1 . HIS A 1 97  ? -3.292  14.028  3.827   1.000 20.188 0 97  HIS A ND1 1 ? 
ATOM   757  C  CD2 . HIS A 1 97  ? -3.262  11.934  4.465   1.000 18.689 0 97  HIS A CD2 1 ? 
ATOM   758  C  CE1 . HIS A 1 97  ? -2.204  13.833  4.560   1.000 19.630 0 97  HIS A CE1 1 ? 
ATOM   759  N  NE2 . HIS A 1 97  ? -2.175  12.563  4.947   1.000 17.785 0 97  HIS A NE2 1 ? 
ATOM   760  N  N   . LYS A 1 98  ? -8.640  12.814  3.418   1.000 18.414 0 98  LYS A N   1 ? 
ATOM   761  C  CA  . LYS A 1 98  ? -9.969  12.510  2.907   1.000 20.414 0 98  LYS A CA  1 ? 
ATOM   762  C  C   . LYS A 1 98  ? -9.924  11.379  1.881   1.000 18.244 0 98  LYS A C   1 ? 
ATOM   763  O  O   . LYS A 1 98  ? -10.460 11.503  0.775   1.000 18.719 0 98  LYS A O   1 ? 
ATOM   764  C  CB  . LYS A 1 98  ? -10.596 13.753  2.276   1.000 25.759 0 98  LYS A CB  1 ? 
ATOM   765  C  CG  . LYS A 1 98  ? -10.495 15.020  3.099   1.000 30.944 0 98  LYS A CG  1 ? 
ATOM   766  C  CD  . LYS A 1 98  ? -11.522 15.146  4.174   1.000 37.120 0 98  LYS A CD  1 ? 
ATOM   767  C  CE  . LYS A 1 98  ? -11.397 16.484  4.879   1.000 43.718 0 98  LYS A CE  1 ? 
ATOM   768  N  NZ  . LYS A 1 98  ? -12.120 16.487  6.175   1.000 46.899 0 98  LYS A NZ  1 ? 
ATOM   769  N  N   . ILE A 1 99  ? -9.343  10.253  2.292   1.000 17.203 0 99  ILE A N   1 ? 
ATOM   770  C  CA  . ILE A 1 99  ? -9.115  9.104   1.419   1.000 17.317 0 99  ILE A CA  1 ? 
ATOM   771  C  C   . ILE A 1 99  ? -10.155 8.038   1.720   1.000 17.226 0 99  ILE A C   1 ? 
ATOM   772  O  O   . ILE A 1 99  ? -10.066 7.403   2.784   1.000 18.301 0 99  ILE A O   1 ? 
ATOM   773  C  CB  . ILE A 1 99  ? -7.707  8.504   1.620   1.000 17.092 0 99  ILE A CB  1 ? 
ATOM   774  C  CG1 . ILE A 1 99  ? -6.587  9.536   1.447   1.000 16.544 0 99  ILE A CG1 1 ? 
ATOM   775  C  CG2 . ILE A 1 99  ? -7.527  7.302   0.706   1.000 17.830 0 99  ILE A CG2 1 ? 
ATOM   776  C  CD1 . ILE A 1 99  ? -6.638  10.329  0.166   1.000 17.941 0 99  ILE A CD1 1 ? 
ATOM   777  N  N   . PRO A 1 100 ? -11.130 7.774   0.816   1.000 16.273 0 100 PRO A N   1 ? 
ATOM   778  C  CA  . PRO A 1 100 ? -12.105 6.713   1.055   1.000 16.718 0 100 PRO A CA  1 ? 
ATOM   779  C  C   . PRO A 1 100 ? -11.427 5.344   1.165   1.000 16.696 0 100 PRO A C   1 ? 
ATOM   780  O  O   . PRO A 1 100 ? -10.357 5.109   0.597   1.000 15.457 0 100 PRO A O   1 ? 
ATOM   781  C  CB  . PRO A 1 100 ? -13.071 6.763   -0.145  1.000 17.922 0 100 PRO A CB  1 ? 
ATOM   782  C  CG  . PRO A 1 100 ? -12.751 8.049   -0.890  1.000 17.473 0 100 PRO A CG  1 ? 
ATOM   783  C  CD  . PRO A 1 100 ? -11.371 8.478   -0.455  1.000 17.157 0 100 PRO A CD  1 ? 
ATOM   784  N  N   . ILE A 1 101 ? -12.057 4.443   1.932   1.000 15.773 0 101 ILE A N   1 ? 
ATOM   785  C  CA  . ILE A 1 101 ? -11.523 3.115   2.138   1.000 18.015 0 101 ILE A CA  1 ? 
ATOM   786  C  C   . ILE A 1 101 ? -11.318 2.393   0.800   1.000 17.746 0 101 ILE A C   1 ? 
ATOM   787  O  O   . ILE A 1 101 ? -10.392 1.595   0.676   1.000 16.836 0 101 ILE A O   1 ? 
ATOM   788  C  CB  . ILE A 1 101 ? -12.406 2.317   3.123   1.000 22.724 0 101 ILE A CB  1 ? 
ATOM   789  C  CG1 . ILE A 1 101 ? -11.695 1.050   3.602   1.000 24.649 0 101 ILE A CG1 1 ? 
ATOM   790  C  CG2 . ILE A 1 101 ? -13.788 2.020   2.564   1.000 24.805 0 101 ILE A CG2 1 ? 
ATOM   791  C  CD1 . ILE A 1 101 ? -10.772 1.310   4.777   1.000 28.796 0 101 ILE A CD1 1 ? 
ATOM   792  N  N   . LYS A 1 102 ? -12.188 2.678   -0.179  1.000 17.560 0 102 LYS A N   1 ? 
ATOM   793  C  CA  . LYS A 1 102 ? -12.115 2.144   -1.529  1.000 17.921 0 102 LYS A CA  1 ? 
ATOM   794  C  C   . LYS A 1 102 ? -10.726 2.387   -2.127  1.000 16.581 0 102 LYS A C   1 ? 
ATOM   795  O  O   . LYS A 1 102 ? -10.180 1.502   -2.780  1.000 14.513 0 102 LYS A O   1 ? 
ATOM   796  C  CB  . LYS A 1 102 ? -13.211 2.798   -2.396  1.000 21.985 0 102 LYS A CB  1 ? 
ATOM   797  C  CG  . LYS A 1 102 ? -13.339 2.298   -3.839  1.000 28.737 0 102 LYS A CG  1 ? 
ATOM   798  C  CD  . LYS A 1 102 ? -13.485 0.792   -3.902  1.000 33.919 0 102 LYS A CD  1 ? 
ATOM   799  C  CE  . LYS A 1 102 ? -14.259 0.253   -5.088  1.000 37.212 0 102 LYS A CE  1 ? 
ATOM   800  N  NZ  . LYS A 1 102 ? -14.900 -1.040  -4.733  1.000 35.467 0 102 LYS A NZ  1 ? 
ATOM   801  N  N   . TYR A 1 103 ? -10.128 3.551   -1.869  1.000 15.898 0 103 TYR A N   1 ? 
ATOM   802  C  CA  . TYR A 1 103 ? -8.809  3.837   -2.425  1.000 15.965 0 103 TYR A CA  1 ? 
ATOM   803  C  C   . TYR A 1 103 ? -7.727  2.988   -1.747  1.000 14.815 0 103 TYR A C   1 ? 
ATOM   804  O  O   . TYR A 1 103 ? -6.700  2.675   -2.365  1.000 13.194 0 103 TYR A O   1 ? 
ATOM   805  C  CB  . TYR A 1 103 ? -8.432  5.306   -2.295  1.000 16.740 0 103 TYR A CB  1 ? 
ATOM   806  C  CG  . TYR A 1 103 ? -9.283  6.316   -3.054  1.000 18.545 0 103 TYR A CG  1 ? 
ATOM   807  C  CD1 . TYR A 1 103 ? -10.457 5.954   -3.711  1.000 21.553 0 103 TYR A CD1 1 ? 
ATOM   808  C  CD2 . TYR A 1 103 ? -8.903  7.658   -3.089  1.000 18.575 0 103 TYR A CD2 1 ? 
ATOM   809  C  CE1 . TYR A 1 103 ? -11.233 6.901   -4.367  1.000 21.636 0 103 TYR A CE1 1 ? 
ATOM   810  C  CE2 . TYR A 1 103 ? -9.656  8.607   -3.760  1.000 21.182 0 103 TYR A CE2 1 ? 
ATOM   811  C  CZ  . TYR A 1 103 ? -10.829 8.225   -4.389  1.000 22.740 0 103 TYR A CZ  1 ? 
ATOM   812  O  OH  . TYR A 1 103 ? -11.562 9.166   -5.047  1.000 25.180 0 103 TYR A OH  1 ? 
ATOM   813  N  N   . LEU A 1 104 ? -7.921  2.620   -0.468  1.000 14.957 0 104 LEU A N   1 ? 
ATOM   814  C  CA  . LEU A 1 104 ? -7.037  1.657   0.168   1.000 15.573 0 104 LEU A CA  1 ? 
ATOM   815  C  C   . LEU A 1 104 ? -7.183  0.280   -0.482  1.000 15.110 0 104 LEU A C   1 ? 
ATOM   816  O  O   . LEU A 1 104 ? -6.206  -0.453  -0.615  1.000 15.142 0 104 LEU A O   1 ? 
ATOM   817  C  CB  . LEU A 1 104 ? -7.314  1.598   1.679   1.000 16.590 0 104 LEU A CB  1 ? 
ATOM   818  C  CG  . LEU A 1 104 ? -7.243  2.953   2.395   1.000 20.413 0 104 LEU A CG  1 ? 
ATOM   819  C  CD1 . LEU A 1 104 ? -7.564  2.815   3.874   1.000 23.276 0 104 LEU A CD1 1 ? 
ATOM   820  C  CD2 . LEU A 1 104 ? -5.886  3.578   2.217   1.000 21.023 0 104 LEU A CD2 1 ? 
ATOM   821  N  N   . GLU A 1 105 ? -8.389  -0.087  -0.921  1.000 14.922 0 105 GLU A N   1 ? 
ATOM   822  C  CA  . GLU A 1 105 ? -8.538  -1.337  -1.654  1.000 15.837 0 105 GLU A CA  1 ? 
ATOM   823  C  C   . GLU A 1 105 ? -7.780  -1.255  -2.981  1.000 13.859 0 105 GLU A C   1 ? 
ATOM   824  O  O   . GLU A 1 105 ? -7.107  -2.197  -3.355  1.000 12.723 0 105 GLU A O   1 ? 
ATOM   825  C  CB  . GLU A 1 105 ? -10.017 -1.597  -1.903  1.000 16.763 0 105 GLU A CB  1 ? 
ATOM   826  C  CG  . GLU A 1 105 ? -10.306 -2.890  -2.649  1.000 20.256 0 105 GLU A CG  1 ? 
ATOM   827  C  CD  . GLU A 1 105 ? -11.758 -3.012  -3.101  1.000 24.640 0 105 GLU A CD  1 ? 
ATOM   828  O  OE1 . GLU A 1 105 ? -12.555 -2.097  -2.827  1.000 28.367 0 105 GLU A OE1 1 ? 
ATOM   829  O  OE2 . GLU A 1 105 ? -12.083 -4.008  -3.727  1.000 28.623 0 105 GLU A OE2 1 ? 
ATOM   830  N  N   . PHE A 1 106 ? -7.873  -0.116  -3.675  1.000 13.644 0 106 PHE A N   1 ? 
ATOM   831  C  CA  . PHE A 1 106 ? -7.162  0.055   -4.937  1.000 13.937 0 106 PHE A CA  1 ? 
ATOM   832  C  C   . PHE A 1 106 ? -5.660  -0.143  -4.735  1.000 12.989 0 106 PHE A C   1 ? 
ATOM   833  O  O   . PHE A 1 106 ? -5.021  -0.842  -5.514  1.000 12.027 0 106 PHE A O   1 ? 
ATOM   834  C  CB  . PHE A 1 106 ? -7.421  1.441   -5.548  1.000 14.965 0 106 PHE A CB  1 ? 
ATOM   835  C  CG  . PHE A 1 106 ? -8.840  1.801   -5.951  1.000 18.002 0 106 PHE A CG  1 ? 
ATOM   836  C  CD1 . PHE A 1 106 ? -9.776  0.833   -6.276  1.000 21.319 0 106 PHE A CD1 1 ? 
ATOM   837  C  CD2 . PHE A 1 106 ? -9.212  3.139   -6.066  1.000 19.238 0 106 PHE A CD2 1 ? 
ATOM   838  C  CE1 . PHE A 1 106 ? -11.054 1.196   -6.684  1.000 22.843 0 106 PHE A CE1 1 ? 
ATOM   839  C  CE2 . PHE A 1 106 ? -10.492 3.499   -6.458  1.000 19.575 0 106 PHE A CE2 1 ? 
ATOM   840  C  CZ  . PHE A 1 106 ? -11.406 2.525   -6.766  1.000 20.843 0 106 PHE A CZ  1 ? 
ATOM   841  N  N   . ILE A 1 107 ? -5.061  0.458   -3.696  1.000 12.826 0 107 ILE A N   1 ? 
ATOM   842  C  CA  . ILE A 1 107 ? -3.612  0.360   -3.562  1.000 13.466 0 107 ILE A CA  1 ? 
ATOM   843  C  C   . ILE A 1 107 ? -3.202  -1.058  -3.147  1.000 13.277 0 107 ILE A C   1 ? 
ATOM   844  O  O   . ILE A 1 107 ? -2.115  -1.513  -3.484  1.000 12.544 0 107 ILE A O   1 ? 
ATOM   845  C  CB  . ILE A 1 107 ? -3.040  1.462   -2.639  1.000 13.205 0 107 ILE A CB  1 ? 
ATOM   846  C  CG1 . ILE A 1 107 ? -1.552  1.698   -2.911  1.000 12.850 0 107 ILE A CG1 1 ? 
ATOM   847  C  CG2 . ILE A 1 107 ? -3.296  1.160   -1.178  1.000 13.137 0 107 ILE A CG2 1 ? 
ATOM   848  C  CD1 . ILE A 1 107 ? -0.919  2.823   -2.118  1.000 14.067 0 107 ILE A CD1 1 ? 
ATOM   849  N  N   . SER A 1 108 ? -4.060  -1.756  -2.408  1.000 13.381 0 108 SER A N   1 ? 
ATOM   850  C  CA  . SER A 1 108 ? -3.826  -3.142  -2.026  1.000 14.438 0 108 SER A CA  1 ? 
ATOM   851  C  C   . SER A 1 108 ? -3.717  -4.033  -3.264  1.000 14.714 0 108 SER A C   1 ? 
ATOM   852  O  O   . SER A 1 108 ? -2.813  -4.855  -3.375  1.000 14.153 0 108 SER A O   1 ? 
ATOM   853  C  CB  . SER A 1 108 ? -4.899  -3.628  -1.104  1.000 15.639 0 108 SER A CB  1 ? 
ATOM   854  O  OG  . SER A 1 108 ? -4.873  -2.859  0.076   1.000 18.502 0 108 SER A OG  1 ? 
ATOM   855  N  N   . ASP A 1 109 ? -4.637  -3.830  -4.204  1.000 15.896 0 109 ASP A N   1 ? 
ATOM   856  C  CA  . ASP A 1 109 ? -4.657  -4.541  -5.466  1.000 15.810 0 109 ASP A CA  1 ? 
ATOM   857  C  C   . ASP A 1 109 ? -3.426  -4.172  -6.297  1.000 15.282 0 109 ASP A C   1 ? 
ATOM   858  O  O   . ASP A 1 109 ? -2.845  -5.033  -6.955  1.000 14.260 0 109 ASP A O   1 ? 
ATOM   859  C  CB  . ASP A 1 109 ? -5.940  -4.228  -6.240  1.000 18.598 0 109 ASP A CB  1 ? 
ATOM   860  C  CG  . ASP A 1 109 ? -7.212  -4.785  -5.622  1.000 21.966 0 109 ASP A CG  1 ? 
ATOM   861  O  OD1 . ASP A 1 109 ? -7.115  -5.585  -4.680  1.000 26.573 0 109 ASP A OD1 1 ? 
ATOM   862  O  OD2 . ASP A 1 109 ? -8.289  -4.410  -6.090  1.000 27.179 0 109 ASP A OD2 1 ? 
ATOM   863  N  N   . ALA A 1 110 ? -3.018  -2.897  -6.252  1.000 14.617 0 110 ALA A N   1 ? 
ATOM   864  C  CA  . ALA A 1 110 ? -1.820  -2.466  -6.966  1.000 14.390 0 110 ALA A CA  1 ? 
ATOM   865  C  C   . ALA A 1 110 ? -0.573  -3.173  -6.415  1.000 13.844 0 110 ALA A C   1 ? 
ATOM   866  O  O   . ALA A 1 110 ? 0.295   -3.579  -7.166  1.000 12.689 0 110 ALA A O   1 ? 
ATOM   867  C  CB  . ALA A 1 110 ? -1.679  -0.973  -6.885  1.000 15.158 0 110 ALA A CB  1 ? 
ATOM   868  N  N   . ILE A 1 111 ? -0.473  -3.338  -5.097  1.000 13.479 0 111 ILE A N   1 ? 
ATOM   869  C  CA  . ILE A 1 111 ? 0.672   -4.026  -4.521  1.000 13.960 0 111 ILE A CA  1 ? 
ATOM   870  C  C   . ILE A 1 111 ? 0.745   -5.447  -5.060  1.000 13.114 0 111 ILE A C   1 ? 
ATOM   871  O  O   . ILE A 1 111 ? 1.803   -5.883  -5.474  1.000 13.261 0 111 ILE A O   1 ? 
ATOM   872  C  CB  . ILE A 1 111 ? 0.577   -3.974  -2.984  1.000 13.689 0 111 ILE A CB  1 ? 
ATOM   873  C  CG1 . ILE A 1 111 ? 0.858   -2.558  -2.489  1.000 14.201 0 111 ILE A CG1 1 ? 
ATOM   874  C  CG2 . ILE A 1 111 ? 1.494   -4.993  -2.347  1.000 13.583 0 111 ILE A CG2 1 ? 
ATOM   875  C  CD1 . ILE A 1 111 ? 0.438   -2.296  -1.064  1.000 14.664 0 111 ILE A CD1 1 ? 
ATOM   876  N  N   . ILE A 1 112 ? -0.391  -6.143  -5.107  1.000 14.219 0 112 ILE A N   1 ? 
ATOM   877  C  CA  . ILE A 1 112 ? -0.395  -7.518  -5.601  1.000 14.797 0 112 ILE A CA  1 ? 
ATOM   878  C  C   . ILE A 1 112 ? 0.027   -7.556  -7.061  1.000 14.794 0 112 ILE A C   1 ? 
ATOM   879  O  O   . ILE A 1 112 ? 0.840   -8.392  -7.448  1.000 15.618 0 112 ILE A O   1 ? 
ATOM   880  C  CB  . ILE A 1 112 ? -1.766  -8.164  -5.378  1.000 14.585 0 112 ILE A CB  1 ? 
ATOM   881  C  CG1 . ILE A 1 112 ? -2.052  -8.259  -3.870  1.000 15.624 0 112 ILE A CG1 1 ? 
ATOM   882  C  CG2 . ILE A 1 112 ? -1.885  -9.500  -6.095  1.000 15.260 0 112 ILE A CG2 1 ? 
ATOM   883  C  CD1 . ILE A 1 112 ? -1.175  -9.205  -3.099  1.000 15.730 0 112 ILE A CD1 1 ? 
ATOM   884  N  N   . HIS A 1 113 ? -0.461  -6.598  -7.840  1.000 14.636 0 113 HIS A N   1 ? 
ATOM   885  C  CA  . HIS A 1 113 ? -0.137  -6.555  -9.250  1.000 15.324 0 113 HIS A CA  1 ? 
ATOM   886  C  C   . HIS A 1 113 ? 1.368   -6.357  -9.431  1.000 14.535 0 113 HIS A C   1 ? 
ATOM   887  O  O   . HIS A 1 113 ? 1.992   -7.028  -10.260 1.000 15.314 0 113 HIS A O   1 ? 
ATOM   888  C  CB  . HIS A 1 113 ? -0.848  -5.383  -9.930  1.000 18.197 0 113 HIS A CB  1 ? 
ATOM   889  C  CG  . HIS A 1 113 ? -0.733  -5.461  -11.405 1.000 22.297 0 113 HIS A CG  1 ? 
ATOM   890  N  ND1 . HIS A 1 113 ? 0.272   -4.873  -12.134 1.000 27.654 0 113 HIS A ND1 1 ? 
ATOM   891  C  CD2 . HIS A 1 113 ? -1.472  -6.139  -12.264 1.000 27.824 0 113 HIS A CD2 1 ? 
ATOM   892  C  CE1 . HIS A 1 113 ? 0.108   -5.182  -13.408 1.000 28.685 0 113 HIS A CE1 1 ? 
ATOM   893  N  NE2 . HIS A 1 113 ? -0.959  -5.942  -13.504 1.000 31.308 0 113 HIS A NE2 1 ? 
ATOM   894  N  N   . VAL A 1 114 ? 1.930   -5.374  -8.699  1.000 13.608 0 114 VAL A N   1 ? 
ATOM   895  C  CA  . VAL A 1 114 ? 3.344   -5.028  -8.848  1.000 14.364 0 114 VAL A CA  1 ? 
ATOM   896  C  C   . VAL A 1 114 ? 4.246   -6.204  -8.445  1.000 14.323 0 114 VAL A C   1 ? 
ATOM   897  O  O   . VAL A 1 114 ? 5.269   -6.447  -9.083  1.000 14.205 0 114 VAL A O   1 ? 
ATOM   898  C  CB  . VAL A 1 114 ? 3.665   -3.728  -8.094  1.000 14.166 0 114 VAL A CB  1 ? 
ATOM   899  C  CG1 . VAL A 1 114 ? 5.169   -3.488  -7.996  1.000 15.317 0 114 VAL A CG1 1 ? 
ATOM   900  C  CG2 . VAL A 1 114 ? 2.965   -2.558  -8.754  1.000 16.605 0 114 VAL A CG2 1 ? 
ATOM   901  N  N   . LEU A 1 115 ? 3.880   -6.927  -7.370  1.000 13.876 0 115 LEU A N   1 ? 
ATOM   902  C  CA  . LEU A 1 115 ? 4.606   -8.122  -6.967  1.000 14.619 0 115 LEU A CA  1 ? 
ATOM   903  C  C   . LEU A 1 115 ? 4.673   -9.135  -8.113  1.000 14.078 0 115 LEU A C   1 ? 
ATOM   904  O  O   . LEU A 1 115 ? 5.745   -9.641  -8.397  1.000 13.004 0 115 LEU A O   1 ? 
ATOM   905  C  CB  . LEU A 1 115 ? 3.976   -8.710  -5.702  1.000 14.221 0 115 LEU A CB  1 ? 
ATOM   906  C  CG  . LEU A 1 115 ? 4.240   -7.924  -4.419  1.000 15.787 0 115 LEU A CG  1 ? 
ATOM   907  C  CD1 . LEU A 1 115 ? 3.398   -8.437  -3.279  1.000 16.123 0 115 LEU A CD1 1 ? 
ATOM   908  C  CD2 . LEU A 1 115 ? 5.713   -7.975  -4.039  1.000 18.360 0 115 LEU A CD2 1 ? 
ATOM   909  N  N   . HIS A 1 116 ? 3.564   -9.397  -8.824  1.000 13.836 0 116 HIS A N   1 ? 
ATOM   910  C  CA  . HIS A 1 116 ? 3.629   -10.320 -9.952  1.000 14.142 0 116 HIS A CA  1 ? 
ATOM   911  C  C   . HIS A 1 116 ? 4.486   -9.754  -11.083 1.000 15.259 0 116 HIS A C   1 ? 
ATOM   912  O  O   . HIS A 1 116 ? 5.243   -10.471 -11.745 1.000 15.845 0 116 HIS A O   1 ? 
ATOM   913  C  CB  . HIS A 1 116 ? 2.217   -10.682 -10.439 1.000 13.928 0 116 HIS A CB  1 ? 
ATOM   914  C  CG  . HIS A 1 116 ? 1.543   -11.741 -9.631  1.000 14.984 0 116 HIS A CG  1 ? 
ATOM   915  N  ND1 . HIS A 1 116 ? 2.046   -13.024 -9.466  1.000 13.416 0 116 HIS A ND1 1 ? 
ATOM   916  C  CD2 . HIS A 1 116 ? 0.393   -11.693 -8.926  1.000 12.402 0 116 HIS A CD2 1 ? 
ATOM   917  C  CE1 . HIS A 1 116 ? 1.208   -13.702 -8.689  1.000 14.740 0 116 HIS A CE1 1 ? 
ATOM   918  N  NE2 . HIS A 1 116 ? 0.209   -12.923 -8.354  1.000 12.839 0 116 HIS A NE2 1 ? 
ATOM   919  N  N   . SER A 1 117 ? 4.339   -8.460  -11.341 1.000 13.873 0 117 SER A N   1 ? 
ATOM   920  C  CA  . SER A 1 117 ? 4.988   -7.832  -12.479 1.000 15.491 0 117 SER A CA  1 ? 
ATOM   921  C  C   . SER A 1 117 ? 6.516   -7.803  -12.327 1.000 15.553 0 117 SER A C   1 ? 
ATOM   922  O  O   . SER A 1 117 ? 7.251   -7.953  -13.312 1.000 15.873 0 117 SER A O   1 ? 
ATOM   923  C  CB  . SER A 1 117 ? 4.416   -6.457  -12.646 1.000 16.701 0 117 SER A CB  1 ? 
ATOM   924  O  OG  . SER A 1 117 ? 5.014   -5.794  -13.736 1.000 19.706 0 117 SER A OG  1 ? 
ATOM   925  N  N   . LYS A 1 118 ? 7.001   -7.553  -11.096 1.000 15.677 0 118 LYS A N   1 ? 
ATOM   926  C  CA  . LYS A 1 118 ? 8.431   -7.427  -10.853 1.000 15.993 0 118 LYS A CA  1 ? 
ATOM   927  C  C   . LYS A 1 118 ? 9.037   -8.780  -10.499 1.000 16.591 0 118 LYS A C   1 ? 
ATOM   928  O  O   . LYS A 1 118 ? 10.247  -8.922  -10.601 1.000 17.101 0 118 LYS A O   1 ? 
ATOM   929  C  CB  . LYS A 1 118 ? 8.703   -6.423  -9.726  1.000 16.823 0 118 LYS A CB  1 ? 
ATOM   930  C  CG  . LYS A 1 118 ? 8.314   -4.990  -10.060 1.000 18.676 0 118 LYS A CG  1 ? 
ATOM   931  C  CD  . LYS A 1 118 ? 8.683   -3.980  -9.007  1.000 20.064 0 118 LYS A CD  1 ? 
ATOM   932  C  CE  . LYS A 1 118 ? 10.176  -3.756  -8.944  1.000 22.164 0 118 LYS A CE  1 ? 
ATOM   933  N  NZ  . LYS A 1 118 ? 10.687  -3.267  -10.252 1.000 22.869 0 118 LYS A NZ  1 ? 
ATOM   934  N  N   . HIS A 1 119 ? 8.197   -9.760  -10.108 1.000 15.789 0 119 HIS A N   1 ? 
ATOM   935  C  CA  . HIS A 1 119 ? 8.653   -11.062 -9.655  1.000 17.006 0 119 HIS A CA  1 ? 
ATOM   936  C  C   . HIS A 1 119 ? 7.859   -12.177 -10.336 1.000 16.638 0 119 HIS A C   1 ? 
ATOM   937  O  O   . HIS A 1 119 ? 7.363   -13.073 -9.652  1.000 15.434 0 119 HIS A O   1 ? 
ATOM   938  C  CB  . HIS A 1 119 ? 8.584   -11.150 -8.125  1.000 17.352 0 119 HIS A CB  1 ? 
ATOM   939  C  CG  . HIS A 1 119 ? 9.264   -10.000 -7.456  1.000 18.850 0 119 HIS A CG  1 ? 
ATOM   940  N  ND1 . HIS A 1 119 ? 10.633  -9.895  -7.283  1.000 18.715 0 119 HIS A ND1 1 ? 
ATOM   941  C  CD2 . HIS A 1 119 ? 8.737   -8.871  -6.958  1.000 18.271 0 119 HIS A CD2 1 ? 
ATOM   942  C  CE1 . HIS A 1 119 ? 10.898  -8.729  -6.702  1.000 18.575 0 119 HIS A CE1 1 ? 
ATOM   943  N  NE2 . HIS A 1 119 ? 9.761   -8.104  -6.486  1.000 17.398 0 119 HIS A NE2 1 ? 
ATOM   944  N  N   . PRO A 1 120 ? 7.765   -12.194 -11.691 1.000 16.423 0 120 PRO A N   1 ? 
ATOM   945  C  CA  . PRO A 1 120 ? 6.895   -13.148 -12.374 1.000 17.719 0 120 PRO A CA  1 ? 
ATOM   946  C  C   . PRO A 1 120 ? 7.383   -14.561 -12.146 1.000 18.064 0 120 PRO A C   1 ? 
ATOM   947  O  O   . PRO A 1 120 ? 8.571   -14.834 -12.332 1.000 17.988 0 120 PRO A O   1 ? 
ATOM   948  C  CB  . PRO A 1 120 ? 6.990   -12.754 -13.853 1.000 18.153 0 120 PRO A CB  1 ? 
ATOM   949  C  CG  . PRO A 1 120 ? 8.335   -12.039 -13.953 1.000 18.867 0 120 PRO A CG  1 ? 
ATOM   950  C  CD  . PRO A 1 120 ? 8.455   -11.288 -12.636 1.000 17.544 0 120 PRO A CD  1 ? 
ATOM   951  N  N   . GLY A 1 121 ? 6.490   -15.431 -11.684 1.000 17.291 0 121 GLY A N   1 ? 
ATOM   952  C  CA  . GLY A 1 121 ? 6.850   -16.813 -11.425 1.000 18.479 0 121 GLY A CA  1 ? 
ATOM   953  C  C   . GLY A 1 121 ? 7.589   -17.005 -10.103 1.000 21.057 0 121 GLY A C   1 ? 
ATOM   954  O  O   . GLY A 1 121 ? 8.001   -18.121 -9.798  1.000 21.560 0 121 GLY A O   1 ? 
ATOM   955  N  N   . ASP A 1 122 ? 7.725   -15.927 -9.318  1.000 19.769 0 122 ASP A N   1 ? 
ATOM   956  C  CA  . ASP A 1 122 ? 8.394   -15.963 -8.032  1.000 19.907 0 122 ASP A CA  1 ? 
ATOM   957  C  C   . ASP A 1 122 ? 7.464   -15.425 -6.939  1.000 18.747 0 122 ASP A C   1 ? 
ATOM   958  O  O   . ASP A 1 122 ? 7.908   -15.047 -5.863  1.000 20.718 0 122 ASP A O   1 ? 
ATOM   959  C  CB  . ASP A 1 122 ? 9.686   -15.142 -8.095  1.000 22.309 0 122 ASP A CB  1 ? 
ATOM   960  C  CG  . ASP A 1 122 ? 10.573  -15.389 -6.890  1.000 26.375 0 122 ASP A CG  1 ? 
ATOM   961  O  OD1 . ASP A 1 122 ? 10.642  -16.549 -6.451  1.000 29.369 0 122 ASP A OD1 1 ? 
ATOM   962  O  OD2 . ASP A 1 122 ? 11.215  -14.452 -6.438  1.000 25.554 0 122 ASP A OD2 1 ? 
ATOM   963  N  N   . PHE A 1 123 ? 6.160   -15.407 -7.207  1.000 17.474 0 123 PHE A N   1 ? 
ATOM   964  C  CA  . PHE A 1 123 ? 5.163   -14.959 -6.230  1.000 16.350 0 123 PHE A CA  1 ? 
ATOM   965  C  C   . PHE A 1 123 ? 4.040   -15.993 -6.293  1.000 16.129 0 123 PHE A C   1 ? 
ATOM   966  O  O   . PHE A 1 123 ? 3.058   -15.833 -7.034  1.000 18.155 0 123 PHE A O   1 ? 
ATOM   967  C  CB  . PHE A 1 123 ? 4.741   -13.510 -6.504  1.000 15.604 0 123 PHE A CB  1 ? 
ATOM   968  C  CG  . PHE A 1 123 ? 3.715   -12.918 -5.570  1.000 15.233 0 123 PHE A CG  1 ? 
ATOM   969  C  CD1 . PHE A 1 123 ? 3.806   -13.123 -4.207  1.000 15.221 0 123 PHE A CD1 1 ? 
ATOM   970  C  CD2 . PHE A 1 123 ? 2.717   -12.076 -6.048  1.000 14.161 0 123 PHE A CD2 1 ? 
ATOM   971  C  CE1 . PHE A 1 123 ? 2.896   -12.547 -3.348  1.000 14.611 0 123 PHE A CE1 1 ? 
ATOM   972  C  CE2 . PHE A 1 123 ? 1.818   -11.471 -5.182  1.000 15.210 0 123 PHE A CE2 1 ? 
ATOM   973  C  CZ  . PHE A 1 123 ? 1.895   -11.731 -3.834  1.000 15.716 0 123 PHE A CZ  1 ? 
ATOM   974  N  N   . GLY A 1 124 ? 4.249   -17.065 -5.521  1.000 16.752 0 124 GLY A N   1 ? 
ATOM   975  C  CA  . GLY A 1 124 ? 3.466   -18.276 -5.622  1.000 17.082 0 124 GLY A CA  1 ? 
ATOM   976  C  C   . GLY A 1 124 ? 2.075   -18.091 -5.041  1.000 17.063 0 124 GLY A C   1 ? 
ATOM   977  O  O   . GLY A 1 124 ? 1.776   -17.077 -4.400  1.000 18.465 0 124 GLY A O   1 ? 
ATOM   978  N  N   . ALA A 1 125 ? 1.225   -19.089 -5.298  1.000 15.504 0 125 ALA A N   1 ? 
ATOM   979  C  CA  . ALA A 1 125 ? -0.176  -18.996 -4.937  1.000 15.717 0 125 ALA A CA  1 ? 
ATOM   980  C  C   . ALA A 1 125 ? -0.330  -18.850 -3.424  1.000 15.104 0 125 ALA A C   1 ? 
ATOM   981  O  O   . ALA A 1 125 ? -1.179  -18.097 -2.960  1.000 15.304 0 125 ALA A O   1 ? 
ATOM   982  C  CB  . ALA A 1 125 ? -0.929  -20.195 -5.455  1.000 16.821 0 125 ALA A CB  1 ? 
ATOM   983  N  N   . ASP A 1 126 ? 0.471   -19.600 -2.661  1.000 17.360 0 126 ASP A N   1 ? 
ATOM   984  C  CA  . ASP A 1 126 ? 0.446   -19.501 -1.205  1.000 18.375 0 126 ASP A CA  1 ? 
ATOM   985  C  C   . ASP A 1 126 ? 0.849   -18.091 -0.749  1.000 15.738 0 126 ASP A C   1 ? 
ATOM   986  O  O   . ASP A 1 126 ? 0.228   -17.528 0.144   1.000 17.590 0 126 ASP A O   1 ? 
ATOM   987  C  CB  . ASP A 1 126 ? 1.326   -20.562 -0.529  1.000 21.622 0 126 ASP A CB  1 ? 
ATOM   988  C  CG  . ASP A 1 126 ? 2.775   -20.670 -1.011  1.000 27.957 0 126 ASP A CG  1 ? 
ATOM   989  O  OD1 . ASP A 1 126 ? 3.166   -19.991 -2.025  1.000 30.159 0 126 ASP A OD1 1 ? 
ATOM   990  O  OD2 . ASP A 1 126 ? 3.525   -21.469 -0.378  1.000 34.293 0 126 ASP A OD2 1 ? 
ATOM   991  N  N   . ALA A 1 127 ? 1.890   -17.519 -1.362  1.000 15.963 0 127 ALA A N   1 ? 
ATOM   992  C  CA  . ALA A 1 127 ? 2.367   -16.178 -1.024  1.000 14.126 0 127 ALA A CA  1 ? 
ATOM   993  C  C   . ALA A 1 127 ? 1.318   -15.099 -1.332  1.000 14.542 0 127 ALA A C   1 ? 
ATOM   994  O  O   . ALA A 1 127 ? 1.113   -14.159 -0.560  1.000 13.052 0 127 ALA A O   1 ? 
ATOM   995  C  CB  . ALA A 1 127 ? 3.657   -15.911 -1.755  1.000 12.848 0 127 ALA A CB  1 ? 
ATOM   996  N  N   . GLN A 1 128 ? 0.632   -15.230 -2.463  1.000 13.906 0 128 GLN A N   1 ? 
ATOM   997  C  CA  . GLN A 1 128 ? -0.417  -14.284 -2.812  1.000 14.274 0 128 GLN A CA  1 ? 
ATOM   998  C  C   . GLN A 1 128 ? -1.530  -14.388 -1.785  1.000 13.875 0 128 GLN A C   1 ? 
ATOM   999  O  O   . GLN A 1 128 ? -2.073  -13.365 -1.381  1.000 13.672 0 128 GLN A O   1 ? 
ATOM   1000 C  CB  . GLN A 1 128 ? -0.955  -14.499 -4.233  1.000 15.228 0 128 GLN A CB  1 ? 
ATOM   1001 C  CG  . GLN A 1 128 ? -2.111  -13.547 -4.554  1.000 15.517 0 128 GLN A CG  1 ? 
ATOM   1002 C  CD  . GLN A 1 128 ? -2.665  -13.632 -5.961  1.000 14.958 0 128 GLN A CD  1 ? 
ATOM   1003 O  OE1 . GLN A 1 128 ? -3.756  -13.129 -6.264  1.000 17.189 0 128 GLN A OE1 1 ? 
ATOM   1004 N  NE2 . GLN A 1 128 ? -1.894  -14.231 -6.832  1.000 14.156 0 128 GLN A NE2 1 ? 
ATOM   1005 N  N   . GLY A 1 129 ? -1.893  -15.616 -1.394  1.000 13.226 0 129 GLY A N   1 ? 
ATOM   1006 C  CA  . GLY A 1 129 ? -2.924  -15.802 -0.376  1.000 13.974 0 129 GLY A CA  1 ? 
ATOM   1007 C  C   . GLY A 1 129 ? -2.563  -15.068 0.917   1.000 13.976 0 129 GLY A C   1 ? 
ATOM   1008 O  O   . GLY A 1 129 ? -3.389  -14.334 1.481   1.000 15.497 0 129 GLY A O   1 ? 
ATOM   1009 N  N   . ALA A 1 130 ? -1.324  -15.263 1.370   1.000 13.623 0 130 ALA A N   1 ? 
ATOM   1010 C  CA  . ALA A 1 130 ? -0.873  -14.709 2.649   1.000 13.628 0 130 ALA A CA  1 ? 
ATOM   1011 C  C   . ALA A 1 130 ? -0.786  -13.179 2.578   1.000 13.202 0 130 ALA A C   1 ? 
ATOM   1012 O  O   . ALA A 1 130 ? -1.316  -12.497 3.459   1.000 12.993 0 130 ALA A O   1 ? 
ATOM   1013 C  CB  . ALA A 1 130 ? 0.444   -15.327 3.031   1.000 15.067 0 130 ALA A CB  1 ? 
ATOM   1014 N  N   . MET A 1 131 ? -0.162  -12.632 1.528   1.000 12.870 0 131 MET A N   1 ? 
ATOM   1015 C  CA  . MET A 1 131 ? -0.061  -11.187 1.349   1.000 14.828 0 131 MET A CA  1 ? 
ATOM   1016 C  C   . MET A 1 131 ? -1.463  -10.563 1.267   1.000 14.740 0 131 MET A C   1 ? 
ATOM   1017 O  O   . MET A 1 131 ? -1.749  -9.554  1.918   1.000 14.077 0 131 MET A O   1 ? 
ATOM   1018 C  CB  . MET A 1 131 ? 0.775   -10.846 0.110   1.000 16.707 0 131 MET A CB  1 ? 
ATOM   1019 C  CG  . MET A 1 131 ? 1.016   -9.372  -0.076  1.000 18.846 0 131 MET A CG  1 ? 
ATOM   1020 S  SD  . MET A 1 131 ? 1.906   -8.602  1.349   1.000 23.768 0 131 MET A SD  1 ? 
ATOM   1021 C  CE  . MET A 1 131 ? 3.569   -9.182  1.112   1.000 22.051 0 131 MET A CE  1 ? 
ATOM   1022 N  N   . THR A 1 132 ? -2.387  -11.210 0.544   1.000 14.586 0 132 THR A N   1 ? 
ATOM   1023 C  CA  . THR A 1 132 ? -3.741  -10.701 0.445   1.000 14.110 0 132 THR A CA  1 ? 
ATOM   1024 C  C   . THR A 1 132 ? -4.401  -10.636 1.821   1.000 14.649 0 132 THR A C   1 ? 
ATOM   1025 O  O   . THR A 1 132 ? -5.023  -9.623  2.146   1.000 14.570 0 132 THR A O   1 ? 
ATOM   1026 C  CB  . THR A 1 132 ? -4.559  -11.525 -0.556  1.000 15.958 0 132 THR A CB  1 ? 
ATOM   1027 O  OG1 . THR A 1 132 ? -3.890  -11.407 -1.815  1.000 15.420 0 132 THR A OG1 1 ? 
ATOM   1028 C  CG2 . THR A 1 132 ? -5.986  -11.045 -0.659  1.000 17.550 0 132 THR A CG2 1 ? 
ATOM   1029 N  N   . LYS A 1 133 ? -4.298  -11.698 2.620   1.000 13.478 0 133 LYS A N   1 ? 
ATOM   1030 C  CA  . LYS A 1 133 ? -4.873  -11.665 3.959   1.000 14.131 0 133 LYS A CA  1 ? 
ATOM   1031 C  C   . LYS A 1 133 ? -4.266  -10.563 4.827   1.000 12.937 0 133 LYS A C   1 ? 
ATOM   1032 O  O   . LYS A 1 133 ? -4.964  -9.920  5.614   1.000 12.476 0 133 LYS A O   1 ? 
ATOM   1033 C  CB  . LYS A 1 133 ? -4.676  -12.969 4.726   1.000 16.670 0 133 LYS A CB  1 ? 
ATOM   1034 C  CG  . LYS A 1 133 ? -5.614  -14.095 4.352   1.000 19.663 0 133 LYS A CG  1 ? 
ATOM   1035 C  CD  . LYS A 1 133 ? -5.473  -15.318 5.247   1.000 21.198 0 133 LYS A CD  1 ? 
ATOM   1036 C  CE  . LYS A 1 133 ? -6.039  -15.141 6.638   1.000 26.243 0 133 LYS A CE  1 ? 
ATOM   1037 N  NZ  . LYS A 1 133 ? -5.988  -16.419 7.412   1.000 31.581 0 133 LYS A NZ  1 ? 
ATOM   1038 N  N   . ALA A 1 134 ? -2.944  -10.370 4.744   1.000 11.814 0 134 ALA A N   1 ? 
ATOM   1039 C  CA  . ALA A 1 134 ? -2.314  -9.299  5.514   1.000 13.016 0 134 ALA A CA  1 ? 
ATOM   1040 C  C   . ALA A 1 134 ? -2.871  -7.919  5.157   1.000 13.048 0 134 ALA A C   1 ? 
ATOM   1041 O  O   . ALA A 1 134 ? -3.071  -7.065  6.045   1.000 12.575 0 134 ALA A O   1 ? 
ATOM   1042 C  CB  . ALA A 1 134 ? -0.826  -9.328  5.285   1.000 12.141 0 134 ALA A CB  1 ? 
ATOM   1043 N  N   . LEU A 1 135 ? -3.056  -7.675  3.865   1.000 13.575 0 135 LEU A N   1 ? 
ATOM   1044 C  CA  . LEU A 1 135 ? -3.522  -6.387  3.381   1.000 14.080 0 135 LEU A CA  1 ? 
ATOM   1045 C  C   . LEU A 1 135 ? -4.998  -6.174  3.733   1.000 14.151 0 135 LEU A C   1 ? 
ATOM   1046 O  O   . LEU A 1 135 ? -5.423  -5.042  3.989   1.000 15.141 0 135 LEU A O   1 ? 
ATOM   1047 C  CB  . LEU A 1 135 ? -3.275  -6.292  1.873   1.000 15.040 0 135 LEU A CB  1 ? 
ATOM   1048 C  CG  . LEU A 1 135 ? -1.812  -6.155  1.444   1.000 15.847 0 135 LEU A CG  1 ? 
ATOM   1049 C  CD1 . LEU A 1 135 ? -1.682  -6.217  -0.080  1.000 16.543 0 135 LEU A CD1 1 ? 
ATOM   1050 C  CD2 . LEU A 1 135 ? -1.166  -4.867  1.952   1.000 16.929 0 135 LEU A CD2 1 ? 
ATOM   1051 N  N   . GLU A 1 136 ? -5.770  -7.260  3.775   1.000 14.486 0 136 GLU A N   1 ? 
ATOM   1052 C  CA  . GLU A 1 136 ? -7.170  -7.189  4.182   1.000 14.644 0 136 GLU A CA  1 ? 
ATOM   1053 C  C   . GLU A 1 136 ? -7.274  -6.881  5.678   1.000 14.084 0 136 GLU A C   1 ? 
ATOM   1054 O  O   . GLU A 1 136 ? -8.158  -6.136  6.119   1.000 13.167 0 136 GLU A O   1 ? 
ATOM   1055 C  CB  . GLU A 1 136 ? -7.885  -8.502  3.870   1.000 16.784 0 136 GLU A CB  1 ? 
ATOM   1056 C  CG  . GLU A 1 136 ? -8.189  -8.691  2.394   1.000 19.112 0 136 GLU A CG  1 ? 
ATOM   1057 C  CD  . GLU A 1 136 ? -8.639  -10.087 1.970   1.000 23.197 0 136 GLU A CD  1 ? 
ATOM   1058 O  OE1 . GLU A 1 136 ? -8.447  -11.065 2.731   1.000 26.280 0 136 GLU A OE1 1 ? 
ATOM   1059 O  OE2 . GLU A 1 136 ? -9.125  -10.207 0.830   1.000 29.709 0 136 GLU A OE2 1 ? 
ATOM   1060 N  N   . LEU A 1 137 ? -6.370  -7.463  6.459   1.000 13.292 0 137 LEU A N   1 ? 
ATOM   1061 C  CA  . LEU A 1 137 ? -6.322  -7.211  7.894   1.000 13.657 0 137 LEU A CA  1 ? 
ATOM   1062 C  C   . LEU A 1 137 ? -6.066  -5.729  8.134   1.000 13.369 0 137 LEU A C   1 ? 
ATOM   1063 O  O   . LEU A 1 137 ? -6.804  -5.087  8.882   1.000 13.391 0 137 LEU A O   1 ? 
ATOM   1064 C  CB  . LEU A 1 137 ? -5.287  -8.116  8.547   1.000 13.324 0 137 LEU A CB  1 ? 
ATOM   1065 C  CG  . LEU A 1 137 ? -5.212  -7.993  10.067  1.000 15.652 0 137 LEU A CG  1 ? 
ATOM   1066 C  CD1 . LEU A 1 137 ? -6.517  -8.479  10.670  1.000 18.017 0 137 LEU A CD1 1 ? 
ATOM   1067 C  CD2 . LEU A 1 137 ? -4.033  -8.755  10.637  1.000 15.623 0 137 LEU A CD2 1 ? 
ATOM   1068 N  N   . PHE A 1 138 ? -5.066  -5.178  7.440   1.000 13.481 0 138 PHE A N   1 ? 
ATOM   1069 C  CA  . PHE A 1 138 ? -4.778  -3.748  7.488   1.000 14.394 0 138 PHE A CA  1 ? 
ATOM   1070 C  C   . PHE A 1 138 ? -6.036  -2.936  7.161   1.000 14.402 0 138 PHE A C   1 ? 
ATOM   1071 O  O   . PHE A 1 138 ? -6.439  -2.062  7.913   1.000 14.524 0 138 PHE A O   1 ? 
ATOM   1072 C  CB  . PHE A 1 138 ? -3.637  -3.411  6.525   1.000 15.506 0 138 PHE A CB  1 ? 
ATOM   1073 C  CG  . PHE A 1 138 ? -3.424  -1.945  6.258   1.000 18.083 0 138 PHE A CG  1 ? 
ATOM   1074 C  CD1 . PHE A 1 138 ? -2.822  -1.143  7.215   1.000 19.449 0 138 PHE A CD1 1 ? 
ATOM   1075 C  CD2 . PHE A 1 138 ? -3.791  -1.370  5.051   1.000 20.507 0 138 PHE A CD2 1 ? 
ATOM   1076 C  CE1 . PHE A 1 138 ? -2.610  0.205   6.979   1.000 20.273 0 138 PHE A CE1 1 ? 
ATOM   1077 C  CE2 . PHE A 1 138 ? -3.626  -0.009  4.834   1.000 22.896 0 138 PHE A CE2 1 ? 
ATOM   1078 C  CZ  . PHE A 1 138 ? -3.012  0.771   5.789   1.000 22.989 0 138 PHE A CZ  1 ? 
ATOM   1079 N  N   . ARG A 1 139 ? -6.666  -3.222  6.020   1.000 15.012 0 139 ARG A N   1 ? 
ATOM   1080 C  CA  . ARG A 1 139 ? -7.854  -2.510  5.585   1.000 15.535 0 139 ARG A CA  1 ? 
ATOM   1081 C  C   . ARG A 1 139 ? -8.993  -2.618  6.597   1.000 15.841 0 139 ARG A C   1 ? 
ATOM   1082 O  O   . ARG A 1 139 ? -9.702  -1.643  6.860   1.000 16.567 0 139 ARG A O   1 ? 
ATOM   1083 C  CB  . ARG A 1 139 ? -8.292  -3.043  4.223   1.000 17.665 0 139 ARG A CB  1 ? 
ATOM   1084 C  CG  . ARG A 1 139 ? -8.984  -1.997  3.370   1.000 20.643 0 139 ARG A CG  1 ? 
ATOM   1085 C  CD  . ARG A 1 139 ? -8.739  -2.293  1.898   1.000 19.587 0 139 ARG A CD  1 ? 
ATOM   1086 N  NE  . ARG A 1 139 ? -9.389  -3.528  1.484   1.000 17.093 0 139 ARG A NE  1 ? 
ATOM   1087 C  CZ  . ARG A 1 139 ? -8.764  -4.566  0.953   1.000 18.867 0 139 ARG A CZ  1 ? 
ATOM   1088 N  NH1 . ARG A 1 139 ? -7.450  -4.629  0.932   1.000 18.522 0 139 ARG A NH1 1 ? 
ATOM   1089 N  NH2 . ARG A 1 139 ? -9.466  -5.581  0.476   1.000 20.062 0 139 ARG A NH2 1 ? 
ATOM   1090 N  N   . ASN A 1 140 ? -9.218  -3.821  7.127   1.000 15.713 0 140 ASN A N   1 ? 
ATOM   1091 C  CA  . ASN A 1 140 ? -10.286 -4.027  8.100   1.000 16.100 0 140 ASN A CA  1 ? 
ATOM   1092 C  C   . ASN A 1 140 ? -10.051 -3.176  9.356   1.000 16.225 0 140 ASN A C   1 ? 
ATOM   1093 O  O   . ASN A 1 140 ? -10.995 -2.624  9.962   1.000 16.133 0 140 ASN A O   1 ? 
ATOM   1094 C  CB  . ASN A 1 140 ? -10.410 -5.518  8.426   1.000 17.821 0 140 ASN A CB  1 ? 
ATOM   1095 C  CG  . ASN A 1 140 ? -11.530 -5.852  9.393   1.000 21.418 0 140 ASN A CG  1 ? 
ATOM   1096 O  OD1 . ASN A 1 140 ? -12.674 -5.983  8.997   1.000 24.856 0 140 ASN A OD1 1 ? 
ATOM   1097 N  ND2 . ASN A 1 140 ? -11.203 -6.050  10.654  1.000 24.096 0 140 ASN A ND2 1 ? 
ATOM   1098 N  N   . ASP A 1 141 ? -8.797  -3.101  9.781   1.000 15.367 0 141 ASP A N   1 ? 
ATOM   1099 C  CA  . ASP A 1 141 ? -8.468  -2.401  11.015  1.000 15.018 0 141 ASP A CA  1 ? 
ATOM   1100 C  C   . ASP A 1 141 ? -8.536  -0.897  10.785  1.000 15.961 0 141 ASP A C   1 ? 
ATOM   1101 O  O   . ASP A 1 141 ? -8.971  -0.186  11.690  1.000 16.712 0 141 ASP A O   1 ? 
ATOM   1102 C  CB  . ASP A 1 141 ? -7.166  -2.931  11.619  1.000 15.363 0 141 ASP A CB  1 ? 
ATOM   1103 C  CG  . ASP A 1 141 ? -7.290  -4.297  12.298  1.000 17.988 0 141 ASP A CG  1 ? 
ATOM   1104 O  OD1 . ASP A 1 141 ? -8.429  -4.804  12.442  1.000 17.910 0 141 ASP A OD1 1 ? 
ATOM   1105 O  OD2 . ASP A 1 141 ? -6.259  -4.880  12.615  1.000 16.002 0 141 ASP A OD2 1 ? 
ATOM   1106 N  N   . ILE A 1 142 ? -8.136  -0.402  9.602   1.000 15.951 0 142 ILE A N   1 ? 
ATOM   1107 C  CA  . ILE A 1 142 ? -8.332  1.007   9.276   1.000 17.439 0 142 ILE A CA  1 ? 
ATOM   1108 C  C   . ILE A 1 142 ? -9.834  1.301   9.217   1.000 16.698 0 142 ILE A C   1 ? 
ATOM   1109 O  O   . ILE A 1 142 ? -10.293 2.343   9.702   1.000 16.666 0 142 ILE A O   1 ? 
ATOM   1110 C  CB  . ILE A 1 142 ? -7.695  1.407   7.930   1.000 18.708 0 142 ILE A CB  1 ? 
ATOM   1111 C  CG1 . ILE A 1 142 ? -6.174  1.481   7.996   1.000 21.733 0 142 ILE A CG1 1 ? 
ATOM   1112 C  CG2 . ILE A 1 142 ? -8.277  2.735   7.473   1.000 21.162 0 142 ILE A CG2 1 ? 
ATOM   1113 C  CD1 . ILE A 1 142 ? -5.659  2.821   8.490   1.000 22.895 0 142 ILE A CD1 1 ? 
ATOM   1114 N  N   . ALA A 1 143 ? -10.600 0.395   8.593   1.000 16.090 0 143 ALA A N   1 ? 
ATOM   1115 C  CA  . ALA A 1 143 ? -12.028 0.622   8.391   1.000 17.063 0 143 ALA A CA  1 ? 
ATOM   1116 C  C   . ALA A 1 143 ? -12.759 0.827   9.717   1.000 17.349 0 143 ALA A C   1 ? 
ATOM   1117 O  O   . ALA A 1 143 ? -13.724 1.587   9.774   1.000 17.401 0 143 ALA A O   1 ? 
ATOM   1118 C  CB  . ALA A 1 143 ? -12.670 -0.512  7.629   1.000 18.177 0 143 ALA A CB  1 ? 
ATOM   1119 N  N   . ALA A 1 144 ? -12.365 0.084   10.745  1.000 16.188 0 144 ALA A N   1 ? 
ATOM   1120 C  CA  . ALA A 1 144 ? -13.001 0.211   12.039  1.000 17.272 0 144 ALA A CA  1 ? 
ATOM   1121 C  C   . ALA A 1 144 ? -12.776 1.621   12.591  1.000 16.941 0 144 ALA A C   1 ? 
ATOM   1122 O  O   . ALA A 1 144 ? -13.646 2.188   13.246  1.000 17.076 0 144 ALA A O   1 ? 
ATOM   1123 C  CB  . ALA A 1 144 ? -12.468 -0.850  12.963  1.000 18.229 0 144 ALA A CB  1 ? 
ATOM   1124 N  N   . LYS A 1 145 ? -11.583 2.162   12.362  1.000 17.467 0 145 LYS A N   1 ? 
ATOM   1125 C  CA  . LYS A 1 145 ? -11.281 3.516   12.798  1.000 18.855 0 145 LYS A CA  1 ? 
ATOM   1126 C  C   . LYS A 1 145 ? -12.027 4.547   11.967  1.000 19.467 0 145 LYS A C   1 ? 
ATOM   1127 O  O   . LYS A 1 145 ? -12.447 5.568   12.510  1.000 17.007 0 145 LYS A O   1 ? 
ATOM   1128 C  CB  . LYS A 1 145 ? -9.792  3.808   12.640  1.000 20.815 0 145 LYS A CB  1 ? 
ATOM   1129 C  CG  . LYS A 1 145 ? -8.870  2.843   13.347  1.000 25.002 0 145 LYS A CG  1 ? 
ATOM   1130 C  CD  . LYS A 1 145 ? -8.946  2.888   14.826  1.000 30.675 0 145 LYS A CD  1 ? 
ATOM   1131 C  CE  . LYS A 1 145 ? -7.795  2.140   15.467  1.000 39.288 0 145 LYS A CE  1 ? 
ATOM   1132 N  NZ  . LYS A 1 145 ? -6.500  2.466   14.818  1.000 40.773 0 145 LYS A NZ  1 ? 
ATOM   1133 N  N   . TYR A 1 146 ? -12.177 4.286   10.657  1.000 18.084 0 146 TYR A N   1 ? 
ATOM   1134 C  CA  . TYR A 1 146 ? -12.968 5.161   9.812   1.000 17.486 0 146 TYR A CA  1 ? 
ATOM   1135 C  C   . TYR A 1 146 ? -14.399 5.221   10.348  1.000 18.340 0 146 TYR A C   1 ? 
ATOM   1136 O  O   . TYR A 1 146 ? -15.008 6.299   10.379  1.000 18.420 0 146 TYR A O   1 ? 
ATOM   1137 C  CB  . TYR A 1 146 ? -12.945 4.700   8.359   1.000 17.805 0 146 TYR A CB  1 ? 
ATOM   1138 C  CG  . TYR A 1 146 ? -11.782 5.224   7.529   1.000 17.135 0 146 TYR A CG  1 ? 
ATOM   1139 C  CD1 . TYR A 1 146 ? -10.512 5.423   8.048   1.000 17.665 0 146 TYR A CD1 1 ? 
ATOM   1140 C  CD2 . TYR A 1 146 ? -11.994 5.550   6.208   1.000 17.690 0 146 TYR A CD2 1 ? 
ATOM   1141 C  CE1 . TYR A 1 146 ? -9.462  5.843   7.235   1.000 17.290 0 146 TYR A CE1 1 ? 
ATOM   1142 C  CE2 . TYR A 1 146 ? -10.971 6.023   5.403   1.000 18.860 0 146 TYR A CE2 1 ? 
ATOM   1143 C  CZ  . TYR A 1 146 ? -9.705  6.187   5.911   1.000 17.417 0 146 TYR A CZ  1 ? 
ATOM   1144 O  OH  . TYR A 1 146 ? -8.807  6.693   4.998   1.000 15.966 0 146 TYR A OH  1 ? 
ATOM   1145 N  N   . LYS A 1 147 ? -14.942 4.072   10.758  1.000 18.254 0 147 LYS A N   1 ? 
ATOM   1146 C  CA  . LYS A 1 147 ? -16.332 4.046   11.188  1.000 19.307 0 147 LYS A CA  1 ? 
ATOM   1147 C  C   . LYS A 1 147 ? -16.453 4.861   12.472  1.000 20.655 0 147 LYS A C   1 ? 
ATOM   1148 O  O   . LYS A 1 147 ? -17.436 5.576   12.662  1.000 19.326 0 147 LYS A O   1 ? 
ATOM   1149 C  CB  . LYS A 1 147 ? -16.838 2.624   11.419  1.000 20.854 0 147 LYS A CB  1 ? 
ATOM   1150 C  CG  . LYS A 1 147 ? -18.286 2.510   11.898  1.000 26.775 0 147 LYS A CG  1 ? 
ATOM   1151 C  CD  . LYS A 1 147 ? -18.807 1.082   11.843  1.000 32.049 0 147 LYS A CD  1 ? 
ATOM   1152 C  CE  . LYS A 1 147 ? -20.179 0.875   12.471  1.000 37.634 0 147 LYS A CE  1 ? 
ATOM   1153 N  NZ  . LYS A 1 147 ? -20.103 0.598   13.930  1.000 40.755 0 147 LYS A NZ  1 ? 
ATOM   1154 N  N   . GLU A 1 148 ? -15.453 4.738   13.348  1.000 20.559 0 148 GLU A N   1 ? 
ATOM   1155 C  CA  . GLU A 1 148 ? -15.441 5.468   14.605  1.000 22.911 0 148 GLU A CA  1 ? 
ATOM   1156 C  C   . GLU A 1 148 ? -15.490 6.979   14.329  1.000 24.573 0 148 GLU A C   1 ? 
ATOM   1157 O  O   . GLU A 1 148 ? -16.242 7.705   14.996  1.000 21.533 0 148 GLU A O   1 ? 
ATOM   1158 C  CB  . GLU A 1 148 ? -14.261 4.945   15.429  1.000 25.756 0 148 GLU A CB  1 ? 
ATOM   1159 C  CG  . GLU A 1 148 ? -13.839 5.815   16.570  1.000 29.027 0 148 GLU A CG  1 ? 
ATOM   1160 C  CD  . GLU A 1 148 ? -12.511 5.402   17.180  1.000 34.972 0 148 GLU A CD  1 ? 
ATOM   1161 O  OE1 . GLU A 1 148 ? -12.125 4.211   17.041  1.000 35.667 0 148 GLU A OE1 1 ? 
ATOM   1162 O  OE2 . GLU A 1 148 ? -11.824 6.295   17.724  1.000 42.094 0 148 GLU A OE2 1 ? 
ATOM   1163 N  N   . LEU A 1 149 ? -14.757 7.417   13.286  1.000 21.216 0 149 LEU A N   1 ? 
ATOM   1164 C  CA  . LEU A 1 149 ? -14.673 8.816   12.881  1.000 20.140 0 149 LEU A CA  1 ? 
ATOM   1165 C  C   . LEU A 1 149 ? -15.872 9.260   12.039  1.000 20.261 0 149 LEU A C   1 ? 
ATOM   1166 O  O   . LEU A 1 149 ? -15.979 10.435  11.749  1.000 22.268 0 149 LEU A O   1 ? 
ATOM   1167 C  CB  . LEU A 1 149 ? -13.359 9.021   12.111  1.000 20.651 0 149 LEU A CB  1 ? 
ATOM   1168 C  CG  . LEU A 1 149 ? -12.092 8.829   12.941  1.000 21.340 0 149 LEU A CG  1 ? 
ATOM   1169 C  CD1 . LEU A 1 149 ? -10.855 8.807   12.064  1.000 21.258 0 149 LEU A CD1 1 ? 
ATOM   1170 C  CD2 . LEU A 1 149 ? -11.963 9.898   14.017  1.000 23.212 0 149 LEU A CD2 1 ? 
ATOM   1171 N  N   . GLY A 1 150 ? -16.722 8.338   11.595  1.000 18.806 0 150 GLY A N   1 ? 
ATOM   1172 C  CA  . GLY A 1 150 ? -17.865 8.628   10.737  1.000 21.462 0 150 GLY A CA  1 ? 
ATOM   1173 C  C   . GLY A 1 150 ? -17.444 8.981   9.315   1.000 23.396 0 150 GLY A C   1 ? 
ATOM   1174 O  O   . GLY A 1 150 ? -18.112 9.737   8.623   1.000 23.734 0 150 GLY A O   1 ? 
ATOM   1175 N  N   . PHE A 1 151 ? -16.306 8.449   8.876   1.000 24.046 0 151 PHE A N   1 ? 
ATOM   1176 C  CA  . PHE A 1 151 ? -15.777 8.906   7.604   1.000 33.417 0 151 PHE A CA  1 ? 
ATOM   1177 C  C   . PHE A 1 151 ? -16.370 8.090   6.472   1.000 41.132 0 151 PHE A C   1 ? 
ATOM   1178 O  O   . PHE A 1 151 ? -16.355 6.865   6.549   1.000 38.424 0 151 PHE A O   1 ? 
ATOM   1179 C  CB  . PHE A 1 151 ? -14.257 8.798   7.481   1.000 33.208 0 151 PHE A CB  1 ? 
ATOM   1180 C  CG  . PHE A 1 151 ? -13.759 9.444   6.213   1.000 33.760 0 151 PHE A CG  1 ? 
ATOM   1181 C  CD1 . PHE A 1 151 ? -13.919 10.803  6.000   1.000 38.449 0 151 PHE A CD1 1 ? 
ATOM   1182 C  CD2 . PHE A 1 151 ? -13.133 8.704   5.230   1.000 37.470 0 151 PHE A CD2 1 ? 
ATOM   1183 C  CE1 . PHE A 1 151 ? -13.455 11.407  4.840   1.000 39.802 0 151 PHE A CE1 1 ? 
ATOM   1184 C  CE2 . PHE A 1 151 ? -12.677 9.307   4.068   1.000 37.024 0 151 PHE A CE2 1 ? 
ATOM   1185 C  CZ  . PHE A 1 151 ? -12.846 10.651  3.869   1.000 37.989 0 151 PHE A CZ  1 ? 
ATOM   1186 N  N   . GLN A 1 152 ? -16.898 8.814   5.469   1.000 53.197 0 152 GLN A N   1 ? 
ATOM   1187 C  CA  . GLN A 1 152 ? -17.052 8.316   4.108   1.000 64.178 0 152 GLN A CA  1 ? 
ATOM   1188 C  C   . GLN A 1 152 ? -16.240 9.200   3.148   1.000 70.379 0 152 GLN A C   1 ? 
ATOM   1189 O  O   . GLN A 1 152 ? -15.138 8.752   2.747   1.000 75.902 0 152 GLN A O   1 ? 
ATOM   1190 C  CB  . GLN A 1 152 ? -18.528 8.284   3.711   1.000 63.279 0 152 GLN A CB  1 ? 
ATOM   1191 C  CG  . GLN A 1 152 ? -19.336 7.258   4.494   1.000 66.555 0 152 GLN A CG  1 ? 
ATOM   1192 C  CD  . GLN A 1 152 ? -18.783 5.859   4.364   1.000 64.605 0 152 GLN A CD  1 ? 
ATOM   1193 O  OE1 . GLN A 1 152 ? -18.391 5.424   3.283   1.000 62.640 0 152 GLN A OE1 1 ? 
ATOM   1194 N  NE2 . GLN A 1 152 ? -18.733 5.145   5.476   1.000 65.017 0 152 GLN A NE2 1 ? 
HETATM 1195 C  C4  . WC5 B 2 .   ? -0.253  3.824   3.600   1.000 16.320 0 401 WC5 A C4  1 ? 
HETATM 1196 C  C2  . WC5 B 2 .   ? -1.578  4.825   2.137   1.000 15.007 0 401 WC5 A C2  1 ? 
HETATM 1197 C  C1  . WC5 B 2 .   ? -2.590  4.953   1.142   1.000 13.879 0 401 WC5 A C1  1 ? 
HETATM 1198 C  C3  . WC5 B 2 .   ? -1.271  3.503   2.676   1.000 14.765 0 401 WC5 A C3  1 ? 
HETATM 1199 C  C5  . WC5 B 2 .   ? -0.066  5.266   3.496   1.000 14.405 0 401 WC5 A C5  1 ? 
HETATM 1200 C  C14 . WC5 B 2 .   ? -1.914  11.832  0.643   1.000 13.595 0 401 WC5 A C14 1 ? 
HETATM 1201 N  N1  . WC5 B 2 .   ? -0.875  5.845   2.625   1.000 14.382 0 401 WC5 A N1  1 ? 
HETATM 1202 C  C12 . WC5 B 2 .   ? -0.556  10.890  2.232   1.000 13.228 0 401 WC5 A C12 1 ? 
HETATM 1203 O  O1  . WC5 B 2 .   ? 0.243   12.047  6.384   1.000 18.704 0 401 WC5 A O1  1 ? 
HETATM 1204 C  C10 . WC5 B 2 .   ? 0.931   9.504   3.808   1.000 13.825 0 401 WC5 A C10 1 ? 
HETATM 1205 C  C8  . WC5 B 2 .   ? 2.198   8.058   5.099   1.000 13.732 0 401 WC5 A C8  1 ? 
HETATM 1206 C  C6  . WC5 B 2 .   ? 0.912   5.999   4.268   1.000 12.455 0 401 WC5 A C6  1 ? 
HETATM 1207 C  C7  . WC5 B 2 .   ? 1.141   7.440   4.268   1.000 13.358 0 401 WC5 A C7  1 ? 
HETATM 1208 C  C9  . WC5 B 2 .   ? 1.998   9.468   4.808   1.000 13.756 0 401 WC5 A C9  1 ? 
HETATM 1209 C  C11 . WC5 B 2 .   ? 0.451   10.754  3.250   1.000 13.634 0 401 WC5 A C11 1 ? 
HETATM 1210 C  C13 . WC5 B 2 .   ? -0.902  12.195  1.634   1.000 14.282 0 401 WC5 A C13 1 ? 
HETATM 1211 O  O2  . WC5 B 2 .   ? -0.021  10.329  7.666   1.000 17.515 0 401 WC5 A O2  1 ? 
HETATM 1212 C  C15 . WC5 B 2 .   ? -2.028  10.379  0.787   1.000 12.916 0 401 WC5 A C15 1 ? 
HETATM 1213 F  F3  . WC5 B 2 .   ? 1.678   3.131   4.515   1.000 25.172 0 401 WC5 A F3  1 ? 
HETATM 1214 F  F1  . WC5 B 2 .   ? 0.319   1.613   4.030   1.000 26.340 0 401 WC5 A F1  1 ? 
HETATM 1215 F  F2  . WC5 B 2 .   ? -0.138  2.892   5.600   1.000 26.479 0 401 WC5 A F2  1 ? 
HETATM 1216 C  C16 . WC5 B 2 .   ? -2.910  9.624   -0.054  1.000 12.375 0 401 WC5 A C16 1 ? 
HETATM 1217 C  C17 . WC5 B 2 .   ? -3.109  8.179   -0.076  1.000 13.280 0 401 WC5 A C17 1 ? 
HETATM 1218 C  C18 . WC5 B 2 .   ? -3.995  7.485   -1.038  1.000 15.260 0 401 WC5 A C18 1 ? 
HETATM 1219 C  C19 . WC5 B 2 .   ? -3.924  6.093   -0.651  1.000 15.195 0 401 WC5 A C19 1 ? 
HETATM 1220 C  C20 . WC5 B 2 .   ? -2.996  6.167   0.463   1.000 14.371 0 401 WC5 A C20 1 ? 
HETATM 1221 C  C21 . WC5 B 2 .   ? -1.860  2.184   2.356   1.000 15.400 0 401 WC5 A C21 1 ? 
HETATM 1222 C  C22 . WC5 B 2 .   ? 0.445   2.836   4.452   1.000 23.416 0 401 WC5 A C22 1 ? 
HETATM 1223 C  C23 . WC5 B 2 .   ? 3.126   7.361   6.070   1.000 13.936 0 401 WC5 A C23 1 ? 
HETATM 1224 C  C24 . WC5 B 2 .   ? -2.670  12.744  -0.282  1.000 12.868 0 401 WC5 A C24 1 ? 
HETATM 1225 C  C25 . WC5 B 2 .   ? -4.738  8.022   -2.192  1.000 16.401 0 401 WC5 A C25 1 ? 
HETATM 1226 C  C26 . WC5 B 2 .   ? -4.552  4.854   -1.235  1.000 14.951 0 401 WC5 A C26 1 ? 
HETATM 1227 C  C27 . WC5 B 2 .   ? 2.704   10.623  5.384   1.000 14.699 0 401 WC5 A C27 1 ? 
HETATM 1228 C  C28 . WC5 B 2 .   ? 2.188   10.741  6.828   1.000 16.292 0 401 WC5 A C28 1 ? 
HETATM 1229 C  C29 . WC5 B 2 .   ? 0.692   11.039  6.947   1.000 17.654 0 401 WC5 A C29 1 ? 
HETATM 1230 C  C30 . WC5 B 2 .   ? -0.376  13.554  1.875   1.000 17.835 0 401 WC5 A C30 1 ? 
HETATM 1231 C  C31 . WC5 B 2 .   ? 0.853   13.575  0.945   1.000 21.001 0 401 WC5 A C31 1 ? 
HETATM 1232 C  C32 . WC5 B 2 .   ? 1.646   14.888  0.956   1.000 28.312 0 401 WC5 A C32 1 ? 
HETATM 1233 N  N2  . WC5 B 2 .   ? 0.444   8.286   3.482   1.000 13.068 0 401 WC5 A N2  1 ? 
HETATM 1234 N  N3  . WC5 B 2 .   ? -1.273  9.833   1.742   1.000 13.187 0 401 WC5 A N3  1 ? 
HETATM 1235 N  N4  . WC5 B 2 .   ? -2.550  7.372   0.795   1.000 13.990 0 401 WC5 A N4  1 ? 
HETATM 1236 O  O3  . WC5 B 2 .   ? 2.761   14.933  1.533   1.000 35.316 0 401 WC5 A O3  1 ? 
HETATM 1237 O  O4  . WC5 B 2 .   ? 1.196   15.866  0.349   1.000 32.365 0 401 WC5 A O4  1 ? 
HETATM 1238 F  F4  . WC5 B 2 .   ? -4.826  9.288   -2.244  1.000 18.561 0 401 WC5 A F4  1 ? 
HETATM 1239 F  F5  . WC5 B 2 .   ? -3.915  7.685   -3.211  1.000 17.112 0 401 WC5 A F5  1 ? 
HETATM 1240 F  F6  . WC5 B 2 .   ? -5.828  7.436   -2.437  1.000 17.208 0 401 WC5 A F6  1 ? 
HETATM 1241 FE FE1 . WC5 B 2 .   ? -1.094  7.843   2.199   1.000 14.019 0 401 WC5 A FE1 1 ? 
HETATM 1242 S  S   . SO4 C 3 .   ? 10.656  15.826  -9.246  1.000 29.505 0 402 SO4 A S   1 ? 
HETATM 1243 O  O1  . SO4 C 3 .   ? 10.159  16.912  -10.045 1.000 35.635 0 402 SO4 A O1  1 ? 
HETATM 1244 O  O2  . SO4 C 3 .   ? 9.542   15.143  -8.612  1.000 37.917 0 402 SO4 A O2  1 ? 
HETATM 1245 O  O3  . SO4 C 3 .   ? 11.412  14.926  -10.112 1.000 25.225 0 402 SO4 A O3  1 ? 
HETATM 1246 O  O4  . SO4 C 3 .   ? 11.504  16.388  -8.223  1.000 38.970 0 402 SO4 A O4  1 ? 
HETATM 1247 S  S   . SO4 D 3 .   ? -8.513  -17.008 14.063  1.000 42.994 0 403 SO4 A S   1 ? 
HETATM 1248 O  O1  . SO4 D 3 .   ? -9.688  -16.324 14.523  1.000 46.686 0 403 SO4 A O1  1 ? 
HETATM 1249 O  O2  . SO4 D 3 .   ? -7.345  -16.168 14.201  1.000 43.449 0 403 SO4 A O2  1 ? 
HETATM 1250 O  O3  . SO4 D 3 .   ? -8.342  -18.191 14.855  1.000 36.476 0 403 SO4 A O3  1 ? 
HETATM 1251 O  O4  . SO4 D 3 .   ? -8.688  -17.337 12.669  1.000 49.107 0 403 SO4 A O4  1 ? 
HETATM 1252 S  S   . SO4 E 3 .   ? 0.608   19.989  6.378   1.000 60.421 0 404 SO4 A S   1 ? 
HETATM 1253 O  O1  . SO4 E 3 .   ? -0.607  19.760  7.111   1.000 64.724 0 404 SO4 A O1  1 ? 
HETATM 1254 O  O2  . SO4 E 3 .   ? 0.322   20.848  5.255   1.000 71.431 0 404 SO4 A O2  1 ? 
HETATM 1255 O  O3  . SO4 E 3 .   ? 1.566   20.636  7.233   1.000 65.170 0 404 SO4 A O3  1 ? 
HETATM 1256 O  O4  . SO4 E 3 .   ? 1.124   18.725  5.913   1.000 65.805 0 404 SO4 A O4  1 ? 
HETATM 1257 C  C1  . GOL F 4 .   ? 5.349   12.550  2.880   1.000 36.916 0 405 GOL A C1  1 ? 
HETATM 1258 O  O1  . GOL F 4 .   ? 4.045   12.799  2.370   1.000 34.395 0 405 GOL A O1  1 ? 
HETATM 1259 C  C2  . GOL F 4 .   ? 6.438   12.863  1.874   1.000 38.473 0 405 GOL A C2  1 ? 
HETATM 1260 O  O2  . GOL F 4 .   ? 5.960   12.596  0.559   1.000 37.705 0 405 GOL A O2  1 ? 
HETATM 1261 C  C3  . GOL F 4 .   ? 6.960   14.285  1.954   1.000 41.538 0 405 GOL A C3  1 ? 
HETATM 1262 O  O3  . GOL F 4 .   ? 8.194   14.458  1.253   1.000 34.472 0 405 GOL A O3  1 ? 
HETATM 1263 O  O   . HOH G 5 .   ? -8.882  -2.496  -7.275  1.000 35.369 0 501 HOH A O   1 ? 
HETATM 1264 O  O   . HOH G 5 .   ? 8.858   8.067   -9.966  1.000 25.792 0 502 HOH A O   1 ? 
HETATM 1265 O  O   . HOH G 5 .   ? 9.203   4.676   -3.739  1.000 50.643 0 503 HOH A O   1 ? 
HETATM 1266 O  O   . HOH G 5 .   ? 2.039   -1.801  17.613  1.000 42.239 0 504 HOH A O   1 ? 
HETATM 1267 O  O   . HOH G 5 .   ? 14.102  12.073  -12.883 1.000 31.706 0 505 HOH A O   1 ? 
HETATM 1268 O  O   . HOH G 5 .   ? -8.796  -12.057 4.937   1.000 29.550 0 506 HOH A O   1 ? 
HETATM 1269 O  O   . HOH G 5 .   ? 4.206   -16.089 13.844  1.000 27.919 0 507 HOH A O   1 ? 
HETATM 1270 O  O   . HOH G 5 .   ? 15.545  1.344   -4.117  1.000 32.579 0 508 HOH A O   1 ? 
HETATM 1271 O  O   . HOH G 5 .   ? 1.938   -3.024  -12.299 1.000 54.147 0 509 HOH A O   1 ? 
HETATM 1272 O  O   . HOH G 5 .   ? 4.319   -2.498  -12.288 1.000 31.454 0 510 HOH A O   1 ? 
HETATM 1273 O  O   . HOH G 5 .   ? 8.914   -20.268 -10.739 1.000 32.787 0 511 HOH A O   1 ? 
HETATM 1274 O  O   . HOH G 5 .   ? 7.513   -2.947  12.863  1.000 34.427 0 512 HOH A O   1 ? 
HETATM 1275 O  O   . HOH G 5 .   ? 12.794  15.665  -6.178  1.000 28.606 0 513 HOH A O   1 ? 
HETATM 1276 O  O   . HOH G 5 .   ? -1.809  10.013  -17.913 1.000 35.608 0 514 HOH A O   1 ? 
HETATM 1277 O  O   . HOH G 5 .   ? -11.459 3.939   -9.997  1.000 20.539 0 515 HOH A O   1 ? 
HETATM 1278 O  O   . HOH G 5 .   ? 8.740   15.903  -0.760  1.000 41.811 0 516 HOH A O   1 ? 
HETATM 1279 O  O   . HOH G 5 .   ? -3.722  16.142  2.459   1.000 33.783 0 517 HOH A O   1 ? 
HETATM 1280 O  O   . HOH G 5 .   ? 5.948   16.310  -6.087  1.000 26.668 0 518 HOH A O   1 ? 
HETATM 1281 O  O   . HOH G 5 .   ? 15.667  9.950   -5.927  1.000 33.004 0 519 HOH A O   1 ? 
HETATM 1282 O  O   . HOH G 5 .   ? 7.421   -16.128 -0.348  1.000 41.598 0 520 HOH A O   1 ? 
HETATM 1283 O  O   . HOH G 5 .   ? 10.507  -8.776  5.961   1.000 21.424 0 521 HOH A O   1 ? 
HETATM 1284 O  O   . HOH G 5 .   ? 13.309  9.895   -4.796  1.000 33.490 0 522 HOH A O   1 ? 
HETATM 1285 O  O   . HOH G 5 .   ? 0.114   16.441  -1.936  1.000 33.417 0 523 HOH A O   1 ? 
HETATM 1286 O  O   . HOH G 5 .   ? 2.349   18.197  0.229   1.000 27.566 0 524 HOH A O   1 ? 
HETATM 1287 O  O   . HOH G 5 .   ? -5.166  -6.706  14.118  1.000 32.682 0 525 HOH A O   1 ? 
HETATM 1288 O  O   . HOH G 5 .   ? 7.177   13.245  -1.657  1.000 28.856 0 526 HOH A O   1 ? 
HETATM 1289 O  O   . HOH G 5 .   ? -10.499 12.294  -6.045  1.000 35.034 0 527 HOH A O   1 ? 
HETATM 1290 O  O   . HOH G 5 .   ? 7.156   -4.311  -13.466 1.000 31.810 0 528 HOH A O   1 ? 
HETATM 1291 O  O   . HOH G 5 .   ? -8.296  -13.330 1.424   1.000 27.150 0 529 HOH A O   1 ? 
HETATM 1292 O  O   . HOH G 5 .   ? 12.535  -10.404 -9.011  1.000 34.633 0 530 HOH A O   1 ? 
HETATM 1293 O  O   . HOH G 5 .   ? 15.602  -0.948  -0.948  1.000 26.185 0 531 HOH A O   1 ? 
HETATM 1294 O  O   . HOH G 5 .   ? -12.296 6.911   20.239  1.000 19.943 0 532 HOH A O   1 ? 
HETATM 1295 O  O   . HOH G 5 .   ? 2.856   14.374  4.121   1.000 41.588 0 533 HOH A O   1 ? 
HETATM 1296 O  O   . HOH G 5 .   ? -4.382  12.411  14.319  1.000 36.410 0 534 HOH A O   1 ? 
HETATM 1297 O  O   . HOH G 5 .   ? 11.065  15.361  -12.704 1.000 49.504 0 535 HOH A O   1 ? 
HETATM 1298 O  O   . HOH G 5 .   ? -6.063  -19.289 5.930   1.000 46.431 0 536 HOH A O   1 ? 
HETATM 1299 O  O   . HOH G 5 .   ? -1.040  -21.622 7.527   1.000 34.859 0 537 HOH A O   1 ? 
HETATM 1300 O  O   . HOH G 5 .   ? 0.931   -17.205 -7.872  1.000 22.084 0 538 HOH A O   1 ? 
HETATM 1301 O  O   . HOH G 5 .   ? 15.782  -7.834  1.095   1.000 26.176 0 539 HOH A O   1 ? 
HETATM 1302 O  O   . HOH G 5 .   ? 7.953   15.784  -11.110 1.000 30.558 0 540 HOH A O   1 ? 
HETATM 1303 O  O   . HOH G 5 .   ? 13.292  15.921  -1.489  1.000 32.425 0 541 HOH A O   1 ? 
HETATM 1304 O  O   . HOH G 5 .   ? 8.411   14.473  -13.519 1.000 33.656 0 542 HOH A O   1 ? 
HETATM 1305 O  O   . HOH G 5 .   ? 12.973  2.817   4.070   1.000 33.367 0 543 HOH A O   1 ? 
HETATM 1306 O  O   . HOH G 5 .   ? -6.157  12.848  -12.208 1.000 19.763 0 544 HOH A O   1 ? 
HETATM 1307 O  O   . HOH G 5 .   ? -5.824  18.568  -11.422 1.000 40.372 0 545 HOH A O   1 ? 
HETATM 1308 O  O   . HOH G 5 .   ? -3.159  -17.525 3.153   1.000 16.958 0 546 HOH A O   1 ? 
HETATM 1309 O  O   . HOH G 5 .   ? 3.299   0.549   -12.245 1.000 33.270 0 547 HOH A O   1 ? 
HETATM 1310 O  O   . HOH G 5 .   ? 5.779   -19.237 -1.905  1.000 38.288 0 548 HOH A O   1 ? 
HETATM 1311 O  O   . HOH G 5 .   ? 5.582   12.937  -21.126 1.000 25.123 0 549 HOH A O   1 ? 
HETATM 1312 O  O   . HOH G 5 .   ? 0.534   23.373  6.268   1.000 42.689 0 550 HOH A O   1 ? 
HETATM 1313 O  O   . HOH G 5 .   ? 5.749   -17.362 11.860  1.000 25.264 0 551 HOH A O   1 ? 
HETATM 1314 O  O   . HOH G 5 .   ? -0.345  5.629   18.148  1.000 18.771 0 552 HOH A O   1 ? 
HETATM 1315 O  O   . HOH G 5 .   ? -8.910  -1.007  14.303  1.000 25.265 0 553 HOH A O   1 ? 
HETATM 1316 O  O   . HOH G 5 .   ? -14.794 -4.029  -4.134  1.000 24.552 0 554 HOH A O   1 ? 
HETATM 1317 O  O   . HOH G 5 .   ? -10.880 5.459   -12.198 1.000 16.602 0 555 HOH A O   1 ? 
HETATM 1318 O  O   . HOH G 5 .   ? -1.180  -19.001 1.987   1.000 21.812 0 556 HOH A O   1 ? 
HETATM 1319 O  O   . HOH G 5 .   ? -2.475  11.376  12.651  1.000 24.736 0 557 HOH A O   1 ? 
HETATM 1320 O  O   . HOH G 5 .   ? -6.037  -14.830 0.896   1.000 16.355 0 558 HOH A O   1 ? 
HETATM 1321 O  O   . HOH G 5 .   ? -1.846  -16.978 -7.094  1.000 20.289 0 559 HOH A O   1 ? 
HETATM 1322 O  O   . HOH G 5 .   ? -2.753  16.821  -1.322  1.000 30.940 0 560 HOH A O   1 ? 
HETATM 1323 O  O   . HOH G 5 .   ? -6.065  15.100  0.040   1.000 24.361 0 561 HOH A O   1 ? 
HETATM 1324 O  O   . HOH G 5 .   ? -7.621  4.405   -15.991 1.000 30.110 0 562 HOH A O   1 ? 
HETATM 1325 O  O   . HOH G 5 .   ? -15.562 1.968   7.725   1.000 32.610 0 563 HOH A O   1 ? 
HETATM 1326 O  O   . HOH G 5 .   ? 12.052  -6.828  -10.877 1.000 32.798 0 564 HOH A O   1 ? 
HETATM 1327 O  O   . HOH G 5 .   ? 10.364  -2.231  5.274   1.000 34.688 0 565 HOH A O   1 ? 
HETATM 1328 O  O   . HOH G 5 .   ? -7.253  -11.002 6.762   1.000 24.621 0 566 HOH A O   1 ? 
HETATM 1329 O  O   . HOH G 5 .   ? 0.320   -6.169  10.699  1.000 14.013 0 567 HOH A O   1 ? 
HETATM 1330 O  O   . HOH G 5 .   ? 9.623   -14.737 6.918   1.000 20.060 0 568 HOH A O   1 ? 
HETATM 1331 O  O   . HOH G 5 .   ? 0.216   7.644   0.475   1.000 16.237 0 569 HOH A O   1 ? 
HETATM 1332 O  O   . HOH G 5 .   ? 11.827  15.059  -3.828  1.000 25.331 0 570 HOH A O   1 ? 
HETATM 1333 O  O   . HOH G 5 .   ? 1.073   -12.111 15.591  1.000 31.978 0 571 HOH A O   1 ? 
HETATM 1334 O  O   . HOH G 5 .   ? -19.586 11.544  7.068   1.000 25.720 0 572 HOH A O   1 ? 
HETATM 1335 O  O   . HOH G 5 .   ? -8.599  -7.834  -0.948  1.000 24.136 0 573 HOH A O   1 ? 
HETATM 1336 O  O   . HOH G 5 .   ? 9.853   -7.836  -14.361 1.000 40.745 0 574 HOH A O   1 ? 
HETATM 1337 O  O   . HOH G 5 .   ? -3.175  -17.633 -4.887  1.000 19.155 0 575 HOH A O   1 ? 
HETATM 1338 O  O   . HOH G 5 .   ? 7.652   5.850   6.311   1.000 16.580 0 576 HOH A O   1 ? 
HETATM 1339 O  O   . HOH G 5 .   ? -11.439 -4.161  12.732  1.000 47.987 0 577 HOH A O   1 ? 
HETATM 1340 O  O   . HOH G 5 .   ? 6.243   -17.473 -3.568  1.000 34.686 0 578 HOH A O   1 ? 
HETATM 1341 O  O   . HOH G 5 .   ? -4.657  6.482   -17.004 1.000 43.057 0 579 HOH A O   1 ? 
HETATM 1342 O  O   . HOH G 5 .   ? -16.247 6.029   1.538   1.000 45.436 0 580 HOH A O   1 ? 
HETATM 1343 O  O   . HOH G 5 .   ? -10.584 15.865  -1.499  1.000 38.747 0 581 HOH A O   1 ? 
HETATM 1344 O  O   . HOH G 5 .   ? -2.777  -21.193 5.312   1.000 29.700 0 582 HOH A O   1 ? 
HETATM 1345 O  O   . HOH G 5 .   ? -4.190  -7.016  -8.471  1.000 24.957 0 583 HOH A O   1 ? 
HETATM 1346 O  O   . HOH G 5 .   ? -5.296  -11.260 -4.279  1.000 20.291 0 584 HOH A O   1 ? 
HETATM 1347 O  O   . HOH G 5 .   ? -3.523  9.237   -14.088 1.000 29.286 0 585 HOH A O   1 ? 
HETATM 1348 O  O   . HOH G 5 .   ? 4.177   -14.886 -10.070 1.000 25.244 0 586 HOH A O   1 ? 
HETATM 1349 O  O   . HOH G 5 .   ? -2.882  14.226  -14.508 1.000 46.017 0 587 HOH A O   1 ? 
HETATM 1350 O  O   . HOH G 5 .   ? -13.162 13.592  7.080   1.000 40.419 0 588 HOH A O   1 ? 
HETATM 1351 O  O   . HOH G 5 .   ? 2.178   14.167  6.519   1.000 39.540 0 589 HOH A O   1 ? 
HETATM 1352 O  O   . HOH G 5 .   ? 4.227   -8.197  17.047  1.000 33.666 0 590 HOH A O   1 ? 
HETATM 1353 O  O   . HOH G 5 .   ? 7.893   1.726   9.490   1.000 16.675 0 591 HOH A O   1 ? 
HETATM 1354 O  O   . HOH G 5 .   ? 13.058  -12.456 1.030   1.000 28.132 0 592 HOH A O   1 ? 
HETATM 1355 O  O   . HOH G 5 .   ? 5.791   -20.024 5.622   1.000 27.317 0 593 HOH A O   1 ? 
HETATM 1356 O  O   . HOH G 5 .   ? -14.520 5.246   3.258   1.000 24.130 0 594 HOH A O   1 ? 
HETATM 1357 O  O   . HOH G 5 .   ? 10.172  8.750   -17.670 1.000 33.850 0 595 HOH A O   1 ? 
HETATM 1358 O  O   . HOH G 5 .   ? 7.288   16.948  -8.161  1.000 30.395 0 596 HOH A O   1 ? 
HETATM 1359 O  O   . HOH G 5 .   ? 2.000   -21.916 -3.894  1.000 36.594 0 597 HOH A O   1 ? 
HETATM 1360 O  O   . HOH G 5 .   ? -13.809 -3.233  10.491  1.000 35.758 0 598 HOH A O   1 ? 
HETATM 1361 O  O   . HOH G 5 .   ? -0.070  -1.327  19.038  1.000 26.407 0 599 HOH A O   1 ? 
HETATM 1362 O  O   . HOH G 5 .   ? -0.501  -20.164 13.768  1.000 36.612 0 600 HOH A O   1 ? 
HETATM 1363 O  O   . HOH G 5 .   ? 13.039  7.447   -2.875  1.000 34.341 0 601 HOH A O   1 ? 
HETATM 1364 O  O   . HOH G 5 .   ? -5.839  -1.593  14.766  1.000 35.822 0 602 HOH A O   1 ? 
HETATM 1365 O  O   . HOH G 5 .   ? -1.890  -6.282  8.657   1.000 25.662 0 603 HOH A O   1 ? 
HETATM 1366 O  O   . HOH G 5 .   ? 0.075   16.432  4.334   1.000 32.162 0 604 HOH A O   1 ? 
HETATM 1367 O  O   . HOH G 5 .   ? 8.584   -22.767 6.627   1.000 56.967 0 605 HOH A O   1 ? 
HETATM 1368 O  O   . HOH G 5 .   ? 10.525  0.657   -10.732 1.000 37.006 0 606 HOH A O   1 ? 
HETATM 1369 O  O   . HOH G 5 .   ? -6.311  -7.040  -0.465  1.000 27.446 0 607 HOH A O   1 ? 
HETATM 1370 O  O   . HOH G 5 .   ? 11.069  -13.233 -11.817 1.000 29.515 0 608 HOH A O   1 ? 
HETATM 1371 O  O   . HOH G 5 .   ? -10.130 -3.412  14.517  1.000 35.929 0 609 HOH A O   1 ? 
HETATM 1372 O  O   . HOH G 5 .   ? 3.037   -16.003 17.101  1.000 37.700 0 610 HOH A O   1 ? 
HETATM 1373 O  O   . HOH G 5 .   ? -7.571  6.697   14.387  1.000 41.146 0 611 HOH A O   1 ? 
HETATM 1374 O  O   . HOH G 5 .   ? -5.380  -7.327  -2.870  1.000 36.480 0 612 HOH A O   1 ? 
HETATM 1375 O  O   . HOH G 5 .   ? 1.050   -22.068 10.739  1.000 27.475 0 613 HOH A O   1 ? 
HETATM 1376 O  O   . HOH G 5 .   ? 10.056  -0.795  7.175   1.000 30.850 0 614 HOH A O   1 ? 
HETATM 1377 O  O   . HOH G 5 .   ? -2.961  -8.144  17.438  1.000 50.181 0 615 HOH A O   1 ? 
HETATM 1378 O  O   . HOH G 5 .   ? 6.890   -19.271 -7.162  1.000 31.871 0 616 HOH A O   1 ? 
HETATM 1379 O  O   . HOH G 5 .   ? -0.405  14.118  8.595   1.000 35.054 0 617 HOH A O   1 ? 
HETATM 1380 O  O   . HOH G 5 .   ? -7.346  -11.827 9.072   1.000 42.183 0 618 HOH A O   1 ? 
HETATM 1381 O  O   . HOH G 5 .   ? -5.745  -3.839  15.493  1.000 32.769 0 619 HOH A O   1 ? 
HETATM 1382 O  O   . HOH G 5 .   ? -9.221  15.866  0.158   1.000 50.921 0 620 HOH A O   1 ? 
HETATM 1383 O  O   . HOH G 5 .   ? -2.798  -12.434 13.125  1.000 28.980 0 621 HOH A O   1 ? 
HETATM 1384 O  O   . HOH G 5 .   ? -17.025 3.687   7.689   1.000 37.796 0 622 HOH A O   1 ? 
HETATM 1385 O  O   . HOH G 5 .   ? -5.929  22.325  -7.792  1.000 46.470 0 623 HOH A O   1 ? 
HETATM 1386 O  O   . HOH G 5 .   ? -8.172  5.334   16.877  1.000 39.510 0 624 HOH A O   1 ? 
HETATM 1387 O  O   . HOH G 5 .   ? -1.390  17.015  1.963   1.000 39.504 0 625 HOH A O   1 ? 
HETATM 1388 O  O   . HOH G 5 .   ? -18.389 -1.841  15.279  1.000 36.144 0 626 HOH A O   1 ? 
HETATM 1389 O  O   . HOH G 5 .   ? -7.570  20.353  -3.874  1.000 48.332 0 627 HOH A O   1 ? 
HETATM 1390 O  O   . HOH G 5 .   ? -13.358 11.223  -2.199  1.000 35.055 0 628 HOH A O   1 ? 
HETATM 1391 O  O   . HOH G 5 .   ? 2.650   -3.583  -15.062 1.000 29.801 0 629 HOH A O   1 ? 
HETATM 1392 O  O   . HOH G 5 .   ? -10.039 17.863  10.060  1.000 37.112 0 630 HOH A O   1 ? 
HETATM 1393 O  O   . HOH G 5 .   ? 11.393  -17.637 -10.799 1.000 38.090 0 631 HOH A O   1 ? 
HETATM 1394 O  O   . HOH G 5 .   ? -5.125  -18.678 11.726  1.000 35.796 0 632 HOH A O   1 ? 
HETATM 1395 O  O   . HOH G 5 .   ? 1.068   -21.254 5.757   1.000 36.858 0 633 HOH A O   1 ? 
HETATM 1396 O  O   . HOH G 5 .   ? 2.412   -5.107  -16.122 1.000 34.330 0 634 HOH A O   1 ? 
HETATM 1397 O  O   . HOH G 5 .   ? 11.343  -17.725 -2.050  1.000 35.901 0 635 HOH A O   1 ? 
HETATM 1398 O  O   . HOH G 5 .   ? -8.092  17.347  -13.270 1.000 35.533 0 636 HOH A O   1 ? 
HETATM 1399 O  O   . HOH G 5 .   ? -5.558  -8.940  -5.334  1.000 30.149 0 637 HOH A O   1 ? 
HETATM 1400 O  O   . HOH G 5 .   ? 1.495   0.817   -14.006 1.000 33.779 0 638 HOH A O   1 ? 
HETATM 1401 O  O   . HOH G 5 .   ? 3.820   -11.957 17.140  1.000 35.708 0 639 HOH A O   1 ? 
HETATM 1402 O  O   . HOH G 5 .   ? 1.301   -19.272 3.622   1.000 38.936 0 640 HOH A O   1 ? 
HETATM 1403 O  O   . HOH G 5 .   ? -0.390  -20.811 17.626  1.000 45.174 0 641 HOH A O   1 ? 
HETATM 1404 O  O   . HOH G 5 .   ? 10.331  1.782   9.601   1.000 33.033 0 642 HOH A O   1 ? 
HETATM 1405 O  O   . HOH G 5 .   ? -7.055  -18.675 3.603   1.000 33.727 0 643 HOH A O   1 ? 
HETATM 1406 O  O   . HOH G 5 .   ? 15.005  -8.174  7.826   1.000 34.070 0 644 HOH A O   1 ? 
# 
